data_2QAP
#
_entry.id   2QAP
#
_cell.length_a   85.777
_cell.length_b   117.309
_cell.length_c   160.195
_cell.angle_alpha   90.00
_cell.angle_beta   90.00
_cell.angle_gamma   90.00
#
_symmetry.space_group_name_H-M   'P 21 21 21'
#
loop_
_entity.id
_entity.type
_entity.pdbx_description
1 polymer 'Fructose-1,6-bisphosphate aldolase'
2 non-polymer 'PHOSPHATE ION'
3 water water
#
_entity_poly.entity_id   1
_entity_poly.type   'polypeptide(L)'
_entity_poly.pdbx_seq_one_letter_code
;MGSSHHHHHHSSGLVPRGSHMSRVTVLQSQLPAYNRLKTPYESELIATVKKLTTPGKGLLAADESIGSCTKRFQPIGLSN
TEEHRRQYRALMLEAEGFEQYISGVILHDETVGQKASNGQTFPEYLTARGVVPGIKTDMGLCPLLEGAEGEQMTEGLDGY
VKRASAYYKKGCRFCKWRNVYKIQNGTVSESAVRFNAETLARYAILSQMSGLVPIVEPEVMIDGKHDIDTCQRVSEHVWR
EVVAALQRHGVIWEGCLLKPNMVVPGAESGKTAAPEQVAHYTVMTLARTMPAMLPGVMFLSGGLSEVQASEYLNAINNSP
LPRPYFLSFSYARALQSSALKAWGGKESGLAAGRRAFLHRARMNSMAQLGKYKRSDDDASSSSLYVKGNTY
;
_entity_poly.pdbx_strand_id   A,B,C,D
#
loop_
_chem_comp.id
_chem_comp.type
_chem_comp.name
_chem_comp.formula
PO4 non-polymer 'PHOSPHATE ION' 'O4 P -3'
#
# COMPACT_ATOMS: atom_id res chain seq x y z
N MET A 21 18.85 -13.09 -16.90
CA MET A 21 18.11 -13.29 -18.17
C MET A 21 17.11 -14.45 -18.03
N SER A 22 17.09 -15.06 -16.85
CA SER A 22 16.19 -16.18 -16.58
C SER A 22 14.76 -15.84 -16.97
N ARG A 23 14.15 -16.70 -17.77
CA ARG A 23 12.78 -16.51 -18.23
C ARG A 23 11.90 -17.62 -17.65
N VAL A 24 10.61 -17.34 -17.52
CA VAL A 24 9.68 -18.33 -16.98
C VAL A 24 8.28 -18.12 -17.53
N THR A 25 7.62 -19.21 -17.89
CA THR A 25 6.27 -19.14 -18.43
C THR A 25 5.27 -19.23 -17.30
N VAL A 26 4.39 -18.24 -17.21
CA VAL A 26 3.38 -18.20 -16.16
C VAL A 26 1.99 -17.98 -16.75
N LEU A 27 0.98 -18.06 -15.89
CA LEU A 27 -0.38 -17.82 -16.34
C LEU A 27 -0.51 -16.31 -16.42
N GLN A 28 -1.24 -15.83 -17.42
CA GLN A 28 -1.45 -14.41 -17.58
C GLN A 28 -2.12 -13.90 -16.31
N SER A 29 -3.01 -14.72 -15.76
CA SER A 29 -3.74 -14.36 -14.55
C SER A 29 -2.86 -14.16 -13.33
N GLN A 30 -1.59 -14.57 -13.42
CA GLN A 30 -0.66 -14.40 -12.30
C GLN A 30 0.10 -13.08 -12.38
N LEU A 31 -0.13 -12.30 -13.44
CA LEU A 31 0.53 -11.03 -13.62
C LEU A 31 -0.36 -9.90 -13.09
N PRO A 32 0.21 -8.96 -12.34
CA PRO A 32 -0.54 -7.83 -11.76
C PRO A 32 -1.39 -7.02 -12.74
N ALA A 33 -0.90 -6.84 -13.96
CA ALA A 33 -1.63 -6.04 -14.95
C ALA A 33 -2.85 -6.75 -15.54
N TYR A 34 -2.99 -8.04 -15.30
CA TYR A 34 -4.12 -8.78 -15.84
C TYR A 34 -5.03 -9.29 -14.73
N ASN A 35 -5.41 -8.38 -13.83
CA ASN A 35 -6.25 -8.74 -12.69
C ASN A 35 -7.73 -8.39 -12.82
N ARG A 36 -8.15 -7.88 -13.97
CA ARG A 36 -9.56 -7.54 -14.14
C ARG A 36 -10.43 -8.79 -13.97
N LEU A 37 -11.51 -8.65 -13.22
CA LEU A 37 -12.40 -9.76 -12.97
C LEU A 37 -12.91 -10.37 -14.27
N LYS A 38 -12.95 -11.69 -14.31
CA LYS A 38 -13.43 -12.40 -15.48
C LYS A 38 -14.71 -13.14 -15.07
N THR A 39 -15.83 -12.73 -15.64
CA THR A 39 -17.11 -13.35 -15.34
C THR A 39 -17.96 -13.45 -16.60
N PRO A 40 -18.65 -14.59 -16.78
CA PRO A 40 -19.50 -14.78 -17.95
C PRO A 40 -20.71 -13.85 -17.93
N TYR A 41 -20.97 -13.28 -16.76
CA TYR A 41 -22.09 -12.37 -16.57
C TYR A 41 -21.78 -10.92 -16.97
N GLU A 42 -20.56 -10.65 -17.44
CA GLU A 42 -20.23 -9.27 -17.77
C GLU A 42 -21.25 -8.53 -18.62
N SER A 43 -21.67 -9.11 -19.74
CA SER A 43 -22.65 -8.47 -20.62
C SER A 43 -23.96 -8.19 -19.91
N GLU A 44 -24.42 -9.15 -19.12
CA GLU A 44 -25.67 -9.00 -18.40
C GLU A 44 -25.56 -7.91 -17.33
N LEU A 45 -24.40 -7.83 -16.68
CA LEU A 45 -24.19 -6.81 -15.64
C LEU A 45 -24.30 -5.43 -16.28
N ILE A 46 -23.67 -5.26 -17.43
CA ILE A 46 -23.69 -3.99 -18.14
C ILE A 46 -25.11 -3.66 -18.60
N ALA A 47 -25.86 -4.68 -19.02
CA ALA A 47 -27.23 -4.48 -19.45
C ALA A 47 -28.07 -4.00 -18.28
N THR A 48 -27.83 -4.59 -17.12
CA THR A 48 -28.56 -4.22 -15.91
C THR A 48 -28.21 -2.79 -15.50
N VAL A 49 -26.94 -2.43 -15.61
CA VAL A 49 -26.53 -1.07 -15.27
C VAL A 49 -27.27 -0.07 -16.16
N LYS A 50 -27.40 -0.42 -17.44
CA LYS A 50 -28.10 0.44 -18.39
C LYS A 50 -29.54 0.69 -17.91
N LYS A 51 -30.19 -0.36 -17.42
CA LYS A 51 -31.57 -0.22 -16.93
C LYS A 51 -31.61 0.66 -15.69
N LEU A 52 -30.64 0.49 -14.79
CA LEU A 52 -30.60 1.25 -13.55
C LEU A 52 -30.14 2.69 -13.71
N THR A 53 -29.71 3.06 -14.91
CA THR A 53 -29.29 4.43 -15.16
C THR A 53 -30.17 5.06 -16.23
N THR A 54 -31.46 4.77 -16.14
CA THR A 54 -32.44 5.28 -17.08
C THR A 54 -32.81 6.71 -16.68
N PRO A 55 -32.69 7.66 -17.62
CA PRO A 55 -33.01 9.06 -17.35
C PRO A 55 -34.37 9.24 -16.65
N GLY A 56 -34.38 10.06 -15.61
CA GLY A 56 -35.61 10.32 -14.88
C GLY A 56 -36.04 9.26 -13.90
N LYS A 57 -35.21 8.23 -13.69
CA LYS A 57 -35.56 7.18 -12.76
C LYS A 57 -34.50 6.96 -11.68
N GLY A 58 -34.94 6.44 -10.54
CA GLY A 58 -34.03 6.16 -9.44
C GLY A 58 -34.39 4.83 -8.81
N LEU A 59 -33.76 4.53 -7.67
CA LEU A 59 -34.03 3.27 -6.99
C LEU A 59 -34.83 3.47 -5.71
N LEU A 60 -35.65 2.49 -5.38
CA LEU A 60 -36.42 2.51 -4.15
C LEU A 60 -35.69 1.56 -3.20
N ALA A 61 -35.33 2.04 -2.03
CA ALA A 61 -34.66 1.19 -1.05
C ALA A 61 -35.71 0.70 -0.06
N ALA A 62 -36.06 -0.57 -0.14
CA ALA A 62 -37.06 -1.16 0.76
C ALA A 62 -36.47 -2.32 1.53
N ASP A 63 -35.18 -2.22 1.85
CA ASP A 63 -34.47 -3.28 2.57
C ASP A 63 -34.35 -3.10 4.08
N GLU A 64 -35.33 -2.44 4.71
CA GLU A 64 -35.30 -2.24 6.16
C GLU A 64 -35.36 -3.59 6.89
N SER A 65 -34.66 -3.69 8.01
CA SER A 65 -34.63 -4.92 8.79
C SER A 65 -35.98 -5.23 9.41
N ILE A 66 -36.20 -6.50 9.73
CA ILE A 66 -37.44 -6.93 10.35
C ILE A 66 -37.63 -6.20 11.68
N GLY A 67 -36.56 -6.13 12.46
CA GLY A 67 -36.63 -5.46 13.74
C GLY A 67 -36.96 -3.98 13.69
N SER A 68 -36.41 -3.28 12.70
CA SER A 68 -36.63 -1.84 12.55
C SER A 68 -38.10 -1.46 12.34
N CYS A 69 -38.90 -2.42 11.86
CA CYS A 69 -40.31 -2.15 11.60
C CYS A 69 -41.14 -2.01 12.87
N THR A 70 -40.61 -2.47 14.00
CA THR A 70 -41.34 -2.38 15.26
C THR A 70 -41.58 -0.90 15.59
N LYS A 71 -40.51 -0.12 15.56
CA LYS A 71 -40.60 1.31 15.85
C LYS A 71 -41.24 2.07 14.69
N ARG A 72 -40.97 1.62 13.47
CA ARG A 72 -41.51 2.27 12.29
C ARG A 72 -43.04 2.18 12.26
N PHE A 73 -43.57 1.02 12.66
CA PHE A 73 -45.01 0.81 12.67
C PHE A 73 -45.67 1.41 13.92
N GLN A 74 -44.87 1.73 14.92
CA GLN A 74 -45.38 2.30 16.17
C GLN A 74 -46.34 3.47 15.97
N PRO A 75 -45.92 4.51 15.22
CA PRO A 75 -46.77 5.67 14.97
C PRO A 75 -48.12 5.37 14.33
N ILE A 76 -48.20 4.30 13.55
CA ILE A 76 -49.45 3.94 12.88
C ILE A 76 -50.19 2.81 13.59
N GLY A 77 -49.69 2.40 14.76
CA GLY A 77 -50.32 1.33 15.50
C GLY A 77 -50.48 0.04 14.72
N LEU A 78 -49.44 -0.33 13.98
CA LEU A 78 -49.46 -1.55 13.18
C LEU A 78 -48.51 -2.56 13.81
N SER A 79 -49.02 -3.75 14.15
CA SER A 79 -48.18 -4.78 14.74
C SER A 79 -47.15 -5.25 13.73
N ASN A 80 -45.92 -5.48 14.19
CA ASN A 80 -44.85 -5.91 13.30
C ASN A 80 -44.84 -7.42 13.09
N THR A 81 -45.58 -7.88 12.08
CA THR A 81 -45.65 -9.29 11.74
C THR A 81 -45.19 -9.46 10.30
N GLU A 82 -44.95 -10.70 9.88
CA GLU A 82 -44.52 -10.96 8.52
C GLU A 82 -45.54 -10.47 7.50
N GLU A 83 -46.80 -10.79 7.72
CA GLU A 83 -47.87 -10.38 6.81
C GLU A 83 -48.00 -8.86 6.73
N HIS A 84 -47.80 -8.18 7.85
CA HIS A 84 -47.89 -6.72 7.85
C HIS A 84 -46.69 -6.10 7.14
N ARG A 85 -45.54 -6.77 7.22
CA ARG A 85 -44.35 -6.28 6.53
C ARG A 85 -44.55 -6.48 5.04
N ARG A 86 -45.27 -7.54 4.67
CA ARG A 86 -45.54 -7.82 3.27
C ARG A 86 -46.45 -6.72 2.73
N GLN A 87 -47.45 -6.35 3.51
CA GLN A 87 -48.40 -5.30 3.11
C GLN A 87 -47.68 -3.96 3.01
N TYR A 88 -46.73 -3.73 3.90
CA TYR A 88 -45.94 -2.50 3.90
C TYR A 88 -45.21 -2.37 2.57
N ARG A 89 -44.57 -3.45 2.13
CA ARG A 89 -43.85 -3.42 0.86
C ARG A 89 -44.82 -3.33 -0.33
N ALA A 90 -45.92 -4.06 -0.26
CA ALA A 90 -46.92 -4.04 -1.33
C ALA A 90 -47.50 -2.65 -1.55
N LEU A 91 -47.54 -1.85 -0.49
CA LEU A 91 -48.04 -0.48 -0.59
C LEU A 91 -47.33 0.24 -1.72
N MET A 92 -46.02 0.04 -1.80
CA MET A 92 -45.22 0.70 -2.82
C MET A 92 -45.02 -0.15 -4.08
N LEU A 93 -44.63 -1.40 -3.88
CA LEU A 93 -44.37 -2.30 -4.99
C LEU A 93 -45.56 -2.53 -5.92
N GLU A 94 -46.76 -2.48 -5.38
CA GLU A 94 -47.95 -2.67 -6.20
C GLU A 94 -48.66 -1.37 -6.55
N ALA A 95 -47.98 -0.25 -6.35
CA ALA A 95 -48.55 1.05 -6.71
C ALA A 95 -48.41 1.21 -8.20
N GLU A 96 -49.51 1.07 -8.93
CA GLU A 96 -49.49 1.19 -10.38
C GLU A 96 -48.87 2.51 -10.83
N GLY A 97 -47.98 2.43 -11.83
CA GLY A 97 -47.35 3.62 -12.36
C GLY A 97 -46.03 4.05 -11.74
N PHE A 98 -45.63 3.43 -10.63
CA PHE A 98 -44.38 3.83 -9.99
C PHE A 98 -43.17 3.50 -10.87
N GLU A 99 -43.35 2.58 -11.82
CA GLU A 99 -42.26 2.18 -12.71
C GLU A 99 -41.83 3.33 -13.63
N GLN A 100 -42.60 4.41 -13.64
CA GLN A 100 -42.25 5.55 -14.48
C GLN A 100 -41.12 6.33 -13.82
N TYR A 101 -40.98 6.16 -12.51
CA TYR A 101 -39.96 6.88 -11.74
C TYR A 101 -38.93 5.99 -11.05
N ILE A 102 -39.21 4.69 -10.98
CA ILE A 102 -38.32 3.73 -10.32
C ILE A 102 -37.82 2.64 -11.28
N SER A 103 -36.50 2.54 -11.42
CA SER A 103 -35.90 1.55 -12.31
C SER A 103 -35.54 0.25 -11.60
N GLY A 104 -35.43 0.30 -10.28
CA GLY A 104 -35.07 -0.88 -9.53
C GLY A 104 -35.44 -0.74 -8.07
N VAL A 105 -35.59 -1.87 -7.39
CA VAL A 105 -35.95 -1.88 -5.98
C VAL A 105 -35.00 -2.75 -5.17
N ILE A 106 -34.43 -2.19 -4.11
CA ILE A 106 -33.54 -2.96 -3.24
C ILE A 106 -34.43 -3.65 -2.23
N LEU A 107 -34.59 -4.96 -2.39
CA LEU A 107 -35.43 -5.74 -1.49
C LEU A 107 -34.70 -6.30 -0.30
N HIS A 108 -35.45 -6.63 0.74
CA HIS A 108 -34.93 -7.24 1.94
C HIS A 108 -35.05 -8.74 1.69
N ASP A 109 -34.16 -9.52 2.32
CA ASP A 109 -34.16 -10.97 2.17
C ASP A 109 -35.56 -11.58 2.27
N GLU A 110 -36.31 -11.19 3.29
CA GLU A 110 -37.66 -11.71 3.49
C GLU A 110 -38.60 -11.46 2.32
N THR A 111 -38.61 -10.22 1.83
CA THR A 111 -39.48 -9.82 0.73
C THR A 111 -39.22 -10.57 -0.57
N VAL A 112 -37.99 -11.02 -0.77
CA VAL A 112 -37.63 -11.75 -1.98
C VAL A 112 -38.49 -12.99 -2.13
N GLY A 113 -38.84 -13.60 -1.00
CA GLY A 113 -39.65 -14.80 -1.02
C GLY A 113 -41.13 -14.57 -0.81
N GLN A 114 -41.55 -13.31 -0.68
CA GLN A 114 -42.96 -13.01 -0.49
C GLN A 114 -43.64 -12.81 -1.83
N LYS A 115 -44.97 -12.89 -1.83
CA LYS A 115 -45.72 -12.75 -3.08
C LYS A 115 -46.60 -11.50 -3.17
N ALA A 116 -46.80 -11.04 -4.40
CA ALA A 116 -47.65 -9.89 -4.64
C ALA A 116 -49.08 -10.43 -4.67
N SER A 117 -50.06 -9.54 -4.80
CA SER A 117 -51.46 -9.93 -4.82
C SER A 117 -51.82 -10.96 -5.91
N ASN A 118 -51.14 -10.89 -7.04
CA ASN A 118 -51.43 -11.81 -8.15
C ASN A 118 -50.75 -13.18 -8.05
N GLY A 119 -50.09 -13.45 -6.91
CA GLY A 119 -49.44 -14.74 -6.75
C GLY A 119 -47.96 -14.83 -7.10
N GLN A 120 -47.48 -13.91 -7.94
CA GLN A 120 -46.06 -13.92 -8.32
C GLN A 120 -45.20 -13.44 -7.15
N THR A 121 -43.97 -13.93 -7.10
CA THR A 121 -43.06 -13.48 -6.04
C THR A 121 -42.75 -12.04 -6.43
N PHE A 122 -42.40 -11.20 -5.46
CA PHE A 122 -42.11 -9.81 -5.78
C PHE A 122 -41.06 -9.65 -6.88
N PRO A 123 -40.02 -10.50 -6.89
CA PRO A 123 -39.03 -10.36 -7.95
C PRO A 123 -39.66 -10.62 -9.34
N GLU A 124 -40.53 -11.62 -9.41
CA GLU A 124 -41.19 -11.95 -10.68
C GLU A 124 -42.13 -10.82 -11.06
N TYR A 125 -42.85 -10.32 -10.06
CA TYR A 125 -43.81 -9.23 -10.26
C TYR A 125 -43.11 -7.99 -10.81
N LEU A 126 -42.03 -7.58 -10.14
CA LEU A 126 -41.28 -6.40 -10.57
C LEU A 126 -40.72 -6.55 -11.97
N THR A 127 -40.10 -7.70 -12.25
CA THR A 127 -39.51 -7.95 -13.55
C THR A 127 -40.54 -7.82 -14.67
N ALA A 128 -41.74 -8.33 -14.44
CA ALA A 128 -42.81 -8.27 -15.44
C ALA A 128 -43.21 -6.83 -15.74
N ARG A 129 -42.96 -5.94 -14.79
CA ARG A 129 -43.31 -4.53 -14.96
C ARG A 129 -42.11 -3.66 -15.33
N GLY A 130 -41.03 -4.30 -15.76
CA GLY A 130 -39.85 -3.56 -16.16
C GLY A 130 -38.99 -2.98 -15.05
N VAL A 131 -39.24 -3.40 -13.82
CA VAL A 131 -38.45 -2.89 -12.68
C VAL A 131 -37.47 -3.99 -12.26
N VAL A 132 -36.19 -3.64 -12.15
CA VAL A 132 -35.18 -4.61 -11.78
C VAL A 132 -35.21 -4.92 -10.29
N PRO A 133 -35.29 -6.20 -9.92
CA PRO A 133 -35.31 -6.55 -8.50
C PRO A 133 -33.89 -6.65 -7.94
N GLY A 134 -33.66 -6.06 -6.78
CA GLY A 134 -32.35 -6.09 -6.15
C GLY A 134 -32.45 -6.66 -4.75
N ILE A 135 -31.31 -6.92 -4.13
CA ILE A 135 -31.31 -7.49 -2.79
C ILE A 135 -30.16 -6.97 -1.93
N LYS A 136 -30.46 -6.63 -0.69
CA LYS A 136 -29.42 -6.17 0.24
C LYS A 136 -28.75 -7.44 0.72
N THR A 137 -27.46 -7.57 0.45
CA THR A 137 -26.72 -8.77 0.80
C THR A 137 -25.80 -8.71 2.01
N ASP A 138 -25.60 -7.54 2.60
CA ASP A 138 -24.72 -7.48 3.76
C ASP A 138 -25.44 -8.06 4.98
N MET A 139 -24.68 -8.45 6.00
CA MET A 139 -25.27 -9.02 7.20
C MET A 139 -25.20 -8.14 8.43
N GLY A 140 -25.23 -6.83 8.22
CA GLY A 140 -25.23 -5.91 9.34
C GLY A 140 -23.90 -5.38 9.84
N LEU A 141 -24.01 -4.36 10.68
CA LEU A 141 -22.86 -3.70 11.28
C LEU A 141 -22.44 -4.38 12.58
N CYS A 142 -21.14 -4.37 12.84
CA CYS A 142 -20.57 -4.96 14.05
C CYS A 142 -19.42 -4.06 14.48
N PRO A 143 -18.99 -4.17 15.75
CA PRO A 143 -17.88 -3.33 16.21
C PRO A 143 -16.63 -3.63 15.38
N LEU A 144 -15.91 -2.59 14.99
CA LEU A 144 -14.69 -2.77 14.17
C LEU A 144 -13.60 -3.49 14.96
N LEU A 145 -13.49 -3.19 16.25
CA LEU A 145 -12.50 -3.78 17.13
C LEU A 145 -11.06 -3.37 16.80
N GLU A 146 -10.95 -2.30 16.02
CA GLU A 146 -9.67 -1.71 15.65
C GLU A 146 -10.07 -0.24 15.55
N GLY A 147 -9.09 0.66 15.54
CA GLY A 147 -9.42 2.06 15.42
C GLY A 147 -10.07 2.69 16.64
N ALA A 148 -10.97 3.64 16.41
CA ALA A 148 -11.64 4.36 17.49
C ALA A 148 -12.96 3.74 17.94
N GLU A 149 -13.30 3.96 19.20
CA GLU A 149 -14.54 3.45 19.76
C GLU A 149 -15.69 4.00 18.95
N GLY A 150 -16.70 3.16 18.70
CA GLY A 150 -17.84 3.61 17.93
C GLY A 150 -17.77 3.28 16.45
N GLU A 151 -16.58 2.93 15.95
CA GLU A 151 -16.46 2.59 14.54
C GLU A 151 -16.94 1.18 14.32
N GLN A 152 -17.52 0.93 13.15
CA GLN A 152 -18.09 -0.37 12.83
C GLN A 152 -17.69 -0.92 11.47
N MET A 153 -17.67 -2.23 11.38
CA MET A 153 -17.36 -2.93 10.14
C MET A 153 -18.67 -3.59 9.72
N THR A 154 -18.69 -4.19 8.54
CA THR A 154 -19.89 -4.85 8.06
C THR A 154 -19.59 -6.31 7.77
N GLU A 155 -20.42 -7.20 8.30
CA GLU A 155 -20.24 -8.64 8.09
C GLU A 155 -21.04 -9.16 6.91
N GLY A 156 -20.69 -10.36 6.45
CA GLY A 156 -21.45 -10.97 5.37
C GLY A 156 -20.72 -11.67 4.23
N LEU A 157 -19.40 -11.55 4.16
CA LEU A 157 -18.65 -12.17 3.07
C LEU A 157 -18.61 -13.70 3.09
N ASP A 158 -18.68 -14.31 4.27
CA ASP A 158 -18.65 -15.77 4.32
C ASP A 158 -19.91 -16.35 3.71
N GLY A 159 -19.73 -17.33 2.82
CA GLY A 159 -20.86 -17.96 2.15
C GLY A 159 -21.61 -17.03 1.22
N TYR A 160 -20.99 -15.90 0.88
CA TYR A 160 -21.62 -14.90 0.02
C TYR A 160 -22.05 -15.38 -1.35
N VAL A 161 -21.15 -16.03 -2.09
CA VAL A 161 -21.48 -16.50 -3.42
C VAL A 161 -22.67 -17.46 -3.40
N LYS A 162 -22.76 -18.29 -2.37
CA LYS A 162 -23.87 -19.23 -2.27
C LYS A 162 -25.17 -18.45 -2.11
N ARG A 163 -25.16 -17.43 -1.25
CA ARG A 163 -26.37 -16.62 -1.03
C ARG A 163 -26.73 -15.83 -2.29
N ALA A 164 -25.72 -15.19 -2.89
CA ALA A 164 -25.95 -14.37 -4.09
C ALA A 164 -26.47 -15.19 -5.27
N SER A 165 -25.96 -16.41 -5.42
CA SER A 165 -26.39 -17.29 -6.51
C SER A 165 -27.86 -17.66 -6.34
N ALA A 166 -28.28 -17.84 -5.09
CA ALA A 166 -29.67 -18.18 -4.80
C ALA A 166 -30.57 -17.00 -5.13
N TYR A 167 -30.14 -15.79 -4.77
CA TYR A 167 -30.94 -14.62 -5.07
C TYR A 167 -31.04 -14.44 -6.58
N TYR A 168 -29.94 -14.72 -7.28
CA TYR A 168 -29.91 -14.59 -8.74
C TYR A 168 -30.97 -15.50 -9.36
N LYS A 169 -31.02 -16.75 -8.91
CA LYS A 169 -31.99 -17.71 -9.43
C LYS A 169 -33.42 -17.30 -9.15
N LYS A 170 -33.61 -16.50 -8.10
CA LYS A 170 -34.95 -16.02 -7.76
C LYS A 170 -35.33 -14.80 -8.59
N GLY A 171 -34.39 -14.28 -9.36
CA GLY A 171 -34.68 -13.13 -10.20
C GLY A 171 -33.92 -11.85 -9.92
N CYS A 172 -33.17 -11.80 -8.82
CA CYS A 172 -32.42 -10.59 -8.52
C CYS A 172 -31.27 -10.39 -9.49
N ARG A 173 -31.03 -9.14 -9.89
CA ARG A 173 -29.98 -8.82 -10.83
C ARG A 173 -29.00 -7.76 -10.31
N PHE A 174 -29.24 -7.27 -9.10
CA PHE A 174 -28.32 -6.32 -8.48
C PHE A 174 -28.43 -6.41 -6.97
N CYS A 175 -27.42 -5.92 -6.26
CA CYS A 175 -27.44 -5.99 -4.81
C CYS A 175 -26.89 -4.73 -4.17
N LYS A 176 -26.95 -4.68 -2.83
CA LYS A 176 -26.49 -3.52 -2.10
C LYS A 176 -25.80 -3.98 -0.82
N TRP A 177 -24.70 -3.32 -0.48
CA TRP A 177 -23.94 -3.63 0.73
C TRP A 177 -23.51 -2.30 1.34
N ARG A 178 -23.84 -2.12 2.61
CA ARG A 178 -23.54 -0.86 3.29
C ARG A 178 -22.49 -0.93 4.40
N ASN A 179 -21.53 -0.01 4.30
CA ASN A 179 -20.49 0.14 5.32
C ASN A 179 -20.65 1.58 5.80
N VAL A 180 -20.38 1.83 7.07
CA VAL A 180 -20.52 3.18 7.59
C VAL A 180 -19.23 3.71 8.18
N TYR A 181 -19.11 5.03 8.19
CA TYR A 181 -17.95 5.71 8.73
C TYR A 181 -18.47 6.81 9.63
N LYS A 182 -18.01 6.83 10.88
CA LYS A 182 -18.47 7.81 11.84
C LYS A 182 -17.44 8.91 12.08
N ILE A 183 -17.81 10.14 11.79
CA ILE A 183 -16.91 11.27 12.00
C ILE A 183 -16.92 11.64 13.48
N GLN A 184 -15.76 11.55 14.10
CA GLN A 184 -15.63 11.90 15.51
C GLN A 184 -14.39 12.78 15.61
N ASN A 185 -14.56 13.95 16.23
CA ASN A 185 -13.45 14.88 16.38
C ASN A 185 -12.92 15.30 15.01
N GLY A 186 -13.83 15.36 14.04
CA GLY A 186 -13.46 15.78 12.69
C GLY A 186 -12.64 14.80 11.88
N THR A 187 -12.61 13.53 12.29
CA THR A 187 -11.83 12.54 11.57
C THR A 187 -12.34 11.11 11.78
N VAL A 188 -11.69 10.16 11.12
CA VAL A 188 -12.02 8.74 11.24
C VAL A 188 -10.68 8.03 11.28
N SER A 189 -10.63 6.84 11.88
CA SER A 189 -9.36 6.12 11.97
C SER A 189 -8.96 5.51 10.63
N GLU A 190 -7.66 5.37 10.42
CA GLU A 190 -7.16 4.78 9.18
C GLU A 190 -7.56 3.30 9.16
N SER A 191 -7.70 2.72 10.35
CA SER A 191 -8.09 1.32 10.45
C SER A 191 -9.44 1.12 9.79
N ALA A 192 -10.37 2.02 10.08
CA ALA A 192 -11.71 1.94 9.50
C ALA A 192 -11.69 2.25 8.01
N VAL A 193 -10.94 3.27 7.62
CA VAL A 193 -10.85 3.66 6.21
C VAL A 193 -10.34 2.50 5.35
N ARG A 194 -9.27 1.84 5.81
CA ARG A 194 -8.70 0.74 5.06
C ARG A 194 -9.58 -0.52 5.09
N PHE A 195 -9.96 -0.93 6.29
CA PHE A 195 -10.76 -2.14 6.43
C PHE A 195 -12.12 -2.12 5.75
N ASN A 196 -12.87 -1.04 5.91
CA ASN A 196 -14.18 -0.99 5.28
C ASN A 196 -14.08 -0.91 3.76
N ALA A 197 -13.02 -0.27 3.28
CA ALA A 197 -12.81 -0.15 1.83
C ALA A 197 -12.53 -1.55 1.27
N GLU A 198 -11.71 -2.33 1.98
CA GLU A 198 -11.39 -3.69 1.54
C GLU A 198 -12.62 -4.57 1.55
N THR A 199 -13.48 -4.39 2.54
CA THR A 199 -14.70 -5.18 2.64
C THR A 199 -15.59 -4.86 1.45
N LEU A 200 -15.79 -3.58 1.17
CA LEU A 200 -16.62 -3.17 0.04
C LEU A 200 -16.08 -3.69 -1.29
N ALA A 201 -14.77 -3.65 -1.45
CA ALA A 201 -14.15 -4.12 -2.69
C ALA A 201 -14.33 -5.61 -2.89
N ARG A 202 -14.15 -6.40 -1.83
CA ARG A 202 -14.30 -7.84 -1.95
C ARG A 202 -15.77 -8.15 -2.25
N TYR A 203 -16.67 -7.42 -1.61
CA TYR A 203 -18.11 -7.59 -1.84
C TYR A 203 -18.46 -7.36 -3.31
N ALA A 204 -17.89 -6.32 -3.91
CA ALA A 204 -18.18 -6.01 -5.31
C ALA A 204 -17.77 -7.15 -6.24
N ILE A 205 -16.58 -7.70 -6.01
CA ILE A 205 -16.07 -8.80 -6.82
C ILE A 205 -16.93 -10.05 -6.70
N LEU A 206 -17.29 -10.43 -5.48
CA LEU A 206 -18.11 -11.62 -5.29
C LEU A 206 -19.49 -11.45 -5.91
N SER A 207 -20.02 -10.24 -5.86
CA SER A 207 -21.32 -9.96 -6.44
C SER A 207 -21.27 -10.11 -7.95
N GLN A 208 -20.27 -9.51 -8.59
CA GLN A 208 -20.16 -9.60 -10.03
C GLN A 208 -19.94 -11.04 -10.50
N MET A 209 -19.21 -11.82 -9.70
CA MET A 209 -18.97 -13.22 -10.05
C MET A 209 -20.28 -14.01 -9.94
N SER A 210 -21.21 -13.49 -9.16
CA SER A 210 -22.50 -14.16 -8.93
C SER A 210 -23.61 -13.65 -9.84
N GLY A 211 -23.30 -12.68 -10.69
CA GLY A 211 -24.30 -12.15 -11.61
C GLY A 211 -25.12 -11.00 -11.07
N LEU A 212 -24.66 -10.38 -9.99
CA LEU A 212 -25.40 -9.25 -9.41
C LEU A 212 -24.59 -7.96 -9.51
N VAL A 213 -25.19 -6.91 -10.10
CA VAL A 213 -24.52 -5.61 -10.18
C VAL A 213 -24.41 -5.11 -8.74
N PRO A 214 -23.18 -4.86 -8.27
CA PRO A 214 -23.06 -4.37 -6.89
C PRO A 214 -23.23 -2.87 -6.70
N ILE A 215 -24.05 -2.50 -5.72
CA ILE A 215 -24.19 -1.09 -5.37
C ILE A 215 -23.29 -1.00 -4.14
N VAL A 216 -22.22 -0.22 -4.26
CA VAL A 216 -21.25 -0.04 -3.18
C VAL A 216 -21.65 1.17 -2.35
N GLU A 217 -21.97 0.94 -1.08
CA GLU A 217 -22.40 2.05 -0.22
C GLU A 217 -21.45 2.37 0.92
N PRO A 218 -20.60 3.39 0.74
CA PRO A 218 -19.64 3.81 1.78
C PRO A 218 -20.27 5.07 2.38
N GLU A 219 -21.11 4.88 3.39
CA GLU A 219 -21.79 6.01 4.00
C GLU A 219 -21.06 6.71 5.12
N VAL A 220 -20.69 7.97 4.88
CA VAL A 220 -20.07 8.77 5.91
C VAL A 220 -21.33 9.33 6.57
N MET A 221 -21.59 8.90 7.79
CA MET A 221 -22.79 9.30 8.49
C MET A 221 -22.92 10.78 8.82
N ILE A 222 -24.15 11.27 8.75
CA ILE A 222 -24.47 12.67 9.00
C ILE A 222 -24.42 13.02 10.48
N ASP A 223 -24.45 12.00 11.32
CA ASP A 223 -24.43 12.19 12.78
C ASP A 223 -23.20 12.96 13.24
N GLY A 224 -23.41 13.96 14.08
CA GLY A 224 -22.29 14.74 14.59
C GLY A 224 -22.49 16.25 14.48
N LYS A 225 -21.55 16.99 15.05
CA LYS A 225 -21.61 18.45 15.04
C LYS A 225 -20.66 19.06 14.02
N HIS A 226 -20.04 18.21 13.20
CA HIS A 226 -19.10 18.67 12.18
C HIS A 226 -19.74 19.55 11.12
N ASP A 227 -18.95 20.42 10.50
CA ASP A 227 -19.45 21.29 9.45
C ASP A 227 -19.33 20.61 8.09
N ILE A 228 -19.79 21.28 7.05
CA ILE A 228 -19.75 20.71 5.70
C ILE A 228 -18.35 20.47 5.17
N ASP A 229 -17.39 21.31 5.56
CA ASP A 229 -16.02 21.13 5.09
C ASP A 229 -15.41 19.85 5.66
N THR A 230 -15.75 19.54 6.91
CA THR A 230 -15.24 18.33 7.55
C THR A 230 -15.83 17.11 6.84
N CYS A 231 -17.12 17.20 6.49
CA CYS A 231 -17.77 16.09 5.79
C CYS A 231 -17.09 15.93 4.43
N GLN A 232 -16.72 17.04 3.81
CA GLN A 232 -16.08 17.02 2.51
C GLN A 232 -14.73 16.29 2.59
N ARG A 233 -13.90 16.71 3.55
CA ARG A 233 -12.58 16.11 3.73
C ARG A 233 -12.62 14.64 4.09
N VAL A 234 -13.52 14.25 4.99
CA VAL A 234 -13.62 12.85 5.38
C VAL A 234 -14.20 12.02 4.24
N SER A 235 -15.23 12.53 3.57
CA SER A 235 -15.84 11.81 2.47
C SER A 235 -14.82 11.58 1.36
N GLU A 236 -14.04 12.61 1.02
CA GLU A 236 -13.05 12.44 -0.03
C GLU A 236 -12.04 11.37 0.35
N HIS A 237 -11.60 11.40 1.60
CA HIS A 237 -10.61 10.44 2.11
C HIS A 237 -11.18 9.02 2.09
N VAL A 238 -12.38 8.86 2.61
CA VAL A 238 -13.01 7.54 2.64
C VAL A 238 -13.26 6.98 1.24
N TRP A 239 -13.87 7.78 0.37
CA TRP A 239 -14.17 7.32 -0.98
C TRP A 239 -12.94 7.02 -1.82
N ARG A 240 -11.88 7.81 -1.63
CA ARG A 240 -10.65 7.60 -2.39
C ARG A 240 -10.08 6.21 -2.09
N GLU A 241 -10.16 5.79 -0.84
CA GLU A 241 -9.64 4.47 -0.47
C GLU A 241 -10.56 3.37 -0.98
N VAL A 242 -11.86 3.64 -1.05
CA VAL A 242 -12.79 2.65 -1.57
C VAL A 242 -12.42 2.40 -3.04
N VAL A 243 -12.17 3.47 -3.77
CA VAL A 243 -11.78 3.35 -5.19
C VAL A 243 -10.45 2.60 -5.30
N ALA A 244 -9.51 2.90 -4.42
CA ALA A 244 -8.21 2.24 -4.46
C ALA A 244 -8.37 0.73 -4.26
N ALA A 245 -9.22 0.33 -3.32
CA ALA A 245 -9.44 -1.09 -3.06
C ALA A 245 -10.14 -1.75 -4.24
N LEU A 246 -11.11 -1.05 -4.83
CA LEU A 246 -11.83 -1.60 -5.97
C LEU A 246 -10.86 -1.85 -7.12
N GLN A 247 -9.90 -0.95 -7.31
CA GLN A 247 -8.91 -1.08 -8.37
C GLN A 247 -8.03 -2.29 -8.08
N ARG A 248 -7.60 -2.45 -6.83
CA ARG A 248 -6.75 -3.58 -6.47
C ARG A 248 -7.46 -4.91 -6.67
N HIS A 249 -8.77 -4.96 -6.40
CA HIS A 249 -9.52 -6.20 -6.56
C HIS A 249 -9.95 -6.46 -8.00
N GLY A 250 -9.71 -5.50 -8.89
CA GLY A 250 -10.04 -5.66 -10.29
C GLY A 250 -11.51 -5.65 -10.67
N VAL A 251 -12.28 -4.78 -10.03
CA VAL A 251 -13.70 -4.68 -10.30
C VAL A 251 -13.98 -4.27 -11.75
N ILE A 252 -15.13 -4.70 -12.27
CA ILE A 252 -15.53 -4.32 -13.61
C ILE A 252 -16.28 -3.00 -13.38
N TRP A 253 -15.61 -1.88 -13.70
CA TRP A 253 -16.21 -0.57 -13.48
C TRP A 253 -17.51 -0.36 -14.24
N GLU A 254 -17.57 -0.91 -15.44
CA GLU A 254 -18.75 -0.79 -16.29
C GLU A 254 -19.97 -1.50 -15.70
N GLY A 255 -19.74 -2.32 -14.66
CA GLY A 255 -20.84 -3.06 -14.07
C GLY A 255 -21.06 -2.86 -12.57
N CYS A 256 -20.85 -1.65 -12.07
CA CYS A 256 -21.09 -1.41 -10.66
C CYS A 256 -21.67 -0.02 -10.46
N LEU A 257 -22.14 0.25 -9.26
CA LEU A 257 -22.73 1.55 -8.94
C LEU A 257 -22.30 1.98 -7.55
N LEU A 258 -22.36 3.28 -7.30
CA LEU A 258 -22.00 3.82 -6.00
C LEU A 258 -23.24 4.39 -5.34
N LYS A 259 -23.35 4.24 -4.02
CA LYS A 259 -24.46 4.78 -3.26
C LYS A 259 -23.79 5.53 -2.10
N PRO A 260 -23.35 6.77 -2.36
CA PRO A 260 -22.69 7.56 -1.33
C PRO A 260 -23.62 8.54 -0.62
N ASN A 261 -23.10 9.12 0.45
CA ASN A 261 -23.82 10.13 1.20
C ASN A 261 -23.56 11.42 0.43
N MET A 262 -24.42 12.42 0.60
CA MET A 262 -24.19 13.70 -0.03
C MET A 262 -23.28 14.40 0.97
N VAL A 263 -22.56 15.42 0.55
CA VAL A 263 -21.68 16.16 1.43
C VAL A 263 -22.49 17.30 2.03
N VAL A 264 -22.79 17.18 3.32
CA VAL A 264 -23.60 18.16 4.04
C VAL A 264 -23.08 18.33 5.47
N PRO A 265 -23.52 19.38 6.17
CA PRO A 265 -23.06 19.58 7.55
C PRO A 265 -23.70 18.54 8.48
N GLY A 266 -23.08 18.30 9.63
CA GLY A 266 -23.59 17.32 10.57
C GLY A 266 -24.99 17.62 11.07
N ALA A 267 -25.73 16.57 11.43
CA ALA A 267 -27.10 16.71 11.92
C ALA A 267 -27.21 17.55 13.19
N GLU A 268 -26.14 17.60 13.97
CA GLU A 268 -26.13 18.36 15.22
C GLU A 268 -25.18 19.55 15.14
N SER A 269 -24.85 19.98 13.92
CA SER A 269 -23.94 21.10 13.73
C SER A 269 -24.66 22.44 13.89
N GLY A 270 -25.98 22.41 13.75
CA GLY A 270 -26.76 23.63 13.88
C GLY A 270 -26.79 24.42 12.59
N LYS A 271 -26.29 23.82 11.51
CA LYS A 271 -26.26 24.48 10.22
C LYS A 271 -27.01 23.67 9.16
N THR A 272 -27.56 24.36 8.18
CA THR A 272 -28.28 23.73 7.09
C THR A 272 -27.76 24.33 5.78
N ALA A 273 -27.16 23.49 4.95
CA ALA A 273 -26.60 23.93 3.68
C ALA A 273 -27.64 24.20 2.61
N ALA A 274 -27.37 25.19 1.76
CA ALA A 274 -28.26 25.53 0.66
C ALA A 274 -28.04 24.50 -0.43
N PRO A 275 -29.07 24.21 -1.24
CA PRO A 275 -28.94 23.23 -2.32
C PRO A 275 -27.69 23.39 -3.17
N GLU A 276 -27.40 24.61 -3.60
CA GLU A 276 -26.23 24.86 -4.44
C GLU A 276 -24.91 24.52 -3.76
N GLN A 277 -24.83 24.73 -2.45
CA GLN A 277 -23.60 24.42 -1.72
C GLN A 277 -23.43 22.91 -1.62
N VAL A 278 -24.52 22.21 -1.34
CA VAL A 278 -24.46 20.75 -1.24
C VAL A 278 -24.06 20.17 -2.59
N ALA A 279 -24.58 20.76 -3.66
CA ALA A 279 -24.26 20.29 -5.01
C ALA A 279 -22.78 20.49 -5.29
N HIS A 280 -22.28 21.67 -4.99
CA HIS A 280 -20.88 21.97 -5.23
C HIS A 280 -19.97 21.01 -4.49
N TYR A 281 -20.15 20.92 -3.17
CA TYR A 281 -19.32 20.05 -2.36
C TYR A 281 -19.43 18.57 -2.73
N THR A 282 -20.64 18.12 -3.03
CA THR A 282 -20.85 16.72 -3.37
C THR A 282 -20.27 16.31 -4.72
N VAL A 283 -20.54 17.10 -5.76
CA VAL A 283 -20.04 16.79 -7.10
C VAL A 283 -18.53 16.94 -7.17
N MET A 284 -17.99 17.92 -6.45
CA MET A 284 -16.54 18.14 -6.41
C MET A 284 -15.86 16.93 -5.77
N THR A 285 -16.41 16.46 -4.66
CA THR A 285 -15.82 15.32 -3.96
C THR A 285 -15.88 14.05 -4.80
N LEU A 286 -17.01 13.81 -5.46
CA LEU A 286 -17.12 12.64 -6.32
C LEU A 286 -16.11 12.72 -7.47
N ALA A 287 -16.02 13.90 -8.09
CA ALA A 287 -15.11 14.07 -9.21
C ALA A 287 -13.63 13.89 -8.86
N ARG A 288 -13.25 14.24 -7.63
CA ARG A 288 -11.86 14.10 -7.22
C ARG A 288 -11.47 12.67 -6.86
N THR A 289 -12.47 11.80 -6.71
CA THR A 289 -12.21 10.42 -6.31
C THR A 289 -12.65 9.30 -7.25
N MET A 290 -13.80 9.48 -7.90
CA MET A 290 -14.35 8.47 -8.78
C MET A 290 -13.85 8.43 -10.21
N PRO A 291 -13.51 7.24 -10.71
CA PRO A 291 -13.04 7.13 -12.10
C PRO A 291 -14.19 7.57 -13.00
N ALA A 292 -13.86 8.22 -14.10
CA ALA A 292 -14.89 8.69 -15.03
C ALA A 292 -15.75 7.55 -15.60
N MET A 293 -15.27 6.32 -15.53
CA MET A 293 -16.02 5.18 -16.05
C MET A 293 -17.20 4.76 -15.17
N LEU A 294 -17.15 5.12 -13.88
CA LEU A 294 -18.24 4.77 -12.96
C LEU A 294 -19.56 5.15 -13.63
N PRO A 295 -20.41 4.16 -13.93
CA PRO A 295 -21.68 4.47 -14.58
C PRO A 295 -22.74 5.26 -13.82
N GLY A 296 -22.83 5.05 -12.52
CA GLY A 296 -23.85 5.77 -11.78
C GLY A 296 -23.62 5.94 -10.29
N VAL A 297 -24.27 6.96 -9.75
CA VAL A 297 -24.20 7.31 -8.33
C VAL A 297 -25.64 7.52 -7.85
N MET A 298 -26.10 6.63 -6.99
CA MET A 298 -27.46 6.70 -6.45
C MET A 298 -27.37 7.09 -4.99
N PHE A 299 -27.59 8.37 -4.71
CA PHE A 299 -27.48 8.91 -3.35
C PHE A 299 -28.43 8.36 -2.30
N LEU A 300 -27.91 8.23 -1.08
CA LEU A 300 -28.72 7.79 0.05
C LEU A 300 -29.22 9.11 0.63
N SER A 301 -30.33 9.04 1.37
N SER A 301 -30.32 9.07 1.38
CA SER A 301 -30.93 10.23 1.97
CA SER A 301 -30.87 10.30 1.95
C SER A 301 -30.49 10.45 3.42
C SER A 301 -31.02 10.24 3.46
N GLY A 302 -29.97 9.41 4.04
N GLY A 302 -30.26 9.38 4.11
CA GLY A 302 -29.51 9.53 5.42
CA GLY A 302 -30.33 9.25 5.55
C GLY A 302 -30.51 10.21 6.34
C GLY A 302 -30.10 10.56 6.29
N GLY A 303 -30.11 11.38 6.86
N GLY A 303 -31.10 10.99 7.06
CA GLY A 303 -30.98 12.12 7.75
CA GLY A 303 -30.97 12.22 7.82
C GLY A 303 -31.52 13.40 7.14
C GLY A 303 -31.54 13.44 7.14
N LEU A 304 -31.89 13.32 5.86
CA LEU A 304 -32.44 14.46 5.14
C LEU A 304 -33.96 14.36 5.12
N SER A 305 -34.64 15.49 5.02
CA SER A 305 -36.10 15.49 4.97
C SER A 305 -36.48 15.06 3.54
N GLU A 306 -37.74 14.70 3.33
CA GLU A 306 -38.17 14.27 2.01
C GLU A 306 -37.93 15.36 0.97
N VAL A 307 -38.21 16.61 1.33
CA VAL A 307 -38.02 17.72 0.41
C VAL A 307 -36.54 18.02 0.16
N GLN A 308 -35.73 17.98 1.21
CA GLN A 308 -34.30 18.25 1.09
C GLN A 308 -33.67 17.27 0.10
N ALA A 309 -34.05 16.01 0.21
CA ALA A 309 -33.52 14.97 -0.66
C ALA A 309 -33.79 15.30 -2.12
N SER A 310 -34.95 15.90 -2.39
CA SER A 310 -35.29 16.26 -3.76
C SER A 310 -34.55 17.54 -4.16
N GLU A 311 -34.57 18.53 -3.28
CA GLU A 311 -33.89 19.80 -3.56
C GLU A 311 -32.41 19.61 -3.85
N TYR A 312 -31.76 18.80 -3.02
CA TYR A 312 -30.34 18.55 -3.16
C TYR A 312 -29.99 17.81 -4.44
N LEU A 313 -30.75 16.77 -4.76
CA LEU A 313 -30.50 16.00 -5.97
C LEU A 313 -30.70 16.88 -7.20
N ASN A 314 -31.68 17.78 -7.13
CA ASN A 314 -31.94 18.66 -8.25
C ASN A 314 -30.75 19.59 -8.49
N ALA A 315 -30.23 20.17 -7.40
CA ALA A 315 -29.08 21.07 -7.49
C ALA A 315 -27.87 20.33 -8.04
N ILE A 316 -27.70 19.09 -7.60
CA ILE A 316 -26.58 18.27 -8.05
C ILE A 316 -26.67 18.07 -9.56
N ASN A 317 -27.87 17.88 -10.07
CA ASN A 317 -28.05 17.69 -11.50
C ASN A 317 -28.12 19.00 -12.28
N ASN A 318 -27.67 20.08 -11.64
CA ASN A 318 -27.61 21.40 -12.27
C ASN A 318 -26.21 21.96 -12.04
N SER A 319 -25.32 21.12 -11.52
CA SER A 319 -23.95 21.52 -11.24
C SER A 319 -23.10 21.65 -12.51
N PRO A 320 -22.28 22.71 -12.60
CA PRO A 320 -21.42 22.92 -13.76
C PRO A 320 -20.12 22.13 -13.69
N LEU A 321 -19.90 21.46 -12.55
CA LEU A 321 -18.69 20.65 -12.35
C LEU A 321 -18.75 19.34 -13.13
N PRO A 322 -17.60 18.70 -13.33
CA PRO A 322 -17.53 17.43 -14.07
C PRO A 322 -18.38 16.36 -13.40
N ARG A 323 -19.15 15.63 -14.20
CA ARG A 323 -20.00 14.57 -13.70
C ARG A 323 -20.49 13.68 -14.83
N PRO A 324 -19.61 12.80 -15.35
CA PRO A 324 -19.95 11.90 -16.44
C PRO A 324 -20.97 10.82 -16.05
N TYR A 325 -20.97 10.47 -14.77
CA TYR A 325 -21.87 9.44 -14.27
C TYR A 325 -23.30 9.91 -14.06
N PHE A 326 -24.21 8.94 -14.11
CA PHE A 326 -25.64 9.16 -13.90
C PHE A 326 -25.79 9.48 -12.42
N LEU A 327 -26.39 10.62 -12.10
CA LEU A 327 -26.58 11.01 -10.70
C LEU A 327 -28.07 10.91 -10.38
N SER A 328 -28.42 9.99 -9.50
CA SER A 328 -29.82 9.79 -9.15
C SER A 328 -29.99 9.47 -7.67
N PHE A 329 -31.10 8.81 -7.35
CA PHE A 329 -31.42 8.49 -5.96
C PHE A 329 -31.63 7.01 -5.67
N SER A 330 -31.42 6.66 -4.40
CA SER A 330 -31.65 5.31 -3.88
C SER A 330 -32.14 5.64 -2.49
N TYR A 331 -33.38 6.12 -2.42
CA TYR A 331 -33.98 6.54 -1.16
C TYR A 331 -34.90 5.56 -0.46
N ALA A 332 -34.88 5.61 0.86
CA ALA A 332 -35.72 4.77 1.69
C ALA A 332 -36.79 5.68 2.32
N ARG A 333 -36.47 6.25 3.47
CA ARG A 333 -37.41 7.12 4.16
C ARG A 333 -37.84 8.33 3.31
N ALA A 334 -36.91 8.88 2.53
CA ALA A 334 -37.21 10.04 1.70
C ALA A 334 -38.28 9.77 0.65
N LEU A 335 -38.62 8.51 0.45
CA LEU A 335 -39.67 8.14 -0.51
C LEU A 335 -40.87 7.52 0.20
N GLN A 336 -40.65 7.00 1.40
CA GLN A 336 -41.70 6.31 2.15
C GLN A 336 -42.39 7.02 3.31
N SER A 337 -41.69 7.95 3.96
CA SER A 337 -42.22 8.66 5.11
C SER A 337 -43.69 9.09 5.01
N SER A 338 -43.98 10.02 4.09
CA SER A 338 -45.35 10.51 3.93
C SER A 338 -46.32 9.40 3.54
N ALA A 339 -45.88 8.51 2.65
CA ALA A 339 -46.71 7.40 2.20
C ALA A 339 -47.14 6.50 3.36
N LEU A 340 -46.21 6.20 4.26
CA LEU A 340 -46.49 5.35 5.41
C LEU A 340 -47.58 5.95 6.29
N LYS A 341 -47.44 7.25 6.59
CA LYS A 341 -48.42 7.93 7.43
C LYS A 341 -49.81 7.98 6.81
N ALA A 342 -49.87 8.23 5.51
CA ALA A 342 -51.15 8.29 4.80
C ALA A 342 -51.78 6.90 4.75
N TRP A 343 -50.95 5.89 4.55
CA TRP A 343 -51.42 4.51 4.48
C TRP A 343 -52.02 4.11 5.83
N GLY A 344 -51.30 4.44 6.90
CA GLY A 344 -51.78 4.11 8.24
C GLY A 344 -51.89 2.63 8.53
N GLY A 345 -51.34 1.81 7.64
CA GLY A 345 -51.38 0.36 7.83
C GLY A 345 -52.74 -0.26 7.56
N LYS A 346 -53.62 0.47 6.90
CA LYS A 346 -54.95 -0.03 6.59
C LYS A 346 -55.15 -0.12 5.08
N GLU A 347 -55.92 -1.10 4.63
CA GLU A 347 -56.18 -1.27 3.21
C GLU A 347 -56.88 -0.04 2.64
N SER A 348 -57.74 0.58 3.44
CA SER A 348 -58.48 1.76 3.00
C SER A 348 -57.53 2.93 2.79
N GLY A 349 -56.32 2.83 3.35
CA GLY A 349 -55.35 3.90 3.22
C GLY A 349 -54.38 3.73 2.07
N LEU A 350 -54.56 2.67 1.27
CA LEU A 350 -53.66 2.41 0.15
C LEU A 350 -53.70 3.50 -0.92
N ALA A 351 -54.88 4.01 -1.21
CA ALA A 351 -55.02 5.06 -2.21
C ALA A 351 -54.22 6.31 -1.82
N ALA A 352 -54.44 6.79 -0.60
CA ALA A 352 -53.75 7.96 -0.11
C ALA A 352 -52.25 7.71 0.01
N GLY A 353 -51.90 6.54 0.55
CA GLY A 353 -50.49 6.19 0.72
C GLY A 353 -49.76 6.20 -0.61
N ARG A 354 -50.37 5.59 -1.62
CA ARG A 354 -49.76 5.53 -2.94
C ARG A 354 -49.69 6.88 -3.64
N ARG A 355 -50.66 7.75 -3.40
CA ARG A 355 -50.60 9.08 -4.02
C ARG A 355 -49.39 9.81 -3.47
N ALA A 356 -49.13 9.63 -2.17
CA ALA A 356 -48.00 10.28 -1.52
C ALA A 356 -46.68 9.70 -2.02
N PHE A 357 -46.65 8.38 -2.21
CA PHE A 357 -45.46 7.71 -2.69
C PHE A 357 -45.15 8.14 -4.13
N LEU A 358 -46.17 8.11 -4.99
CA LEU A 358 -45.97 8.51 -6.37
C LEU A 358 -45.55 9.98 -6.50
N HIS A 359 -46.04 10.82 -5.59
CA HIS A 359 -45.68 12.23 -5.62
C HIS A 359 -44.17 12.39 -5.35
N ARG A 360 -43.70 11.76 -4.28
CA ARG A 360 -42.29 11.82 -3.93
C ARG A 360 -41.43 11.20 -5.01
N ALA A 361 -41.93 10.13 -5.62
CA ALA A 361 -41.19 9.45 -6.69
C ALA A 361 -41.09 10.39 -7.89
N ARG A 362 -42.17 11.10 -8.18
CA ARG A 362 -42.19 12.03 -9.30
C ARG A 362 -41.26 13.21 -9.04
N MET A 363 -41.28 13.73 -7.81
CA MET A 363 -40.43 14.85 -7.45
C MET A 363 -38.96 14.50 -7.65
N ASN A 364 -38.58 13.29 -7.26
CA ASN A 364 -37.19 12.87 -7.40
C ASN A 364 -36.84 12.50 -8.84
N SER A 365 -37.84 12.11 -9.62
CA SER A 365 -37.63 11.80 -11.02
C SER A 365 -37.25 13.11 -11.70
N MET A 366 -38.00 14.16 -11.38
CA MET A 366 -37.74 15.47 -11.95
C MET A 366 -36.41 16.01 -11.44
N ALA A 367 -36.07 15.70 -10.19
CA ALA A 367 -34.82 16.15 -9.61
C ALA A 367 -33.65 15.51 -10.35
N GLN A 368 -33.83 14.25 -10.76
CA GLN A 368 -32.79 13.54 -11.50
C GLN A 368 -32.54 14.27 -12.81
N LEU A 369 -33.61 14.74 -13.44
CA LEU A 369 -33.52 15.47 -14.70
C LEU A 369 -33.13 16.94 -14.50
N GLY A 370 -33.05 17.36 -13.23
CA GLY A 370 -32.68 18.73 -12.94
C GLY A 370 -33.82 19.70 -13.19
N LYS A 371 -35.04 19.18 -13.20
CA LYS A 371 -36.23 20.01 -13.45
C LYS A 371 -37.19 20.05 -12.26
N TYR A 372 -36.68 19.79 -11.06
CA TYR A 372 -37.50 19.81 -9.87
C TYR A 372 -37.93 21.24 -9.56
N LYS A 373 -39.19 21.40 -9.17
CA LYS A 373 -39.74 22.71 -8.81
C LYS A 373 -40.28 22.67 -7.39
N ARG A 374 -39.66 23.44 -6.50
CA ARG A 374 -40.06 23.48 -5.11
C ARG A 374 -41.55 23.79 -4.93
N SER A 375 -42.08 24.64 -5.81
CA SER A 375 -43.49 25.02 -5.73
C SER A 375 -44.44 23.84 -5.94
N ASP A 376 -44.00 22.86 -6.73
CA ASP A 376 -44.82 21.68 -6.99
C ASP A 376 -44.83 20.75 -5.77
N ASP A 377 -44.00 21.09 -4.80
CA ASP A 377 -43.89 20.28 -3.58
C ASP A 377 -44.60 20.98 -2.42
N ASP A 378 -44.98 20.21 -1.42
CA ASP A 378 -45.66 20.75 -0.25
C ASP A 378 -44.76 21.70 0.53
N MET B 21 -6.02 -19.27 -18.19
CA MET B 21 -6.12 -19.83 -19.57
C MET B 21 -4.86 -19.54 -20.39
N SER B 22 -4.71 -18.30 -20.83
CA SER B 22 -3.55 -17.91 -21.61
C SER B 22 -2.26 -17.94 -20.79
N ARG B 23 -1.19 -18.38 -21.44
CA ARG B 23 0.13 -18.48 -20.81
C ARG B 23 1.03 -17.42 -21.43
N VAL B 24 2.06 -17.02 -20.70
CA VAL B 24 2.99 -16.01 -21.20
C VAL B 24 4.37 -16.20 -20.60
N THR B 25 5.41 -16.04 -21.42
CA THR B 25 6.77 -16.18 -20.95
C THR B 25 7.33 -14.81 -20.61
N VAL B 26 7.72 -14.64 -19.35
CA VAL B 26 8.25 -13.36 -18.90
C VAL B 26 9.62 -13.52 -18.25
N LEU B 27 10.25 -12.39 -17.93
CA LEU B 27 11.53 -12.41 -17.26
C LEU B 27 11.24 -12.66 -15.80
N GLN B 28 12.05 -13.48 -15.16
CA GLN B 28 11.86 -13.77 -13.75
C GLN B 28 11.89 -12.47 -12.97
N SER B 29 12.72 -11.53 -13.43
CA SER B 29 12.86 -10.23 -12.77
C SER B 29 11.60 -9.37 -12.84
N GLN B 30 10.63 -9.80 -13.64
CA GLN B 30 9.37 -9.06 -13.77
C GLN B 30 8.31 -9.58 -12.80
N LEU B 31 8.64 -10.65 -12.07
CA LEU B 31 7.71 -11.23 -11.10
C LEU B 31 7.99 -10.64 -9.72
N PRO B 32 6.93 -10.26 -8.99
CA PRO B 32 7.04 -9.68 -7.65
C PRO B 32 7.89 -10.44 -6.63
N ALA B 33 7.82 -11.77 -6.66
CA ALA B 33 8.57 -12.59 -5.71
C ALA B 33 10.07 -12.66 -5.98
N TYR B 34 10.50 -12.14 -7.11
CA TYR B 34 11.93 -12.18 -7.43
C TYR B 34 12.49 -10.76 -7.55
N ASN B 35 12.20 -9.94 -6.54
CA ASN B 35 12.65 -8.55 -6.53
C ASN B 35 13.93 -8.27 -5.74
N ARG B 36 14.55 -9.31 -5.16
CA ARG B 36 15.76 -9.09 -4.39
C ARG B 36 16.86 -8.48 -5.25
N LEU B 37 17.51 -7.46 -4.71
CA LEU B 37 18.58 -6.77 -5.44
C LEU B 37 19.67 -7.74 -5.89
N LYS B 38 20.11 -7.58 -7.12
CA LYS B 38 21.17 -8.41 -7.67
C LYS B 38 22.39 -7.53 -7.95
N THR B 39 23.46 -7.77 -7.20
CA THR B 39 24.69 -7.00 -7.35
C THR B 39 25.92 -7.87 -7.18
N PRO B 40 26.94 -7.68 -8.05
CA PRO B 40 28.18 -8.46 -7.98
C PRO B 40 28.94 -8.20 -6.67
N TYR B 41 28.55 -7.12 -5.98
CA TYR B 41 29.19 -6.75 -4.72
C TYR B 41 28.62 -7.45 -3.49
N GLU B 42 27.65 -8.33 -3.66
CA GLU B 42 27.05 -8.98 -2.48
C GLU B 42 28.04 -9.55 -1.49
N SER B 43 28.92 -10.44 -1.94
CA SER B 43 29.91 -11.06 -1.05
C SER B 43 30.74 -10.01 -0.30
N GLU B 44 31.18 -8.99 -1.01
CA GLU B 44 31.98 -7.94 -0.40
C GLU B 44 31.18 -7.12 0.61
N LEU B 45 29.90 -6.88 0.30
CA LEU B 45 29.06 -6.12 1.22
C LEU B 45 28.92 -6.91 2.53
N ILE B 46 28.74 -8.22 2.40
CA ILE B 46 28.59 -9.08 3.57
C ILE B 46 29.90 -9.14 4.36
N ALA B 47 31.02 -9.17 3.65
CA ALA B 47 32.32 -9.21 4.31
C ALA B 47 32.55 -7.90 5.07
N THR B 48 32.08 -6.80 4.49
CA THR B 48 32.22 -5.49 5.13
C THR B 48 31.36 -5.42 6.38
N VAL B 49 30.17 -6.01 6.31
CA VAL B 49 29.27 -6.01 7.46
C VAL B 49 29.91 -6.76 8.62
N LYS B 50 30.56 -7.88 8.30
CA LYS B 50 31.21 -8.69 9.32
C LYS B 50 32.24 -7.85 10.07
N LYS B 51 32.99 -7.05 9.33
CA LYS B 51 34.01 -6.19 9.94
C LYS B 51 33.36 -5.11 10.82
N LEU B 52 32.23 -4.58 10.35
CA LEU B 52 31.53 -3.54 11.10
C LEU B 52 30.74 -4.04 12.31
N THR B 53 30.62 -5.36 12.44
CA THR B 53 29.90 -5.92 13.57
C THR B 53 30.85 -6.78 14.41
N THR B 54 32.05 -6.24 14.61
CA THR B 54 33.08 -6.92 15.39
C THR B 54 32.83 -6.67 16.87
N PRO B 55 32.77 -7.74 17.68
CA PRO B 55 32.53 -7.59 19.11
C PRO B 55 33.49 -6.57 19.73
N GLY B 56 32.95 -5.67 20.55
CA GLY B 56 33.77 -4.68 21.21
C GLY B 56 34.13 -3.47 20.38
N LYS B 57 33.58 -3.37 19.17
CA LYS B 57 33.89 -2.23 18.31
C LYS B 57 32.65 -1.53 17.79
N GLY B 58 32.79 -0.23 17.53
CA GLY B 58 31.69 0.57 17.02
C GLY B 58 32.20 1.48 15.92
N LEU B 59 31.37 2.44 15.52
CA LEU B 59 31.76 3.36 14.46
C LEU B 59 31.97 4.77 14.96
N LEU B 60 32.93 5.46 14.33
CA LEU B 60 33.20 6.84 14.67
C LEU B 60 32.53 7.67 13.57
N ALA B 61 31.64 8.58 13.96
CA ALA B 61 30.96 9.43 12.99
C ALA B 61 31.66 10.77 12.93
N ALA B 62 32.45 10.99 11.88
CA ALA B 62 33.17 12.23 11.70
C ALA B 62 32.70 12.93 10.44
N ASP B 63 31.39 12.83 10.18
CA ASP B 63 30.80 13.43 8.98
C ASP B 63 30.17 14.80 9.21
N GLU B 64 30.60 15.51 10.25
CA GLU B 64 30.05 16.84 10.52
C GLU B 64 30.32 17.75 9.33
N SER B 65 29.39 18.66 9.06
CA SER B 65 29.53 19.58 7.92
C SER B 65 30.59 20.65 8.15
N ILE B 66 31.05 21.24 7.06
CA ILE B 66 32.06 22.30 7.11
C ILE B 66 31.54 23.50 7.89
N GLY B 67 30.29 23.86 7.66
CA GLY B 67 29.70 24.99 8.35
C GLY B 67 29.59 24.80 9.85
N SER B 68 29.20 23.59 10.27
CA SER B 68 29.04 23.30 11.69
C SER B 68 30.34 23.48 12.46
N CYS B 69 31.47 23.25 11.81
CA CYS B 69 32.77 23.39 12.45
C CYS B 69 33.03 24.82 12.91
N THR B 70 32.38 25.78 12.27
CA THR B 70 32.56 27.18 12.64
C THR B 70 32.19 27.37 14.11
N LYS B 71 31.02 26.89 14.48
CA LYS B 71 30.55 27.00 15.86
C LYS B 71 31.23 25.97 16.76
N ARG B 72 31.61 24.84 16.17
CA ARG B 72 32.26 23.78 16.94
C ARG B 72 33.68 24.18 17.33
N PHE B 73 34.37 24.86 16.43
CA PHE B 73 35.74 25.31 16.67
C PHE B 73 35.80 26.60 17.46
N GLN B 74 34.64 27.24 17.62
CA GLN B 74 34.56 28.51 18.34
C GLN B 74 35.06 28.40 19.78
N PRO B 75 34.57 27.42 20.55
CA PRO B 75 34.98 27.23 21.95
C PRO B 75 36.50 27.09 22.15
N ILE B 76 37.17 26.38 21.24
CA ILE B 76 38.60 26.18 21.35
C ILE B 76 39.40 27.30 20.69
N GLY B 77 38.69 28.28 20.15
CA GLY B 77 39.35 29.39 19.49
C GLY B 77 40.13 29.00 18.25
N LEU B 78 39.59 28.06 17.48
CA LEU B 78 40.24 27.59 16.27
C LEU B 78 39.44 28.05 15.05
N SER B 79 40.08 28.79 14.16
CA SER B 79 39.40 29.28 12.95
C SER B 79 38.98 28.09 12.08
N ASN B 80 37.82 28.22 11.45
CA ASN B 80 37.32 27.14 10.60
C ASN B 80 37.88 27.23 9.17
N THR B 81 38.94 26.46 8.93
CA THR B 81 39.58 26.42 7.62
C THR B 81 39.77 24.96 7.22
N GLU B 82 39.95 24.72 5.92
CA GLU B 82 40.14 23.37 5.42
C GLU B 82 41.26 22.65 6.17
N GLU B 83 42.38 23.34 6.37
CA GLU B 83 43.52 22.77 7.06
C GLU B 83 43.22 22.41 8.51
N HIS B 84 42.54 23.31 9.21
CA HIS B 84 42.19 23.06 10.61
C HIS B 84 41.20 21.91 10.76
N ARG B 85 40.31 21.77 9.78
CA ARG B 85 39.34 20.69 9.81
C ARG B 85 40.07 19.37 9.59
N ARG B 86 41.17 19.43 8.83
CA ARG B 86 41.94 18.23 8.55
C ARG B 86 42.62 17.78 9.83
N GLN B 87 43.13 18.75 10.60
CA GLN B 87 43.81 18.47 11.86
C GLN B 87 42.80 17.94 12.88
N TYR B 88 41.58 18.44 12.81
CA TYR B 88 40.51 18.02 13.71
C TYR B 88 40.21 16.53 13.53
N ARG B 89 40.15 16.10 12.28
CA ARG B 89 39.88 14.69 11.98
C ARG B 89 41.13 13.85 12.25
N ALA B 90 42.30 14.40 11.96
CA ALA B 90 43.55 13.69 12.18
C ALA B 90 43.76 13.42 13.67
N LEU B 91 43.15 14.26 14.50
CA LEU B 91 43.25 14.11 15.95
C LEU B 91 42.85 12.70 16.39
N MET B 92 41.73 12.22 15.89
CA MET B 92 41.27 10.88 16.25
C MET B 92 41.63 9.81 15.24
N LEU B 93 41.65 10.17 13.96
CA LEU B 93 41.99 9.22 12.91
C LEU B 93 43.42 8.73 13.00
N GLU B 94 44.32 9.59 13.43
CA GLU B 94 45.74 9.23 13.55
C GLU B 94 46.11 8.88 14.99
N ALA B 95 45.10 8.73 15.84
CA ALA B 95 45.32 8.39 17.24
C ALA B 95 45.75 6.93 17.30
N GLU B 96 46.87 6.69 17.97
CA GLU B 96 47.40 5.34 18.10
C GLU B 96 46.49 4.39 18.87
N GLY B 97 46.29 3.20 18.31
CA GLY B 97 45.46 2.19 18.95
C GLY B 97 43.95 2.36 19.00
N PHE B 98 43.41 3.32 18.25
CA PHE B 98 41.96 3.51 18.28
C PHE B 98 41.24 2.40 17.53
N GLU B 99 41.96 1.72 16.64
CA GLU B 99 41.37 0.64 15.86
C GLU B 99 40.95 -0.55 16.73
N GLN B 100 41.32 -0.51 18.00
CA GLN B 100 40.96 -1.58 18.92
C GLN B 100 39.50 -1.43 19.32
N TYR B 101 38.96 -0.23 19.18
CA TYR B 101 37.59 0.05 19.55
C TYR B 101 36.72 0.55 18.40
N ILE B 102 37.36 0.89 17.28
CA ILE B 102 36.64 1.40 16.11
C ILE B 102 36.84 0.51 14.89
N SER B 103 35.73 0.02 14.35
CA SER B 103 35.77 -0.85 13.18
C SER B 103 35.61 -0.08 11.88
N GLY B 104 35.01 1.11 11.97
CA GLY B 104 34.80 1.93 10.79
C GLY B 104 34.58 3.38 11.13
N VAL B 105 34.81 4.25 10.16
CA VAL B 105 34.63 5.68 10.35
C VAL B 105 33.81 6.30 9.23
N ILE B 106 32.78 7.05 9.59
CA ILE B 106 31.92 7.71 8.61
C ILE B 106 32.59 9.05 8.30
N LEU B 107 33.22 9.13 7.12
CA LEU B 107 33.91 10.34 6.71
C LEU B 107 33.02 11.35 6.00
N HIS B 108 33.46 12.61 6.04
CA HIS B 108 32.75 13.69 5.36
C HIS B 108 33.35 13.71 3.97
N ASP B 109 32.61 14.22 2.99
CA ASP B 109 33.08 14.28 1.61
C ASP B 109 34.49 14.87 1.51
N GLU B 110 34.70 16.01 2.15
CA GLU B 110 35.98 16.70 2.13
C GLU B 110 37.13 15.83 2.65
N THR B 111 36.90 15.17 3.77
CA THR B 111 37.92 14.33 4.40
C THR B 111 38.38 13.15 3.55
N VAL B 112 37.51 12.65 2.70
CA VAL B 112 37.86 11.53 1.83
C VAL B 112 39.03 11.91 0.93
N GLY B 113 39.11 13.19 0.59
CA GLY B 113 40.18 13.66 -0.27
C GLY B 113 41.39 14.23 0.45
N GLN B 114 41.35 14.25 1.78
CA GLN B 114 42.47 14.78 2.55
C GLN B 114 43.47 13.68 2.86
N LYS B 115 44.70 14.07 3.18
CA LYS B 115 45.76 13.12 3.47
C LYS B 115 46.18 13.06 4.93
N ALA B 116 46.61 11.87 5.36
CA ALA B 116 47.09 11.69 6.72
C ALA B 116 48.51 12.24 6.71
N SER B 117 49.19 12.18 7.85
CA SER B 117 50.55 12.68 7.94
C SER B 117 51.53 12.00 6.98
N ASN B 118 51.38 10.69 6.81
CA ASN B 118 52.29 9.95 5.92
C ASN B 118 52.01 10.12 4.43
N GLY B 119 51.08 11.00 4.09
CA GLY B 119 50.78 11.24 2.69
C GLY B 119 49.62 10.44 2.11
N GLN B 120 49.22 9.38 2.79
CA GLN B 120 48.11 8.56 2.31
C GLN B 120 46.78 9.27 2.56
N THR B 121 45.85 9.11 1.62
CA THR B 121 44.53 9.72 1.81
C THR B 121 43.98 8.99 3.02
N PHE B 122 43.08 9.61 3.77
CA PHE B 122 42.53 8.95 4.95
C PHE B 122 41.92 7.58 4.66
N PRO B 123 41.24 7.43 3.50
CA PRO B 123 40.67 6.10 3.26
C PRO B 123 41.76 5.02 3.17
N GLU B 124 42.87 5.36 2.50
CA GLU B 124 43.99 4.42 2.35
C GLU B 124 44.64 4.18 3.70
N TYR B 125 44.71 5.24 4.50
CA TYR B 125 45.29 5.21 5.82
C TYR B 125 44.52 4.28 6.75
N LEU B 126 43.20 4.46 6.77
CA LEU B 126 42.33 3.65 7.62
C LEU B 126 42.36 2.19 7.17
N THR B 127 42.28 1.97 5.87
CA THR B 127 42.30 0.62 5.33
C THR B 127 43.57 -0.11 5.75
N ALA B 128 44.68 0.64 5.80
CA ALA B 128 45.96 0.07 6.18
C ALA B 128 45.95 -0.33 7.65
N ARG B 129 45.20 0.41 8.46
CA ARG B 129 45.08 0.13 9.89
C ARG B 129 43.95 -0.84 10.19
N GLY B 130 43.34 -1.39 9.14
CA GLY B 130 42.25 -2.34 9.33
C GLY B 130 40.89 -1.71 9.57
N VAL B 131 40.84 -0.39 9.64
CA VAL B 131 39.58 0.32 9.87
C VAL B 131 38.87 0.56 8.53
N VAL B 132 37.58 0.25 8.47
CA VAL B 132 36.83 0.44 7.23
C VAL B 132 36.44 1.90 7.03
N PRO B 133 36.78 2.47 5.85
CA PRO B 133 36.43 3.87 5.62
C PRO B 133 35.02 3.97 5.02
N GLY B 134 34.22 4.87 5.56
CA GLY B 134 32.86 5.07 5.06
C GLY B 134 32.64 6.52 4.68
N ILE B 135 31.48 6.82 4.11
CA ILE B 135 31.18 8.18 3.68
C ILE B 135 29.72 8.54 3.82
N LYS B 136 29.45 9.76 4.31
CA LYS B 136 28.07 10.24 4.43
C LYS B 136 27.71 10.68 3.02
N THR B 137 26.70 10.05 2.44
CA THR B 137 26.30 10.35 1.07
C THR B 137 25.06 11.19 0.83
N ASP B 138 24.28 11.49 1.87
CA ASP B 138 23.09 12.30 1.65
C ASP B 138 23.49 13.75 1.41
N MET B 139 22.59 14.53 0.82
CA MET B 139 22.90 15.92 0.52
C MET B 139 22.14 16.93 1.36
N GLY B 140 21.81 16.56 2.59
CA GLY B 140 21.13 17.48 3.48
C GLY B 140 19.61 17.45 3.56
N LEU B 141 19.10 18.10 4.60
CA LEU B 141 17.68 18.19 4.87
C LEU B 141 17.07 19.40 4.18
N CYS B 142 15.81 19.25 3.79
CA CYS B 142 15.07 20.31 3.11
C CYS B 142 13.62 20.23 3.57
N PRO B 143 12.82 21.29 3.34
CA PRO B 143 11.42 21.26 3.74
C PRO B 143 10.70 20.14 3.02
N LEU B 144 9.84 19.41 3.73
CA LEU B 144 9.11 18.31 3.12
C LEU B 144 8.11 18.81 2.08
N LEU B 145 7.49 19.95 2.38
CA LEU B 145 6.49 20.58 1.52
C LEU B 145 5.18 19.78 1.40
N GLU B 146 5.03 18.82 2.30
CA GLU B 146 3.84 17.99 2.41
C GLU B 146 3.76 17.78 3.92
N GLY B 147 2.63 17.32 4.41
CA GLY B 147 2.53 17.09 5.84
C GLY B 147 2.49 18.35 6.70
N ALA B 148 3.03 18.24 7.90
CA ALA B 148 3.03 19.36 8.85
C ALA B 148 4.25 20.28 8.79
N GLU B 149 4.02 21.51 9.19
CA GLU B 149 5.07 22.53 9.22
C GLU B 149 6.23 22.01 10.06
N GLY B 150 7.45 22.22 9.57
CA GLY B 150 8.62 21.77 10.31
C GLY B 150 9.17 20.42 9.90
N GLU B 151 8.40 19.64 9.15
CA GLU B 151 8.87 18.31 8.74
C GLU B 151 9.84 18.44 7.57
N GLN B 152 10.83 17.55 7.52
CA GLN B 152 11.86 17.61 6.50
C GLN B 152 12.15 16.33 5.73
N MET B 153 12.57 16.51 4.48
CA MET B 153 12.95 15.42 3.60
C MET B 153 14.47 15.48 3.53
N THR B 154 15.07 14.51 2.85
CA THR B 154 16.52 14.48 2.67
C THR B 154 16.80 14.31 1.18
N GLU B 155 17.65 15.17 0.61
CA GLU B 155 17.98 15.10 -0.80
C GLU B 155 19.27 14.34 -1.06
N GLY B 156 19.52 14.01 -2.33
CA GLY B 156 20.74 13.31 -2.68
C GLY B 156 20.68 12.12 -3.61
N LEU B 157 19.48 11.66 -3.95
CA LEU B 157 19.38 10.51 -4.83
C LEU B 157 19.79 10.76 -6.28
N ASP B 158 19.63 12.00 -6.75
CA ASP B 158 20.02 12.30 -8.13
C ASP B 158 21.54 12.18 -8.27
N GLY B 159 21.96 11.41 -9.28
CA GLY B 159 23.38 11.21 -9.53
C GLY B 159 24.09 10.44 -8.43
N TYR B 160 23.31 9.72 -7.62
CA TYR B 160 23.87 8.97 -6.51
C TYR B 160 24.92 7.93 -6.88
N VAL B 161 24.59 7.06 -7.82
CA VAL B 161 25.50 6.00 -8.22
C VAL B 161 26.86 6.53 -8.68
N LYS B 162 26.83 7.65 -9.41
CA LYS B 162 28.07 8.26 -9.90
C LYS B 162 28.94 8.68 -8.72
N ARG B 163 28.33 9.33 -7.72
CA ARG B 163 29.07 9.77 -6.54
C ARG B 163 29.54 8.58 -5.72
N ALA B 164 28.66 7.62 -5.50
CA ALA B 164 29.00 6.44 -4.70
C ALA B 164 30.14 5.66 -5.33
N SER B 165 30.09 5.48 -6.64
CA SER B 165 31.13 4.75 -7.36
C SER B 165 32.48 5.44 -7.21
N ALA B 166 32.49 6.76 -7.19
CA ALA B 166 33.72 7.51 -7.02
C ALA B 166 34.28 7.26 -5.63
N TYR B 167 33.40 7.29 -4.63
CA TYR B 167 33.82 7.04 -3.25
C TYR B 167 34.37 5.63 -3.11
N TYR B 168 33.75 4.67 -3.81
CA TYR B 168 34.20 3.29 -3.74
C TYR B 168 35.62 3.17 -4.32
N LYS B 169 35.87 3.86 -5.43
CA LYS B 169 37.19 3.83 -6.05
C LYS B 169 38.25 4.42 -5.13
N LYS B 170 37.84 5.30 -4.23
CA LYS B 170 38.78 5.92 -3.30
C LYS B 170 39.01 5.08 -2.05
N GLY B 171 38.27 3.98 -1.92
CA GLY B 171 38.46 3.11 -0.76
C GLY B 171 37.27 2.93 0.17
N CYS B 172 36.27 3.78 0.07
CA CYS B 172 35.10 3.68 0.93
C CYS B 172 34.35 2.37 0.67
N ARG B 173 33.87 1.73 1.72
CA ARG B 173 33.16 0.47 1.57
C ARG B 173 31.77 0.45 2.22
N PHE B 174 31.41 1.54 2.88
CA PHE B 174 30.08 1.66 3.48
C PHE B 174 29.70 3.13 3.49
N CYS B 175 28.42 3.43 3.69
CA CYS B 175 27.98 4.81 3.68
C CYS B 175 26.86 5.08 4.67
N LYS B 176 26.49 6.35 4.81
CA LYS B 176 25.43 6.75 5.73
C LYS B 176 24.53 7.81 5.12
N TRP B 177 23.23 7.69 5.39
CA TRP B 177 22.23 8.63 4.88
C TRP B 177 21.25 8.86 6.01
N ARG B 178 21.02 10.14 6.34
CA ARG B 178 20.14 10.49 7.43
C ARG B 178 18.83 11.20 7.08
N ASN B 179 17.73 10.67 7.61
CA ASN B 179 16.41 11.25 7.45
C ASN B 179 15.95 11.54 8.87
N VAL B 180 15.21 12.63 9.07
CA VAL B 180 14.74 12.97 10.40
C VAL B 180 13.23 13.03 10.48
N TYR B 181 12.71 12.81 11.68
CA TYR B 181 11.28 12.85 11.94
C TYR B 181 11.09 13.68 13.20
N LYS B 182 10.23 14.68 13.11
CA LYS B 182 9.99 15.57 14.24
C LYS B 182 8.67 15.32 14.95
N ILE B 183 8.75 14.90 16.21
CA ILE B 183 7.54 14.65 16.98
C ILE B 183 6.92 15.99 17.37
N GLN B 184 5.71 16.22 16.90
CA GLN B 184 4.99 17.45 17.19
C GLN B 184 3.59 17.05 17.65
N ASN B 185 3.20 17.51 18.83
CA ASN B 185 1.90 17.19 19.38
C ASN B 185 1.75 15.68 19.54
N GLY B 186 2.86 15.01 19.83
CA GLY B 186 2.85 13.57 20.04
C GLY B 186 2.72 12.72 18.80
N THR B 187 2.90 13.29 17.62
CA THR B 187 2.77 12.51 16.39
C THR B 187 3.59 13.10 15.22
N VAL B 188 3.49 12.43 14.08
CA VAL B 188 4.18 12.83 12.84
C VAL B 188 3.18 12.58 11.71
N SER B 189 3.29 13.34 10.62
CA SER B 189 2.37 13.17 9.50
C SER B 189 2.67 11.88 8.73
N GLU B 190 1.62 11.27 8.19
CA GLU B 190 1.81 10.05 7.41
C GLU B 190 2.63 10.40 6.17
N SER B 191 2.51 11.65 5.72
CA SER B 191 3.26 12.10 4.55
C SER B 191 4.75 11.94 4.79
N ALA B 192 5.21 12.31 5.98
CA ALA B 192 6.62 12.22 6.33
C ALA B 192 7.02 10.76 6.53
N VAL B 193 6.18 10.01 7.24
CA VAL B 193 6.46 8.61 7.50
C VAL B 193 6.65 7.82 6.20
N ARG B 194 5.78 8.04 5.23
CA ARG B 194 5.87 7.33 3.96
C ARG B 194 7.01 7.80 3.05
N PHE B 195 7.10 9.11 2.85
CA PHE B 195 8.12 9.67 1.96
C PHE B 195 9.54 9.43 2.43
N ASN B 196 9.82 9.66 3.71
CA ASN B 196 11.17 9.47 4.20
C ASN B 196 11.57 7.99 4.19
N ALA B 197 10.60 7.11 4.37
CA ALA B 197 10.89 5.67 4.34
C ALA B 197 11.28 5.28 2.91
N GLU B 198 10.55 5.80 1.94
CA GLU B 198 10.83 5.52 0.54
C GLU B 198 12.21 6.05 0.16
N THR B 199 12.54 7.24 0.67
CA THR B 199 13.85 7.84 0.39
C THR B 199 14.97 6.94 0.92
N LEU B 200 14.84 6.51 2.18
CA LEU B 200 15.85 5.65 2.80
C LEU B 200 15.98 4.32 2.06
N ALA B 201 14.85 3.75 1.62
CA ALA B 201 14.87 2.48 0.92
C ALA B 201 15.57 2.57 -0.44
N ARG B 202 15.29 3.64 -1.18
CA ARG B 202 15.92 3.82 -2.49
C ARG B 202 17.42 4.04 -2.28
N TYR B 203 17.78 4.82 -1.26
CA TYR B 203 19.18 5.08 -0.94
C TYR B 203 19.93 3.77 -0.67
N ALA B 204 19.31 2.88 0.09
CA ALA B 204 19.93 1.60 0.42
C ALA B 204 20.23 0.77 -0.81
N ILE B 205 19.27 0.69 -1.73
CA ILE B 205 19.45 -0.05 -2.97
C ILE B 205 20.56 0.53 -3.83
N LEU B 206 20.57 1.84 -4.00
CA LEU B 206 21.58 2.48 -4.82
C LEU B 206 22.98 2.29 -4.24
N SER B 207 23.05 2.27 -2.91
CA SER B 207 24.34 2.07 -2.23
C SER B 207 24.87 0.66 -2.47
N GLN B 208 24.01 -0.34 -2.28
CA GLN B 208 24.42 -1.72 -2.49
C GLN B 208 24.84 -1.96 -3.94
N MET B 209 24.15 -1.33 -4.88
CA MET B 209 24.49 -1.48 -6.28
C MET B 209 25.85 -0.85 -6.58
N SER B 210 26.26 0.10 -5.74
CA SER B 210 27.53 0.80 -5.92
C SER B 210 28.66 0.18 -5.12
N GLY B 211 28.36 -0.84 -4.32
CA GLY B 211 29.40 -1.50 -3.53
C GLY B 211 29.62 -0.93 -2.15
N LEU B 212 28.66 -0.14 -1.67
CA LEU B 212 28.77 0.45 -0.34
C LEU B 212 27.68 -0.10 0.58
N VAL B 213 28.07 -0.59 1.75
CA VAL B 213 27.10 -1.10 2.72
C VAL B 213 26.32 0.10 3.25
N PRO B 214 25.00 0.12 3.05
CA PRO B 214 24.24 1.27 3.54
C PRO B 214 23.85 1.28 5.01
N ILE B 215 24.13 2.40 5.67
CA ILE B 215 23.74 2.58 7.06
C ILE B 215 22.50 3.47 6.94
N VAL B 216 21.35 2.88 7.25
CA VAL B 216 20.07 3.56 7.18
C VAL B 216 19.76 4.26 8.48
N GLU B 217 19.68 5.59 8.44
CA GLU B 217 19.41 6.36 9.64
C GLU B 217 18.07 7.10 9.68
N PRO B 218 17.05 6.50 10.32
CA PRO B 218 15.73 7.12 10.44
C PRO B 218 15.68 7.69 11.86
N GLU B 219 16.14 8.93 12.01
CA GLU B 219 16.19 9.56 13.31
C GLU B 219 14.94 10.28 13.80
N VAL B 220 14.33 9.73 14.85
CA VAL B 220 13.20 10.37 15.46
C VAL B 220 13.91 11.28 16.44
N MET B 221 13.90 12.58 16.15
CA MET B 221 14.61 13.56 16.98
C MET B 221 14.17 13.65 18.43
N ILE B 222 15.15 13.85 19.30
CA ILE B 222 14.90 13.94 20.74
C ILE B 222 14.24 15.27 21.12
N ASP B 223 14.30 16.24 20.22
CA ASP B 223 13.72 17.56 20.44
C ASP B 223 12.21 17.50 20.75
N GLY B 224 11.78 18.24 21.75
CA GLY B 224 10.38 18.26 22.12
C GLY B 224 10.10 18.00 23.59
N LYS B 225 8.84 18.13 23.99
CA LYS B 225 8.43 17.92 25.37
C LYS B 225 7.76 16.57 25.58
N HIS B 226 7.78 15.72 24.54
CA HIS B 226 7.17 14.40 24.60
C HIS B 226 7.85 13.47 25.60
N ASP B 227 7.10 12.51 26.13
CA ASP B 227 7.65 11.54 27.07
C ASP B 227 8.19 10.32 26.35
N ILE B 228 8.69 9.33 27.10
CA ILE B 228 9.26 8.14 26.49
C ILE B 228 8.25 7.26 25.78
N ASP B 229 7.02 7.22 26.27
CA ASP B 229 5.99 6.40 25.64
C ASP B 229 5.67 6.93 24.25
N THR B 230 5.70 8.25 24.10
CA THR B 230 5.43 8.88 22.83
C THR B 230 6.56 8.61 21.85
N CYS B 231 7.80 8.65 22.32
CA CYS B 231 8.94 8.38 21.46
C CYS B 231 8.85 6.92 21.02
N GLN B 232 8.39 6.06 21.91
CA GLN B 232 8.26 4.64 21.61
C GLN B 232 7.24 4.44 20.49
N ARG B 233 6.05 5.01 20.66
CA ARG B 233 4.99 4.87 19.67
C ARG B 233 5.39 5.42 18.30
N VAL B 234 6.01 6.59 18.28
CA VAL B 234 6.43 7.21 17.02
C VAL B 234 7.58 6.44 16.39
N SER B 235 8.55 6.05 17.20
CA SER B 235 9.70 5.30 16.67
C SER B 235 9.25 3.99 16.05
N GLU B 236 8.33 3.28 16.72
CA GLU B 236 7.86 2.02 16.18
C GLU B 236 7.15 2.24 14.85
N HIS B 237 6.31 3.28 14.80
CA HIS B 237 5.56 3.61 13.59
C HIS B 237 6.48 4.00 12.44
N VAL B 238 7.45 4.87 12.74
CA VAL B 238 8.40 5.31 11.73
C VAL B 238 9.27 4.17 11.22
N TRP B 239 9.86 3.40 12.14
CA TRP B 239 10.73 2.30 11.76
C TRP B 239 10.03 1.17 11.02
N ARG B 240 8.78 0.88 11.39
CA ARG B 240 8.04 -0.18 10.73
C ARG B 240 7.86 0.15 9.25
N GLU B 241 7.64 1.42 8.94
CA GLU B 241 7.46 1.83 7.55
C GLU B 241 8.80 1.82 6.81
N VAL B 242 9.88 2.13 7.50
CA VAL B 242 11.20 2.08 6.87
C VAL B 242 11.44 0.63 6.45
N VAL B 243 11.14 -0.31 7.34
CA VAL B 243 11.33 -1.73 7.03
C VAL B 243 10.43 -2.14 5.85
N ALA B 244 9.20 -1.64 5.86
CA ALA B 244 8.25 -1.94 4.79
C ALA B 244 8.79 -1.50 3.44
N ALA B 245 9.37 -0.30 3.39
CA ALA B 245 9.92 0.24 2.16
C ALA B 245 11.14 -0.55 1.72
N LEU B 246 11.96 -0.95 2.69
CA LEU B 246 13.16 -1.72 2.38
C LEU B 246 12.76 -3.05 1.76
N GLN B 247 11.70 -3.67 2.28
CA GLN B 247 11.23 -4.94 1.75
C GLN B 247 10.73 -4.76 0.31
N ARG B 248 9.98 -3.69 0.06
CA ARG B 248 9.46 -3.42 -1.27
C ARG B 248 10.56 -3.17 -2.30
N HIS B 249 11.65 -2.56 -1.88
CA HIS B 249 12.77 -2.26 -2.78
C HIS B 249 13.75 -3.43 -2.93
N GLY B 250 13.50 -4.51 -2.20
CA GLY B 250 14.34 -5.70 -2.29
C GLY B 250 15.77 -5.57 -1.78
N VAL B 251 15.94 -4.89 -0.65
CA VAL B 251 17.26 -4.71 -0.07
C VAL B 251 17.89 -6.04 0.33
N ILE B 252 19.22 -6.06 0.34
CA ILE B 252 19.94 -7.26 0.78
C ILE B 252 20.11 -7.02 2.28
N TRP B 253 19.28 -7.69 3.08
CA TRP B 253 19.35 -7.50 4.53
C TRP B 253 20.72 -7.84 5.10
N GLU B 254 21.32 -8.90 4.56
CA GLU B 254 22.63 -9.35 5.02
C GLU B 254 23.71 -8.30 4.80
N GLY B 255 23.42 -7.31 3.94
CA GLY B 255 24.41 -6.28 3.66
C GLY B 255 24.04 -4.84 3.97
N CYS B 256 23.31 -4.63 5.05
CA CYS B 256 22.93 -3.27 5.44
C CYS B 256 22.93 -3.15 6.96
N LEU B 257 22.93 -1.91 7.45
CA LEU B 257 22.93 -1.66 8.89
C LEU B 257 21.94 -0.54 9.22
N LEU B 258 21.51 -0.49 10.48
CA LEU B 258 20.58 0.52 10.93
C LEU B 258 21.22 1.45 11.95
N LYS B 259 20.93 2.74 11.84
CA LYS B 259 21.45 3.74 12.78
C LYS B 259 20.24 4.50 13.30
N PRO B 260 19.57 3.94 14.31
CA PRO B 260 18.38 4.59 14.87
C PRO B 260 18.66 5.35 16.15
N ASN B 261 17.67 6.12 16.57
CA ASN B 261 17.74 6.86 17.81
C ASN B 261 17.38 5.86 18.89
N MET B 262 17.78 6.15 20.12
CA MET B 262 17.43 5.28 21.24
C MET B 262 16.05 5.82 21.63
N VAL B 263 15.25 5.00 22.30
CA VAL B 263 13.92 5.45 22.71
C VAL B 263 14.05 6.09 24.09
N VAL B 264 13.97 7.42 24.12
CA VAL B 264 14.11 8.18 25.35
C VAL B 264 13.12 9.33 25.37
N PRO B 265 12.90 9.95 26.53
CA PRO B 265 11.96 11.08 26.63
C PRO B 265 12.55 12.31 25.93
N GLY B 266 11.68 13.26 25.58
CA GLY B 266 12.12 14.46 24.88
C GLY B 266 13.11 15.31 25.66
N ALA B 267 13.95 16.03 24.94
CA ALA B 267 14.96 16.90 25.54
C ALA B 267 14.37 17.99 26.43
N GLU B 268 13.16 18.44 26.10
CA GLU B 268 12.49 19.49 26.87
C GLU B 268 11.31 18.96 27.69
N SER B 269 11.28 17.65 27.92
CA SER B 269 10.21 17.04 28.69
C SER B 269 10.42 17.22 30.19
N GLY B 270 11.65 17.51 30.58
CA GLY B 270 11.96 17.69 31.98
C GLY B 270 12.12 16.35 32.68
N LYS B 271 12.32 15.30 31.90
CA LYS B 271 12.47 13.96 32.45
C LYS B 271 13.68 13.25 31.87
N THR B 272 14.29 12.42 32.70
CA THR B 272 15.46 11.64 32.31
C THR B 272 15.19 10.18 32.63
N ALA B 273 15.33 9.32 31.62
CA ALA B 273 15.08 7.90 31.81
C ALA B 273 16.30 7.15 32.32
N ALA B 274 16.05 6.10 33.09
CA ALA B 274 17.12 5.28 33.64
C ALA B 274 17.61 4.35 32.54
N PRO B 275 18.89 3.95 32.61
CA PRO B 275 19.46 3.06 31.60
C PRO B 275 18.63 1.81 31.31
N GLU B 276 18.12 1.18 32.37
CA GLU B 276 17.32 -0.03 32.22
C GLU B 276 16.02 0.23 31.46
N GLN B 277 15.41 1.39 31.70
CA GLN B 277 14.15 1.74 31.03
C GLN B 277 14.40 2.02 29.55
N VAL B 278 15.45 2.78 29.25
CA VAL B 278 15.79 3.09 27.87
C VAL B 278 16.07 1.79 27.12
N ALA B 279 16.74 0.86 27.79
CA ALA B 279 17.07 -0.43 27.19
C ALA B 279 15.79 -1.20 26.84
N HIS B 280 14.86 -1.24 27.78
CA HIS B 280 13.60 -1.95 27.56
C HIS B 280 12.85 -1.37 26.37
N TYR B 281 12.58 -0.06 26.43
CA TYR B 281 11.85 0.59 25.34
C TYR B 281 12.55 0.49 23.99
N THR B 282 13.86 0.71 23.98
CA THR B 282 14.61 0.65 22.74
C THR B 282 14.68 -0.74 22.11
N VAL B 283 15.06 -1.73 22.90
CA VAL B 283 15.16 -3.10 22.40
C VAL B 283 13.80 -3.65 22.01
N MET B 284 12.78 -3.30 22.78
CA MET B 284 11.43 -3.76 22.50
C MET B 284 10.95 -3.19 21.16
N THR B 285 11.22 -1.92 20.91
CA THR B 285 10.80 -1.27 19.68
C THR B 285 11.52 -1.82 18.46
N LEU B 286 12.81 -2.08 18.59
CA LEU B 286 13.57 -2.67 17.49
C LEU B 286 13.02 -4.06 17.16
N ALA B 287 12.80 -4.87 18.20
CA ALA B 287 12.30 -6.23 18.00
C ALA B 287 10.94 -6.29 17.31
N ARG B 288 10.07 -5.33 17.61
CA ARG B 288 8.74 -5.31 17.02
C ARG B 288 8.71 -4.84 15.57
N THR B 289 9.82 -4.26 15.10
CA THR B 289 9.86 -3.75 13.73
C THR B 289 10.92 -4.33 12.80
N MET B 290 12.10 -4.60 13.35
CA MET B 290 13.22 -5.11 12.56
C MET B 290 13.25 -6.60 12.31
N PRO B 291 13.51 -7.01 11.06
CA PRO B 291 13.56 -8.44 10.76
C PRO B 291 14.79 -9.01 11.47
N ALA B 292 14.72 -10.26 11.89
CA ALA B 292 15.82 -10.90 12.61
C ALA B 292 17.14 -10.97 11.83
N MET B 293 17.06 -10.84 10.51
CA MET B 293 18.27 -10.90 9.68
C MET B 293 19.12 -9.64 9.75
N LEU B 294 18.53 -8.52 10.15
CA LEU B 294 19.28 -7.26 10.25
C LEU B 294 20.56 -7.56 11.01
N PRO B 295 21.73 -7.44 10.35
CA PRO B 295 23.01 -7.72 11.01
C PRO B 295 23.43 -6.81 12.16
N GLY B 296 23.09 -5.53 12.07
CA GLY B 296 23.52 -4.65 13.15
C GLY B 296 22.78 -3.34 13.28
N VAL B 297 22.79 -2.83 14.51
CA VAL B 297 22.16 -1.57 14.86
C VAL B 297 23.22 -0.71 15.55
N MET B 298 23.57 0.40 14.91
CA MET B 298 24.59 1.30 15.44
C MET B 298 23.92 2.59 15.86
N PHE B 299 23.65 2.72 17.16
CA PHE B 299 22.95 3.87 17.71
C PHE B 299 23.62 5.24 17.56
N LEU B 300 22.78 6.24 17.34
CA LEU B 300 23.22 7.63 17.24
C LEU B 300 23.06 8.14 18.67
N SER B 301 23.81 9.15 19.06
CA SER B 301 23.73 9.66 20.42
C SER B 301 23.26 11.10 20.53
N GLY B 302 22.76 11.66 19.45
CA GLY B 302 22.30 13.04 19.47
C GLY B 302 21.45 13.38 20.68
N GLY B 303 21.81 14.46 21.37
CA GLY B 303 21.05 14.88 22.54
C GLY B 303 21.47 14.27 23.86
N LEU B 304 22.28 13.23 23.81
CA LEU B 304 22.73 12.56 25.03
C LEU B 304 24.14 13.00 25.40
N SER B 305 24.48 12.86 26.69
CA SER B 305 25.80 13.23 27.17
C SER B 305 26.73 12.07 26.88
N GLU B 306 28.04 12.32 26.93
CA GLU B 306 29.02 11.28 26.66
C GLU B 306 28.82 10.07 27.58
N VAL B 307 28.42 10.35 28.82
CA VAL B 307 28.20 9.28 29.80
C VAL B 307 26.93 8.48 29.50
N GLN B 308 25.82 9.17 29.26
CA GLN B 308 24.55 8.51 28.96
C GLN B 308 24.69 7.55 27.78
N ALA B 309 25.34 8.01 26.71
CA ALA B 309 25.54 7.20 25.53
C ALA B 309 26.17 5.86 25.89
N SER B 310 27.07 5.87 26.85
CA SER B 310 27.74 4.65 27.27
C SER B 310 26.84 3.82 28.19
N GLU B 311 26.20 4.49 29.14
CA GLU B 311 25.31 3.82 30.08
C GLU B 311 24.14 3.17 29.36
N TYR B 312 23.54 3.91 28.44
CA TYR B 312 22.40 3.41 27.68
C TYR B 312 22.78 2.23 26.79
N LEU B 313 23.88 2.35 26.08
CA LEU B 313 24.32 1.26 25.21
C LEU B 313 24.64 0.03 26.05
N ASN B 314 25.21 0.26 27.23
CA ASN B 314 25.55 -0.84 28.13
C ASN B 314 24.29 -1.58 28.59
N ALA B 315 23.28 -0.84 29.02
CA ALA B 315 22.03 -1.43 29.48
C ALA B 315 21.38 -2.21 28.33
N ILE B 316 21.40 -1.62 27.14
CA ILE B 316 20.82 -2.26 25.97
C ILE B 316 21.46 -3.62 25.75
N ASN B 317 22.78 -3.70 25.95
CA ASN B 317 23.49 -4.96 25.77
C ASN B 317 23.42 -5.88 26.98
N ASN B 318 22.45 -5.61 27.85
CA ASN B 318 22.21 -6.43 29.03
C ASN B 318 20.70 -6.69 29.11
N SER B 319 19.99 -6.38 28.03
CA SER B 319 18.55 -6.58 27.99
C SER B 319 18.20 -8.06 27.77
N PRO B 320 17.16 -8.54 28.47
CA PRO B 320 16.74 -9.94 28.32
C PRO B 320 15.81 -10.11 27.11
N LEU B 321 15.43 -9.00 26.50
CA LEU B 321 14.53 -9.03 25.34
C LEU B 321 15.26 -9.55 24.10
N PRO B 322 14.50 -9.99 23.08
CA PRO B 322 15.10 -10.51 21.85
C PRO B 322 15.95 -9.45 21.12
N ARG B 323 17.14 -9.86 20.69
CA ARG B 323 18.05 -8.95 19.99
C ARG B 323 19.15 -9.74 19.27
N PRO B 324 18.82 -10.35 18.13
CA PRO B 324 19.78 -11.15 17.36
C PRO B 324 20.86 -10.32 16.69
N TYR B 325 20.55 -9.05 16.43
CA TYR B 325 21.48 -8.16 15.76
C TYR B 325 22.53 -7.55 16.70
N PHE B 326 23.68 -7.26 16.11
CA PHE B 326 24.80 -6.66 16.81
C PHE B 326 24.33 -5.26 17.23
N LEU B 327 24.42 -4.95 18.52
CA LEU B 327 23.99 -3.65 19.01
C LEU B 327 25.21 -2.86 19.45
N SER B 328 25.56 -1.82 18.71
CA SER B 328 26.73 -1.02 19.05
C SER B 328 26.50 0.47 18.92
N PHE B 329 27.58 1.20 18.71
CA PHE B 329 27.51 2.65 18.60
C PHE B 329 28.04 3.22 17.30
N SER B 330 27.57 4.42 16.98
CA SER B 330 27.99 5.17 15.81
C SER B 330 27.84 6.60 16.32
N TYR B 331 28.74 6.95 17.24
CA TYR B 331 28.71 8.26 17.87
C TYR B 331 29.64 9.31 17.27
N ALA B 332 29.24 10.56 17.41
CA ALA B 332 30.02 11.68 16.92
C ALA B 332 30.45 12.48 18.14
N ARG B 333 29.56 13.35 18.62
CA ARG B 333 29.86 14.17 19.78
C ARG B 333 30.21 13.36 21.04
N ALA B 334 29.48 12.27 21.25
CA ALA B 334 29.70 11.41 22.41
C ALA B 334 31.09 10.78 22.43
N LEU B 335 31.82 10.92 21.33
CA LEU B 335 33.17 10.35 21.22
C LEU B 335 34.23 11.43 21.03
N GLN B 336 33.82 12.59 20.53
CA GLN B 336 34.75 13.68 20.25
C GLN B 336 34.71 14.87 21.21
N SER B 337 33.56 15.06 21.86
CA SER B 337 33.37 16.17 22.79
C SER B 337 34.57 16.48 23.69
N SER B 338 34.90 15.55 24.58
CA SER B 338 36.03 15.74 25.50
C SER B 338 37.38 15.85 24.80
N ALA B 339 37.57 15.09 23.73
CA ALA B 339 38.83 15.11 22.99
C ALA B 339 39.07 16.50 22.40
N LEU B 340 38.02 17.10 21.87
CA LEU B 340 38.12 18.43 21.27
C LEU B 340 38.58 19.46 22.30
N LYS B 341 38.05 19.36 23.51
CA LYS B 341 38.41 20.28 24.58
C LYS B 341 39.87 20.12 25.01
N ALA B 342 40.28 18.88 25.23
CA ALA B 342 41.66 18.60 25.64
C ALA B 342 42.65 18.93 24.54
N TRP B 343 42.17 18.94 23.30
CA TRP B 343 43.02 19.25 22.16
C TRP B 343 43.23 20.75 22.04
N GLY B 344 42.15 21.51 22.20
CA GLY B 344 42.23 22.95 22.12
C GLY B 344 42.67 23.44 20.76
N GLY B 345 42.72 22.54 19.78
CA GLY B 345 43.14 22.91 18.44
C GLY B 345 44.63 23.18 18.35
N LYS B 346 45.37 22.77 19.37
CA LYS B 346 46.82 22.98 19.39
C LYS B 346 47.59 21.66 19.30
N GLU B 347 48.81 21.76 18.77
CA GLU B 347 49.68 20.59 18.62
C GLU B 347 50.03 20.01 19.99
N SER B 348 50.17 20.89 20.97
CA SER B 348 50.51 20.47 22.33
C SER B 348 49.35 19.74 23.01
N GLY B 349 48.18 19.77 22.39
CA GLY B 349 47.02 19.13 22.97
C GLY B 349 46.72 17.75 22.41
N LEU B 350 47.35 17.39 21.30
CA LEU B 350 47.11 16.09 20.68
C LEU B 350 47.20 14.94 21.67
N ALA B 351 48.29 14.88 22.43
CA ALA B 351 48.49 13.82 23.40
C ALA B 351 47.31 13.68 24.36
N ALA B 352 46.90 14.80 24.94
CA ALA B 352 45.78 14.79 25.89
C ALA B 352 44.47 14.50 25.17
N GLY B 353 44.26 15.17 24.04
CA GLY B 353 43.04 14.98 23.28
C GLY B 353 42.83 13.53 22.91
N ARG B 354 43.92 12.85 22.54
CA ARG B 354 43.83 11.45 22.16
C ARG B 354 43.61 10.52 23.34
N ARG B 355 44.03 10.95 24.53
CA ARG B 355 43.82 10.13 25.72
C ARG B 355 42.33 10.16 26.03
N ALA B 356 41.72 11.34 25.88
CA ALA B 356 40.29 11.50 26.14
C ALA B 356 39.46 10.76 25.09
N PHE B 357 39.92 10.79 23.84
CA PHE B 357 39.21 10.10 22.77
C PHE B 357 39.27 8.59 22.97
N LEU B 358 40.47 8.06 23.13
CA LEU B 358 40.65 6.63 23.33
C LEU B 358 39.90 6.13 24.57
N HIS B 359 39.73 7.01 25.54
CA HIS B 359 39.01 6.66 26.77
C HIS B 359 37.54 6.42 26.46
N ARG B 360 36.91 7.40 25.82
CA ARG B 360 35.50 7.28 25.47
C ARG B 360 35.30 6.08 24.54
N ALA B 361 36.24 5.86 23.63
CA ALA B 361 36.14 4.75 22.70
C ALA B 361 36.17 3.42 23.47
N ARG B 362 37.07 3.34 24.46
CA ARG B 362 37.20 2.14 25.27
C ARG B 362 35.93 1.90 26.09
N MET B 363 35.38 2.97 26.65
CA MET B 363 34.16 2.87 27.45
C MET B 363 33.00 2.30 26.63
N ASN B 364 32.86 2.78 25.40
CA ASN B 364 31.79 2.30 24.54
C ASN B 364 32.08 0.91 24.01
N SER B 365 33.36 0.56 23.95
CA SER B 365 33.76 -0.76 23.51
C SER B 365 33.24 -1.73 24.57
N MET B 366 33.40 -1.35 25.83
CA MET B 366 32.95 -2.16 26.96
C MET B 366 31.42 -2.20 27.00
N ALA B 367 30.80 -1.07 26.68
CA ALA B 367 29.34 -0.99 26.67
C ALA B 367 28.78 -1.95 25.63
N GLN B 368 29.42 -2.01 24.47
CA GLN B 368 28.99 -2.90 23.41
C GLN B 368 29.02 -4.33 23.94
N LEU B 369 29.99 -4.61 24.81
CA LEU B 369 30.14 -5.93 25.40
C LEU B 369 29.28 -6.07 26.65
N GLY B 370 28.66 -4.97 27.06
CA GLY B 370 27.81 -4.99 28.23
C GLY B 370 28.60 -5.08 29.53
N LYS B 371 29.89 -4.75 29.46
CA LYS B 371 30.76 -4.80 30.63
C LYS B 371 31.22 -3.40 31.06
N TYR B 372 30.39 -2.40 30.77
CA TYR B 372 30.70 -1.02 31.12
C TYR B 372 30.51 -0.76 32.62
N LYS B 373 31.49 -0.10 33.22
CA LYS B 373 31.44 0.24 34.64
C LYS B 373 31.44 1.75 34.81
N ARG B 374 30.35 2.28 35.37
CA ARG B 374 30.24 3.72 35.58
C ARG B 374 31.38 4.28 36.43
N SER B 375 32.03 3.40 37.19
CA SER B 375 33.13 3.83 38.04
C SER B 375 34.35 4.26 37.22
N ASP B 376 34.38 3.81 35.96
CA ASP B 376 35.49 4.16 35.07
C ASP B 376 35.37 5.59 34.57
N ASP B 377 34.18 6.18 34.71
CA ASP B 377 33.95 7.55 34.29
C ASP B 377 33.65 8.43 35.52
N ASP B 378 33.41 9.71 35.30
CA ASP B 378 33.12 10.62 36.40
C ASP B 378 31.81 10.26 37.09
N MET C 21 -1.03 26.05 12.16
CA MET C 21 -2.12 27.01 12.53
C MET C 21 -3.35 26.25 13.03
N SER C 22 -4.04 25.57 12.13
CA SER C 22 -5.24 24.81 12.50
C SER C 22 -4.91 23.61 13.37
N ARG C 23 -5.44 23.61 14.59
CA ARG C 23 -5.22 22.51 15.53
C ARG C 23 -6.56 21.88 15.85
N VAL C 24 -6.55 20.58 16.12
CA VAL C 24 -7.78 19.86 16.44
C VAL C 24 -7.53 18.77 17.47
N THR C 25 -8.50 18.61 18.38
CA THR C 25 -8.39 17.60 19.43
C THR C 25 -9.07 16.32 18.96
N VAL C 26 -8.32 15.23 18.93
CA VAL C 26 -8.85 13.96 18.49
C VAL C 26 -8.53 12.85 19.50
N LEU C 27 -9.10 11.67 19.26
CA LEU C 27 -8.85 10.52 20.11
C LEU C 27 -7.49 9.99 19.72
N GLN C 28 -6.69 9.61 20.71
CA GLN C 28 -5.37 9.06 20.43
C GLN C 28 -5.54 7.85 19.50
N SER C 29 -6.63 7.11 19.69
CA SER C 29 -6.90 5.92 18.90
C SER C 29 -7.16 6.23 17.41
N GLN C 30 -7.31 7.51 17.09
CA GLN C 30 -7.55 7.91 15.71
C GLN C 30 -6.25 8.26 15.01
N LEU C 31 -5.14 8.20 15.75
CA LEU C 31 -3.82 8.50 15.20
C LEU C 31 -3.14 7.19 14.78
N PRO C 32 -2.59 7.16 13.56
CA PRO C 32 -1.90 5.98 13.01
C PRO C 32 -0.83 5.34 13.88
N ALA C 33 -0.08 6.15 14.63
CA ALA C 33 0.98 5.63 15.48
C ALA C 33 0.51 4.96 16.77
N TYR C 34 -0.79 5.04 17.06
CA TYR C 34 -1.32 4.43 18.27
C TYR C 34 -2.37 3.38 17.92
N ASN C 35 -2.02 2.49 17.00
CA ASN C 35 -2.95 1.46 16.55
C ASN C 35 -2.75 0.08 17.17
N ARG C 36 -1.83 -0.04 18.13
CA ARG C 36 -1.59 -1.35 18.75
C ARG C 36 -2.86 -1.83 19.45
N LEU C 37 -3.19 -3.10 19.23
CA LEU C 37 -4.39 -3.69 19.81
C LEU C 37 -4.41 -3.52 21.33
N LYS C 38 -5.58 -3.16 21.85
CA LYS C 38 -5.76 -3.00 23.30
C LYS C 38 -6.75 -4.06 23.77
N THR C 39 -6.28 -4.97 24.61
CA THR C 39 -7.14 -6.02 25.15
C THR C 39 -6.73 -6.35 26.57
N PRO C 40 -7.73 -6.54 27.45
CA PRO C 40 -7.46 -6.87 28.85
C PRO C 40 -6.83 -8.25 29.00
N TYR C 41 -6.82 -9.00 27.89
CA TYR C 41 -6.25 -10.36 27.91
C TYR C 41 -4.75 -10.37 27.63
N GLU C 42 -4.15 -9.22 27.38
CA GLU C 42 -2.72 -9.20 27.05
C GLU C 42 -1.79 -10.01 27.95
N SER C 43 -1.86 -9.81 29.26
CA SER C 43 -0.97 -10.58 30.13
C SER C 43 -1.21 -12.08 30.05
N GLU C 44 -2.47 -12.50 29.89
CA GLU C 44 -2.77 -13.92 29.79
C GLU C 44 -2.28 -14.49 28.46
N LEU C 45 -2.41 -13.72 27.39
CA LEU C 45 -1.95 -14.19 26.08
C LEU C 45 -0.44 -14.46 26.17
N ILE C 46 0.28 -13.52 26.78
CA ILE C 46 1.73 -13.67 26.95
C ILE C 46 2.07 -14.89 27.81
N ALA C 47 1.27 -15.12 28.84
CA ALA C 47 1.50 -16.27 29.73
C ALA C 47 1.29 -17.56 28.94
N THR C 48 0.29 -17.57 28.07
CA THR C 48 0.01 -18.74 27.26
C THR C 48 1.15 -18.97 26.25
N VAL C 49 1.64 -17.89 25.66
CA VAL C 49 2.76 -17.99 24.72
C VAL C 49 3.96 -18.65 25.43
N LYS C 50 4.19 -18.25 26.68
CA LYS C 50 5.29 -18.82 27.44
C LYS C 50 5.14 -20.35 27.55
N LYS C 51 3.93 -20.80 27.87
CA LYS C 51 3.69 -22.24 27.98
C LYS C 51 3.91 -22.95 26.64
N LEU C 52 3.50 -22.31 25.55
CA LEU C 52 3.63 -22.90 24.23
C LEU C 52 5.03 -22.79 23.62
N THR C 53 5.96 -22.16 24.33
CA THR C 53 7.33 -22.05 23.84
C THR C 53 8.29 -22.61 24.89
N THR C 54 7.92 -23.76 25.43
CA THR C 54 8.71 -24.45 26.44
C THR C 54 9.70 -25.38 25.77
N PRO C 55 11.00 -25.24 26.10
CA PRO C 55 12.04 -26.10 25.50
C PRO C 55 11.70 -27.58 25.55
N GLY C 56 11.90 -28.26 24.43
CA GLY C 56 11.63 -29.68 24.34
C GLY C 56 10.19 -30.04 24.05
N LYS C 57 9.34 -29.02 23.91
CA LYS C 57 7.93 -29.29 23.63
C LYS C 57 7.45 -28.65 22.33
N GLY C 58 6.43 -29.26 21.75
CA GLY C 58 5.84 -28.76 20.53
C GLY C 58 4.33 -28.92 20.61
N LEU C 59 3.66 -28.68 19.50
CA LEU C 59 2.20 -28.78 19.44
C LEU C 59 1.72 -29.99 18.67
N LEU C 60 0.61 -30.57 19.13
CA LEU C 60 0.01 -31.68 18.44
C LEU C 60 -1.20 -31.10 17.71
N ALA C 61 -1.22 -31.23 16.40
CA ALA C 61 -2.33 -30.73 15.62
C ALA C 61 -3.29 -31.91 15.41
N ALA C 62 -4.41 -31.89 16.12
CA ALA C 62 -5.39 -32.97 16.00
C ALA C 62 -6.73 -32.40 15.53
N ASP C 63 -6.65 -31.36 14.71
CA ASP C 63 -7.84 -30.67 14.22
C ASP C 63 -8.35 -31.12 12.84
N GLU C 64 -8.09 -32.36 12.47
CA GLU C 64 -8.55 -32.86 11.17
C GLU C 64 -10.06 -32.78 11.00
N SER C 65 -10.50 -32.32 9.83
CA SER C 65 -11.91 -32.21 9.52
C SER C 65 -12.51 -33.61 9.45
N ILE C 66 -13.84 -33.69 9.39
CA ILE C 66 -14.48 -34.98 9.29
C ILE C 66 -14.01 -35.64 8.00
N GLY C 67 -13.89 -34.85 6.94
CA GLY C 67 -13.44 -35.36 5.66
C GLY C 67 -12.04 -35.91 5.71
N SER C 68 -11.17 -35.25 6.45
CA SER C 68 -9.78 -35.70 6.57
C SER C 68 -9.73 -36.97 7.42
N CYS C 69 -10.66 -37.10 8.35
CA CYS C 69 -10.70 -38.29 9.19
C CYS C 69 -11.01 -39.50 8.33
N THR C 70 -11.83 -39.30 7.31
CA THR C 70 -12.18 -40.38 6.39
C THR C 70 -10.90 -40.91 5.75
N LYS C 71 -10.03 -39.99 5.32
CA LYS C 71 -8.77 -40.37 4.69
C LYS C 71 -7.83 -41.06 5.67
N ARG C 72 -7.87 -40.61 6.92
CA ARG C 72 -7.03 -41.19 7.97
C ARG C 72 -7.51 -42.60 8.33
N PHE C 73 -8.82 -42.77 8.34
CA PHE C 73 -9.43 -44.05 8.71
C PHE C 73 -9.47 -45.13 7.65
N GLN C 74 -9.55 -44.74 6.39
CA GLN C 74 -9.65 -45.71 5.30
C GLN C 74 -8.61 -46.84 5.37
N PRO C 75 -7.32 -46.50 5.54
CA PRO C 75 -6.25 -47.51 5.62
C PRO C 75 -6.35 -48.53 6.75
N ILE C 76 -7.07 -48.18 7.82
CA ILE C 76 -7.20 -49.10 8.94
C ILE C 76 -8.60 -49.71 9.06
N GLY C 77 -9.44 -49.44 8.07
CA GLY C 77 -10.79 -50.00 8.07
C GLY C 77 -11.69 -49.58 9.22
N LEU C 78 -11.56 -48.33 9.64
CA LEU C 78 -12.39 -47.80 10.72
C LEU C 78 -13.45 -46.88 10.10
N SER C 79 -14.73 -47.13 10.42
CA SER C 79 -15.79 -46.30 9.88
C SER C 79 -15.70 -44.90 10.47
N ASN C 80 -15.99 -43.89 9.66
CA ASN C 80 -15.91 -42.51 10.12
C ASN C 80 -17.19 -42.08 10.84
N THR C 81 -17.24 -42.34 12.14
CA THR C 81 -18.38 -41.98 12.98
C THR C 81 -17.90 -41.06 14.10
N GLU C 82 -18.82 -40.34 14.74
CA GLU C 82 -18.45 -39.44 15.82
C GLU C 82 -17.73 -40.16 16.96
N GLU C 83 -18.19 -41.35 17.31
CA GLU C 83 -17.56 -42.12 18.38
C GLU C 83 -16.17 -42.61 18.00
N HIS C 84 -15.98 -42.97 16.73
CA HIS C 84 -14.68 -43.43 16.28
C HIS C 84 -13.72 -42.25 16.22
N ARG C 85 -14.23 -41.07 15.92
CA ARG C 85 -13.37 -39.89 15.86
C ARG C 85 -12.94 -39.54 17.29
N ARG C 86 -13.83 -39.78 18.25
CA ARG C 86 -13.52 -39.50 19.64
C ARG C 86 -12.42 -40.45 20.09
N GLN C 87 -12.54 -41.73 19.72
CA GLN C 87 -11.54 -42.73 20.08
C GLN C 87 -10.20 -42.43 19.42
N TYR C 88 -10.26 -41.88 18.21
CA TYR C 88 -9.07 -41.51 17.47
C TYR C 88 -8.30 -40.43 18.25
N ARG C 89 -9.02 -39.45 18.76
CA ARG C 89 -8.39 -38.39 19.55
C ARG C 89 -7.92 -38.93 20.91
N ALA C 90 -8.72 -39.80 21.51
CA ALA C 90 -8.36 -40.38 22.81
C ALA C 90 -7.07 -41.19 22.72
N LEU C 91 -6.85 -41.80 21.56
CA LEU C 91 -5.65 -42.60 21.35
C LEU C 91 -4.43 -41.76 21.71
N MET C 92 -4.44 -40.50 21.26
CA MET C 92 -3.35 -39.60 21.50
C MET C 92 -3.45 -38.83 22.82
N LEU C 93 -4.60 -38.19 23.03
CA LEU C 93 -4.80 -37.38 24.23
C LEU C 93 -4.74 -38.13 25.55
N GLU C 94 -5.06 -39.41 25.54
CA GLU C 94 -5.02 -40.19 26.77
C GLU C 94 -3.79 -41.09 26.82
N ALA C 95 -2.80 -40.77 25.98
CA ALA C 95 -1.55 -41.53 25.95
C ALA C 95 -0.65 -40.93 27.02
N GLU C 96 -0.89 -41.33 28.27
CA GLU C 96 -0.10 -40.80 29.37
C GLU C 96 1.39 -40.75 29.07
N GLY C 97 1.97 -39.58 29.28
CA GLY C 97 3.38 -39.39 29.02
C GLY C 97 3.62 -38.47 27.84
N PHE C 98 2.62 -38.26 26.98
CA PHE C 98 2.81 -37.40 25.82
C PHE C 98 2.99 -35.94 26.25
N GLU C 99 2.49 -35.60 27.44
CA GLU C 99 2.59 -34.24 27.94
C GLU C 99 4.03 -33.73 28.07
N GLN C 100 4.97 -34.65 28.25
CA GLN C 100 6.38 -34.28 28.39
C GLN C 100 6.91 -33.66 27.10
N TYR C 101 6.26 -33.98 25.98
CA TYR C 101 6.70 -33.50 24.68
C TYR C 101 5.74 -32.53 23.99
N ILE C 102 4.51 -32.46 24.48
CA ILE C 102 3.48 -31.62 23.89
C ILE C 102 2.97 -30.55 24.84
N SER C 103 3.19 -29.28 24.51
CA SER C 103 2.76 -28.17 25.35
C SER C 103 1.33 -27.73 25.06
N GLY C 104 0.84 -28.02 23.85
CA GLY C 104 -0.52 -27.64 23.49
C GLY C 104 -1.08 -28.55 22.42
N VAL C 105 -2.40 -28.61 22.34
CA VAL C 105 -3.07 -29.46 21.36
C VAL C 105 -4.11 -28.64 20.59
N ILE C 106 -4.01 -28.65 19.27
CA ILE C 106 -4.98 -27.92 18.46
C ILE C 106 -6.13 -28.88 18.26
N LEU C 107 -7.27 -28.56 18.88
CA LEU C 107 -8.44 -29.40 18.78
C LEU C 107 -9.39 -28.99 17.67
N HIS C 108 -10.20 -29.94 17.21
CA HIS C 108 -11.21 -29.66 16.20
C HIS C 108 -12.45 -29.27 17.02
N ASP C 109 -13.32 -28.46 16.42
CA ASP C 109 -14.53 -28.01 17.07
C ASP C 109 -15.32 -29.12 17.77
N GLU C 110 -15.45 -30.26 17.10
CA GLU C 110 -16.19 -31.39 17.64
C GLU C 110 -15.56 -31.96 18.92
N THR C 111 -14.24 -32.05 18.93
CA THR C 111 -13.52 -32.60 20.07
C THR C 111 -13.57 -31.74 21.33
N VAL C 112 -13.71 -30.42 21.16
CA VAL C 112 -13.77 -29.52 22.29
C VAL C 112 -14.89 -29.90 23.25
N GLY C 113 -15.97 -30.45 22.71
CA GLY C 113 -17.10 -30.85 23.54
C GLY C 113 -17.17 -32.32 23.90
N GLN C 114 -16.25 -33.11 23.36
CA GLN C 114 -16.23 -34.55 23.66
C GLN C 114 -15.53 -34.79 25.00
N LYS C 115 -15.76 -35.96 25.58
CA LYS C 115 -15.18 -36.29 26.88
C LYS C 115 -14.13 -37.38 26.85
N ALA C 116 -13.18 -37.26 27.78
CA ALA C 116 -12.12 -38.25 27.94
C ALA C 116 -12.77 -39.41 28.68
N SER C 117 -12.04 -40.51 28.83
CA SER C 117 -12.57 -41.70 29.51
C SER C 117 -12.93 -41.46 30.97
N ASN C 118 -12.39 -40.41 31.57
CA ASN C 118 -12.69 -40.13 32.98
C ASN C 118 -13.86 -39.17 33.19
N GLY C 119 -14.53 -38.79 32.10
CA GLY C 119 -15.67 -37.90 32.22
C GLY C 119 -15.39 -36.41 31.99
N GLN C 120 -14.12 -36.02 32.00
CA GLN C 120 -13.77 -34.63 31.78
C GLN C 120 -13.84 -34.30 30.30
N THR C 121 -14.19 -33.05 29.96
CA THR C 121 -14.21 -32.67 28.54
C THR C 121 -12.72 -32.67 28.19
N PHE C 122 -12.39 -32.85 26.92
CA PHE C 122 -10.97 -32.88 26.56
C PHE C 122 -10.22 -31.61 26.98
N PRO C 123 -10.85 -30.42 26.90
CA PRO C 123 -10.11 -29.24 27.32
C PRO C 123 -9.81 -29.30 28.83
N GLU C 124 -10.77 -29.79 29.62
CA GLU C 124 -10.59 -29.90 31.06
C GLU C 124 -9.51 -30.92 31.37
N TYR C 125 -9.56 -32.04 30.63
CA TYR C 125 -8.60 -33.13 30.78
C TYR C 125 -7.18 -32.65 30.52
N LEU C 126 -6.99 -31.98 29.38
CA LEU C 126 -5.68 -31.48 29.01
C LEU C 126 -5.17 -30.45 30.02
N THR C 127 -6.02 -29.50 30.37
CA THR C 127 -5.61 -28.46 31.31
C THR C 127 -5.14 -29.06 32.64
N ALA C 128 -5.89 -30.05 33.12
CA ALA C 128 -5.58 -30.70 34.39
C ALA C 128 -4.27 -31.46 34.35
N ARG C 129 -3.83 -31.81 33.13
CA ARG C 129 -2.58 -32.54 32.97
C ARG C 129 -1.42 -31.74 32.39
N GLY C 130 -1.50 -30.42 32.51
CA GLY C 130 -0.44 -29.55 32.06
C GLY C 130 -0.29 -29.25 30.59
N VAL C 131 -1.37 -29.42 29.83
CA VAL C 131 -1.35 -29.16 28.39
C VAL C 131 -2.35 -28.07 28.08
N VAL C 132 -1.97 -27.12 27.22
CA VAL C 132 -2.87 -26.04 26.85
C VAL C 132 -3.82 -26.48 25.74
N PRO C 133 -5.14 -26.31 25.93
CA PRO C 133 -6.11 -26.69 24.90
C PRO C 133 -6.21 -25.56 23.87
N GLY C 134 -6.18 -25.92 22.59
CA GLY C 134 -6.30 -24.94 21.52
C GLY C 134 -7.42 -25.35 20.59
N ILE C 135 -7.77 -24.48 19.64
CA ILE C 135 -8.87 -24.77 18.71
C ILE C 135 -8.67 -24.20 17.31
N LYS C 136 -8.98 -25.00 16.29
CA LYS C 136 -8.88 -24.56 14.90
C LYS C 136 -10.15 -23.73 14.66
N THR C 137 -9.98 -22.44 14.42
CA THR C 137 -11.13 -21.56 14.24
C THR C 137 -11.51 -21.15 12.82
N ASP C 138 -10.70 -21.50 11.82
CA ASP C 138 -11.07 -21.14 10.46
C ASP C 138 -12.19 -22.05 9.98
N MET C 139 -12.93 -21.61 8.97
CA MET C 139 -14.03 -22.39 8.44
C MET C 139 -13.78 -23.01 7.07
N GLY C 140 -12.52 -23.34 6.79
CA GLY C 140 -12.19 -23.98 5.53
C GLY C 140 -11.77 -23.16 4.33
N LEU C 141 -11.22 -23.85 3.33
CA LEU C 141 -10.76 -23.25 2.09
C LEU C 141 -11.89 -23.11 1.08
N CYS C 142 -11.83 -22.03 0.30
CA CYS C 142 -12.83 -21.74 -0.74
C CYS C 142 -12.10 -21.11 -1.92
N PRO C 143 -12.69 -21.18 -3.12
CA PRO C 143 -12.03 -20.58 -4.30
C PRO C 143 -11.80 -19.09 -4.05
N LEU C 144 -10.62 -18.59 -4.42
CA LEU C 144 -10.29 -17.18 -4.20
C LEU C 144 -11.14 -16.26 -5.07
N LEU C 145 -11.45 -16.72 -6.29
CA LEU C 145 -12.25 -15.97 -7.25
C LEU C 145 -11.60 -14.67 -7.71
N GLU C 146 -10.29 -14.63 -7.54
CA GLU C 146 -9.45 -13.51 -7.95
C GLU C 146 -8.13 -14.22 -8.23
N GLY C 147 -7.25 -13.58 -8.98
CA GLY C 147 -5.97 -14.20 -9.26
C GLY C 147 -6.04 -15.40 -10.19
N ALA C 148 -5.20 -16.39 -9.92
CA ALA C 148 -5.10 -17.59 -10.75
C ALA C 148 -5.97 -18.77 -10.34
N GLU C 149 -6.36 -19.56 -11.34
CA GLU C 149 -7.18 -20.74 -11.09
C GLU C 149 -6.46 -21.64 -10.10
N GLY C 150 -7.19 -22.19 -9.14
CA GLY C 150 -6.56 -23.06 -8.16
C GLY C 150 -6.20 -22.38 -6.85
N GLU C 151 -6.16 -21.06 -6.83
CA GLU C 151 -5.82 -20.35 -5.60
C GLU C 151 -7.03 -20.33 -4.68
N GLN C 152 -6.78 -20.32 -3.37
CA GLN C 152 -7.86 -20.39 -2.41
C GLN C 152 -7.77 -19.41 -1.25
N MET C 153 -8.93 -18.98 -0.76
CA MET C 153 -8.98 -18.09 0.38
C MET C 153 -9.52 -18.95 1.53
N THR C 154 -9.57 -18.38 2.72
CA THR C 154 -10.06 -19.10 3.89
C THR C 154 -11.21 -18.30 4.52
N GLU C 155 -12.32 -18.97 4.81
CA GLU C 155 -13.48 -18.31 5.40
C GLU C 155 -13.50 -18.46 6.91
N GLY C 156 -14.35 -17.68 7.57
CA GLY C 156 -14.47 -17.80 9.02
C GLY C 156 -14.50 -16.55 9.87
N LEU C 157 -14.24 -15.38 9.29
CA LEU C 157 -14.22 -14.16 10.10
C LEU C 157 -15.59 -13.71 10.59
N ASP C 158 -16.65 -14.01 9.84
CA ASP C 158 -17.99 -13.60 10.27
C ASP C 158 -18.38 -14.36 11.54
N GLY C 159 -18.79 -13.60 12.56
CA GLY C 159 -19.19 -14.21 13.82
C GLY C 159 -18.03 -14.80 14.59
N TYR C 160 -16.81 -14.42 14.22
CA TYR C 160 -15.62 -14.97 14.86
C TYR C 160 -15.55 -14.75 16.37
N VAL C 161 -15.72 -13.52 16.82
CA VAL C 161 -15.62 -13.24 18.24
C VAL C 161 -16.61 -14.05 19.07
N LYS C 162 -17.81 -14.26 18.54
CA LYS C 162 -18.79 -15.05 19.26
C LYS C 162 -18.31 -16.48 19.42
N ARG C 163 -17.79 -17.08 18.35
CA ARG C 163 -17.29 -18.44 18.41
C ARG C 163 -16.08 -18.52 19.34
N ALA C 164 -15.12 -17.62 19.15
CA ALA C 164 -13.90 -17.62 19.96
C ALA C 164 -14.18 -17.44 21.44
N SER C 165 -15.16 -16.60 21.75
CA SER C 165 -15.53 -16.35 23.14
C SER C 165 -16.08 -17.63 23.78
N ALA C 166 -16.84 -18.40 23.00
CA ALA C 166 -17.41 -19.65 23.49
C ALA C 166 -16.32 -20.69 23.73
N TYR C 167 -15.33 -20.74 22.84
CA TYR C 167 -14.22 -21.68 23.00
C TYR C 167 -13.41 -21.29 24.23
N TYR C 168 -13.24 -19.99 24.45
CA TYR C 168 -12.48 -19.52 25.61
C TYR C 168 -13.15 -20.00 26.90
N LYS C 169 -14.48 -19.86 26.96
CA LYS C 169 -15.22 -20.29 28.14
C LYS C 169 -15.08 -21.79 28.38
N LYS C 170 -14.84 -22.54 27.31
CA LYS C 170 -14.69 -23.98 27.41
C LYS C 170 -13.27 -24.39 27.83
N GLY C 171 -12.38 -23.41 27.93
CA GLY C 171 -11.02 -23.72 28.35
C GLY C 171 -9.93 -23.53 27.30
N CYS C 172 -10.29 -23.22 26.07
CA CYS C 172 -9.29 -23.02 25.04
C CYS C 172 -8.56 -21.71 25.29
N ARG C 173 -7.26 -21.70 25.04
CA ARG C 173 -6.46 -20.49 25.27
C ARG C 173 -5.62 -20.06 24.06
N PHE C 174 -5.69 -20.84 22.98
CA PHE C 174 -5.00 -20.48 21.75
C PHE C 174 -5.80 -21.05 20.58
N CYS C 175 -5.54 -20.55 19.39
CA CYS C 175 -6.27 -21.02 18.22
C CYS C 175 -5.37 -21.10 17.01
N LYS C 176 -5.91 -21.64 15.92
CA LYS C 176 -5.15 -21.78 14.69
C LYS C 176 -6.04 -21.51 13.49
N TRP C 177 -5.47 -20.83 12.50
CA TRP C 177 -6.19 -20.48 11.27
C TRP C 177 -5.21 -20.70 10.12
N ARG C 178 -5.66 -21.48 9.14
CA ARG C 178 -4.81 -21.81 8.00
C ARG C 178 -5.22 -21.23 6.65
N ASN C 179 -4.27 -20.56 6.01
CA ASN C 179 -4.46 -20.04 4.66
C ASN C 179 -3.41 -20.76 3.85
N VAL C 180 -3.69 -21.00 2.57
CA VAL C 180 -2.72 -21.70 1.75
C VAL C 180 -2.39 -20.92 0.48
N TYR C 181 -1.19 -21.16 -0.03
CA TYR C 181 -0.71 -20.52 -1.24
C TYR C 181 -0.17 -21.63 -2.12
N LYS C 182 -0.63 -21.66 -3.37
CA LYS C 182 -0.23 -22.70 -4.30
C LYS C 182 0.74 -22.17 -5.35
N ILE C 183 1.95 -22.73 -5.36
CA ILE C 183 2.96 -22.33 -6.33
C ILE C 183 2.62 -22.96 -7.68
N GLN C 184 2.37 -22.12 -8.67
CA GLN C 184 2.07 -22.61 -10.01
C GLN C 184 2.95 -21.82 -10.96
N ASN C 185 3.69 -22.51 -11.80
CA ASN C 185 4.56 -21.85 -12.77
C ASN C 185 5.59 -20.98 -12.04
N GLY C 186 6.02 -21.46 -10.87
CA GLY C 186 7.02 -20.77 -10.09
C GLY C 186 6.58 -19.48 -9.41
N THR C 187 5.27 -19.24 -9.33
CA THR C 187 4.80 -18.01 -8.70
C THR C 187 3.40 -18.15 -8.12
N VAL C 188 2.92 -17.07 -7.52
CA VAL C 188 1.58 -17.00 -6.94
C VAL C 188 1.07 -15.60 -7.30
N SER C 189 -0.25 -15.42 -7.39
CA SER C 189 -0.78 -14.11 -7.77
C SER C 189 -0.72 -13.12 -6.61
N GLU C 190 -0.58 -11.85 -6.94
CA GLU C 190 -0.54 -10.80 -5.93
C GLU C 190 -1.89 -10.75 -5.22
N SER C 191 -2.95 -11.09 -5.95
CA SER C 191 -4.30 -11.11 -5.37
C SER C 191 -4.33 -12.05 -4.18
N ALA C 192 -3.72 -13.22 -4.33
CA ALA C 192 -3.68 -14.20 -3.25
C ALA C 192 -2.76 -13.72 -2.15
N VAL C 193 -1.59 -13.21 -2.53
CA VAL C 193 -0.62 -12.73 -1.55
C VAL C 193 -1.22 -11.66 -0.64
N ARG C 194 -1.92 -10.69 -1.23
CA ARG C 194 -2.51 -9.61 -0.46
C ARG C 194 -3.74 -10.03 0.34
N PHE C 195 -4.69 -10.69 -0.33
CA PHE C 195 -5.92 -11.09 0.32
C PHE C 195 -5.74 -12.05 1.49
N ASN C 196 -4.96 -13.10 1.29
CA ASN C 196 -4.76 -14.06 2.37
C ASN C 196 -4.00 -13.45 3.55
N ALA C 197 -3.10 -12.51 3.29
CA ALA C 197 -2.36 -11.88 4.38
C ALA C 197 -3.36 -11.06 5.20
N GLU C 198 -4.24 -10.36 4.49
CA GLU C 198 -5.25 -9.53 5.14
C GLU C 198 -6.18 -10.39 6.01
N THR C 199 -6.51 -11.58 5.51
CA THR C 199 -7.38 -12.50 6.25
C THR C 199 -6.68 -12.94 7.53
N LEU C 200 -5.43 -13.35 7.42
CA LEU C 200 -4.67 -13.81 8.59
C LEU C 200 -4.49 -12.70 9.63
N ALA C 201 -4.26 -11.49 9.18
CA ALA C 201 -4.06 -10.37 10.09
C ALA C 201 -5.33 -10.06 10.88
N ARG C 202 -6.46 -10.03 10.18
CA ARG C 202 -7.73 -9.75 10.84
C ARG C 202 -8.04 -10.87 11.84
N TYR C 203 -7.77 -12.11 11.43
CA TYR C 203 -7.98 -13.26 12.29
C TYR C 203 -7.15 -13.13 13.57
N ALA C 204 -5.90 -12.69 13.44
CA ALA C 204 -5.04 -12.55 14.61
C ALA C 204 -5.59 -11.56 15.62
N ILE C 205 -6.06 -10.41 15.13
CA ILE C 205 -6.62 -9.37 15.97
C ILE C 205 -7.89 -9.85 16.68
N LEU C 206 -8.80 -10.48 15.95
CA LEU C 206 -10.03 -10.96 16.56
C LEU C 206 -9.76 -12.03 17.61
N SER C 207 -8.75 -12.84 17.38
CA SER C 207 -8.38 -13.89 18.32
C SER C 207 -7.86 -13.26 19.60
N GLN C 208 -6.94 -12.32 19.47
CA GLN C 208 -6.38 -11.67 20.66
C GLN C 208 -7.45 -10.93 21.46
N MET C 209 -8.41 -10.34 20.77
CA MET C 209 -9.49 -9.63 21.45
C MET C 209 -10.38 -10.61 22.21
N SER C 210 -10.39 -11.86 21.75
CA SER C 210 -11.20 -12.92 22.36
C SER C 210 -10.47 -13.72 23.43
N GLY C 211 -9.21 -13.40 23.66
CA GLY C 211 -8.44 -14.11 24.67
C GLY C 211 -7.74 -15.37 24.21
N LEU C 212 -7.61 -15.55 22.89
CA LEU C 212 -6.93 -16.73 22.35
C LEU C 212 -5.67 -16.33 21.60
N VAL C 213 -4.55 -16.96 21.95
CA VAL C 213 -3.29 -16.68 21.27
C VAL C 213 -3.43 -17.22 19.85
N PRO C 214 -3.27 -16.36 18.84
CA PRO C 214 -3.42 -16.86 17.48
C PRO C 214 -2.17 -17.47 16.85
N ILE C 215 -2.34 -18.64 16.26
CA ILE C 215 -1.26 -19.30 15.53
C ILE C 215 -1.62 -18.96 14.09
N VAL C 216 -0.80 -18.11 13.49
CA VAL C 216 -0.98 -17.66 12.11
C VAL C 216 -0.31 -18.65 11.17
N GLU C 217 -1.09 -19.32 10.34
CA GLU C 217 -0.53 -20.31 9.43
C GLU C 217 -0.63 -19.96 7.95
N PRO C 218 0.45 -19.42 7.36
CA PRO C 218 0.46 -19.07 5.94
C PRO C 218 1.25 -20.19 5.26
N GLU C 219 0.55 -21.24 4.86
CA GLU C 219 1.22 -22.37 4.26
C GLU C 219 1.46 -22.30 2.77
N VAL C 220 2.73 -22.23 2.38
CA VAL C 220 3.07 -22.25 0.97
C VAL C 220 3.14 -23.77 0.75
N MET C 221 2.19 -24.30 0.00
CA MET C 221 2.11 -25.74 -0.22
C MET C 221 3.28 -26.39 -0.96
N ILE C 222 3.58 -27.62 -0.57
CA ILE C 222 4.67 -28.39 -1.16
C ILE C 222 4.30 -28.90 -2.55
N ASP C 223 3.01 -28.93 -2.85
CA ASP C 223 2.52 -29.40 -4.14
C ASP C 223 3.20 -28.74 -5.33
N GLY C 224 3.58 -29.54 -6.32
CA GLY C 224 4.22 -28.98 -7.50
C GLY C 224 5.59 -29.53 -7.82
N LYS C 225 6.13 -29.13 -8.96
CA LYS C 225 7.44 -29.59 -9.40
C LYS C 225 8.54 -28.54 -9.21
N HIS C 226 8.23 -27.47 -8.50
CA HIS C 226 9.19 -26.41 -8.25
C HIS C 226 10.38 -26.89 -7.40
N ASP C 227 11.50 -26.19 -7.48
CA ASP C 227 12.67 -26.53 -6.69
C ASP C 227 12.70 -25.73 -5.40
N ILE C 228 13.73 -25.95 -4.58
CA ILE C 228 13.82 -25.25 -3.30
C ILE C 228 14.03 -23.75 -3.40
N ASP C 229 14.73 -23.29 -4.44
CA ASP C 229 14.94 -21.85 -4.60
C ASP C 229 13.61 -21.14 -4.85
N THR C 230 12.72 -21.79 -5.60
CA THR C 230 11.41 -21.22 -5.89
C THR C 230 10.59 -21.19 -4.60
N CYS C 231 10.63 -22.27 -3.82
CA CYS C 231 9.89 -22.29 -2.57
C CYS C 231 10.42 -21.15 -1.68
N GLN C 232 11.72 -20.92 -1.71
CA GLN C 232 12.32 -19.86 -0.90
C GLN C 232 11.79 -18.49 -1.30
N ARG C 233 11.83 -18.19 -2.59
CA ARG C 233 11.36 -16.91 -3.11
C ARG C 233 9.89 -16.68 -2.83
N VAL C 234 9.05 -17.69 -3.10
CA VAL C 234 7.63 -17.55 -2.85
C VAL C 234 7.33 -17.42 -1.36
N SER C 235 7.98 -18.25 -0.54
CA SER C 235 7.75 -18.17 0.90
C SER C 235 8.13 -16.81 1.46
N GLU C 236 9.28 -16.28 1.05
CA GLU C 236 9.70 -14.99 1.56
C GLU C 236 8.69 -13.90 1.18
N HIS C 237 8.21 -13.96 -0.07
CA HIS C 237 7.25 -12.98 -0.57
C HIS C 237 5.92 -13.07 0.18
N VAL C 238 5.42 -14.29 0.34
CA VAL C 238 4.17 -14.52 1.05
C VAL C 238 4.26 -14.10 2.51
N TRP C 239 5.29 -14.57 3.21
CA TRP C 239 5.45 -14.24 4.62
C TRP C 239 5.67 -12.76 4.89
N ARG C 240 6.40 -12.08 4.00
CA ARG C 240 6.66 -10.66 4.17
C ARG C 240 5.34 -9.87 4.18
N GLU C 241 4.41 -10.26 3.33
CA GLU C 241 3.12 -9.56 3.26
C GLU C 241 2.26 -9.88 4.48
N VAL C 242 2.39 -11.10 5.00
CA VAL C 242 1.64 -11.48 6.19
C VAL C 242 2.10 -10.56 7.32
N VAL C 243 3.41 -10.40 7.44
CA VAL C 243 3.96 -9.52 8.48
C VAL C 243 3.49 -8.08 8.27
N ALA C 244 3.49 -7.63 7.02
CA ALA C 244 3.04 -6.29 6.69
C ALA C 244 1.60 -6.06 7.15
N ALA C 245 0.74 -7.05 6.90
CA ALA C 245 -0.66 -6.96 7.28
C ALA C 245 -0.83 -6.97 8.79
N LEU C 246 -0.05 -7.81 9.48
CA LEU C 246 -0.13 -7.89 10.94
C LEU C 246 0.27 -6.54 11.55
N GLN C 247 1.27 -5.89 10.96
CA GLN C 247 1.72 -4.60 11.45
C GLN C 247 0.60 -3.56 11.25
N ARG C 248 -0.06 -3.60 10.08
CA ARG C 248 -1.12 -2.65 9.79
C ARG C 248 -2.31 -2.80 10.73
N HIS C 249 -2.59 -4.04 11.15
CA HIS C 249 -3.71 -4.29 12.05
C HIS C 249 -3.35 -4.13 13.52
N GLY C 250 -2.09 -3.80 13.79
CA GLY C 250 -1.64 -3.58 15.15
C GLY C 250 -1.64 -4.79 16.07
N VAL C 251 -1.22 -5.94 15.55
CA VAL C 251 -1.17 -7.16 16.34
C VAL C 251 -0.23 -7.03 17.54
N ILE C 252 -0.49 -7.78 18.59
CA ILE C 252 0.38 -7.79 19.77
C ILE C 252 1.40 -8.89 19.45
N TRP C 253 2.60 -8.50 19.05
CA TRP C 253 3.62 -9.48 18.69
C TRP C 253 4.01 -10.47 19.79
N GLU C 254 4.09 -10.00 21.02
CA GLU C 254 4.45 -10.90 22.11
C GLU C 254 3.35 -11.91 22.44
N GLY C 255 2.21 -11.79 21.77
CA GLY C 255 1.10 -12.70 22.03
C GLY C 255 0.62 -13.50 20.83
N CYS C 256 1.50 -13.79 19.88
CA CYS C 256 1.09 -14.59 18.73
C CYS C 256 2.20 -15.54 18.30
N LEU C 257 1.84 -16.51 17.48
CA LEU C 257 2.80 -17.51 16.99
C LEU C 257 2.61 -17.69 15.50
N LEU C 258 3.66 -18.18 14.83
CA LEU C 258 3.59 -18.44 13.40
C LEU C 258 3.69 -19.94 13.17
N LYS C 259 2.95 -20.44 12.19
CA LYS C 259 3.00 -21.85 11.82
C LYS C 259 3.22 -21.87 10.32
N PRO C 260 4.48 -21.74 9.89
CA PRO C 260 4.83 -21.73 8.47
C PRO C 260 5.31 -23.08 7.94
N ASN C 261 5.41 -23.16 6.61
CA ASN C 261 5.94 -24.35 5.97
C ASN C 261 7.45 -24.21 6.07
N MET C 262 8.17 -25.32 5.99
CA MET C 262 9.62 -25.24 5.98
C MET C 262 9.90 -24.99 4.50
N VAL C 263 11.10 -24.52 4.17
CA VAL C 263 11.44 -24.27 2.77
C VAL C 263 12.08 -25.55 2.22
N VAL C 264 11.36 -26.22 1.33
CA VAL C 264 11.79 -27.48 0.73
C VAL C 264 11.39 -27.56 -0.74
N PRO C 265 12.01 -28.48 -1.50
CA PRO C 265 11.64 -28.61 -2.91
C PRO C 265 10.23 -29.17 -3.05
N GLY C 266 9.59 -28.89 -4.19
CA GLY C 266 8.25 -29.39 -4.42
C GLY C 266 8.15 -30.89 -4.37
N ALA C 267 6.99 -31.39 -3.93
CA ALA C 267 6.75 -32.82 -3.80
C ALA C 267 6.90 -33.60 -5.10
N GLU C 268 6.63 -32.96 -6.22
CA GLU C 268 6.74 -33.62 -7.52
C GLU C 268 7.99 -33.19 -8.28
N SER C 269 8.94 -32.56 -7.59
CA SER C 269 10.16 -32.08 -8.22
C SER C 269 11.15 -33.19 -8.52
N GLY C 270 11.11 -34.25 -7.72
CA GLY C 270 12.03 -35.36 -7.92
C GLY C 270 13.39 -35.03 -7.34
N LYS C 271 13.50 -33.86 -6.70
CA LYS C 271 14.76 -33.42 -6.12
C LYS C 271 14.84 -33.72 -4.62
N THR C 272 16.06 -33.78 -4.11
CA THR C 272 16.27 -34.05 -2.70
C THR C 272 16.85 -32.81 -2.03
N ALA C 273 16.70 -32.73 -0.71
CA ALA C 273 17.24 -31.62 0.05
C ALA C 273 17.78 -32.13 1.38
N ALA C 274 19.08 -31.92 1.61
CA ALA C 274 19.70 -32.35 2.86
C ALA C 274 19.11 -31.55 4.01
N PRO C 275 19.04 -32.14 5.21
CA PRO C 275 18.49 -31.42 6.37
C PRO C 275 19.14 -30.05 6.58
N GLU C 276 20.47 -29.99 6.43
CA GLU C 276 21.17 -28.73 6.63
C GLU C 276 20.77 -27.68 5.59
N GLN C 277 20.42 -28.12 4.38
CA GLN C 277 20.01 -27.18 3.34
C GLN C 277 18.64 -26.63 3.69
N VAL C 278 17.71 -27.51 4.05
CA VAL C 278 16.37 -27.08 4.43
C VAL C 278 16.48 -26.09 5.58
N ALA C 279 17.34 -26.39 6.55
CA ALA C 279 17.52 -25.50 7.69
C ALA C 279 18.04 -24.14 7.26
N HIS C 280 19.03 -24.13 6.37
CA HIS C 280 19.59 -22.87 5.90
C HIS C 280 18.50 -22.02 5.24
N TYR C 281 17.83 -22.61 4.26
CA TYR C 281 16.78 -21.90 3.53
C TYR C 281 15.62 -21.46 4.41
N THR C 282 15.17 -22.33 5.30
CA THR C 282 14.06 -22.01 6.18
C THR C 282 14.38 -20.89 7.16
N VAL C 283 15.46 -21.05 7.91
CA VAL C 283 15.86 -20.06 8.90
C VAL C 283 16.19 -18.71 8.26
N MET C 284 16.84 -18.74 7.09
CA MET C 284 17.19 -17.52 6.38
C MET C 284 15.93 -16.75 5.99
N THR C 285 14.96 -17.47 5.45
CA THR C 285 13.71 -16.87 5.01
C THR C 285 12.92 -16.26 6.16
N LEU C 286 12.86 -16.97 7.28
CA LEU C 286 12.16 -16.46 8.45
C LEU C 286 12.84 -15.18 8.93
N ALA C 287 14.17 -15.22 9.02
CA ALA C 287 14.94 -14.06 9.50
C ALA C 287 14.78 -12.82 8.62
N ARG C 288 14.63 -13.02 7.32
CA ARG C 288 14.47 -11.89 6.40
C ARG C 288 13.09 -11.26 6.46
N THR C 289 12.14 -11.95 7.08
CA THR C 289 10.77 -11.46 7.12
C THR C 289 10.13 -11.21 8.49
N MET C 290 10.44 -12.06 9.46
CA MET C 290 9.84 -11.96 10.79
C MET C 290 10.51 -10.99 11.77
N PRO C 291 9.70 -10.19 12.48
CA PRO C 291 10.25 -9.24 13.44
C PRO C 291 10.89 -10.08 14.55
N ALA C 292 12.01 -9.60 15.09
CA ALA C 292 12.70 -10.34 16.15
C ALA C 292 11.83 -10.61 17.38
N MET C 293 10.76 -9.84 17.55
CA MET C 293 9.88 -10.02 18.71
C MET C 293 9.00 -11.27 18.62
N LEU C 294 8.74 -11.77 17.41
CA LEU C 294 7.91 -12.98 17.25
C LEU C 294 8.41 -14.03 18.24
N PRO C 295 7.57 -14.41 19.20
CA PRO C 295 8.00 -15.41 20.19
C PRO C 295 8.25 -16.84 19.75
N GLY C 296 7.51 -17.32 18.75
CA GLY C 296 7.71 -18.69 18.34
C GLY C 296 7.23 -19.03 16.96
N VAL C 297 7.85 -20.06 16.40
CA VAL C 297 7.55 -20.56 15.07
C VAL C 297 7.37 -22.06 15.22
N MET C 298 6.14 -22.52 15.00
CA MET C 298 5.82 -23.94 15.12
C MET C 298 5.52 -24.46 13.71
N PHE C 299 6.51 -25.15 13.12
CA PHE C 299 6.37 -25.66 11.76
C PHE C 299 5.30 -26.71 11.48
N LEU C 300 4.67 -26.60 10.31
CA LEU C 300 3.69 -27.58 9.88
C LEU C 300 4.54 -28.65 9.18
N SER C 301 4.02 -29.88 9.10
N SER C 301 4.01 -29.86 9.06
CA SER C 301 4.75 -30.97 8.47
CA SER C 301 4.76 -30.95 8.41
C SER C 301 4.38 -31.13 7.00
C SER C 301 4.06 -31.54 7.19
N GLY C 302 3.20 -30.62 6.64
N GLY C 302 3.00 -30.89 6.74
CA GLY C 302 2.74 -30.69 5.26
CA GLY C 302 2.27 -31.38 5.58
C GLY C 302 2.96 -32.04 4.59
C GLY C 302 3.17 -31.78 4.42
N GLY C 303 3.72 -32.03 3.50
N GLY C 303 3.03 -33.02 3.96
CA GLY C 303 3.99 -33.25 2.76
CA GLY C 303 3.82 -33.50 2.85
C GLY C 303 5.30 -33.93 3.09
C GLY C 303 5.10 -34.22 3.23
N LEU C 304 5.71 -33.83 4.35
CA LEU C 304 6.96 -34.44 4.80
C LEU C 304 6.67 -35.77 5.50
N SER C 305 7.64 -36.68 5.46
CA SER C 305 7.50 -37.97 6.12
C SER C 305 7.75 -37.75 7.61
N GLU C 306 7.39 -38.73 8.43
CA GLU C 306 7.59 -38.61 9.87
C GLU C 306 9.07 -38.36 10.21
N VAL C 307 9.97 -39.11 9.59
CA VAL C 307 11.39 -38.93 9.85
C VAL C 307 11.92 -37.59 9.34
N GLN C 308 11.48 -37.18 8.16
CA GLN C 308 11.91 -35.90 7.60
C GLN C 308 11.52 -34.75 8.52
N ALA C 309 10.31 -34.80 9.05
CA ALA C 309 9.83 -33.74 9.94
C ALA C 309 10.77 -33.58 11.13
N SER C 310 11.27 -34.69 11.65
CA SER C 310 12.17 -34.65 12.80
C SER C 310 13.57 -34.18 12.38
N GLU C 311 14.10 -34.78 11.31
CA GLU C 311 15.41 -34.42 10.80
C GLU C 311 15.55 -32.94 10.46
N TYR C 312 14.54 -32.41 9.78
CA TYR C 312 14.57 -31.00 9.41
C TYR C 312 14.48 -30.07 10.61
N LEU C 313 13.59 -30.38 11.55
CA LEU C 313 13.47 -29.54 12.73
C LEU C 313 14.80 -29.56 13.51
N ASN C 314 15.43 -30.73 13.58
CA ASN C 314 16.69 -30.85 14.29
C ASN C 314 17.75 -29.93 13.68
N ALA C 315 17.85 -29.96 12.36
CA ALA C 315 18.85 -29.13 11.66
C ALA C 315 18.54 -27.64 11.86
N ILE C 316 17.26 -27.29 11.84
CA ILE C 316 16.87 -25.91 12.03
C ILE C 316 17.35 -25.42 13.40
N ASN C 317 17.28 -26.30 14.40
CA ASN C 317 17.71 -25.95 15.74
C ASN C 317 19.21 -26.12 15.98
N ASN C 318 19.95 -26.20 14.88
CA ASN C 318 21.41 -26.31 14.92
C ASN C 318 21.96 -25.31 13.93
N SER C 319 21.09 -24.44 13.44
CA SER C 319 21.48 -23.41 12.46
C SER C 319 22.23 -22.25 13.09
N PRO C 320 23.32 -21.81 12.44
CA PRO C 320 24.12 -20.68 12.93
C PRO C 320 23.51 -19.33 12.57
N LEU C 321 22.46 -19.35 11.77
CA LEU C 321 21.76 -18.15 11.34
C LEU C 321 20.95 -17.55 12.48
N PRO C 322 20.59 -16.25 12.38
CA PRO C 322 19.81 -15.57 13.41
C PRO C 322 18.45 -16.23 13.58
N ARG C 323 18.06 -16.46 14.83
CA ARG C 323 16.77 -17.07 15.14
C ARG C 323 16.44 -16.85 16.61
N PRO C 324 15.97 -15.65 16.94
CA PRO C 324 15.62 -15.30 18.32
C PRO C 324 14.37 -15.99 18.84
N TYR C 325 13.52 -16.41 17.92
CA TYR C 325 12.27 -17.07 18.28
C TYR C 325 12.43 -18.56 18.53
N PHE C 326 11.53 -19.08 19.36
CA PHE C 326 11.47 -20.48 19.69
C PHE C 326 11.10 -21.20 18.40
N LEU C 327 11.87 -22.22 18.02
CA LEU C 327 11.58 -22.97 16.80
C LEU C 327 11.19 -24.40 17.16
N SER C 328 9.93 -24.75 16.94
CA SER C 328 9.45 -26.06 17.28
C SER C 328 8.51 -26.65 16.23
N PHE C 329 7.63 -27.54 16.66
CA PHE C 329 6.70 -28.19 15.75
C PHE C 329 5.23 -28.07 16.12
N SER C 330 4.37 -28.21 15.10
CA SER C 330 2.92 -28.23 15.24
C SER C 330 2.57 -29.23 14.16
N TYR C 331 2.77 -30.50 14.47
CA TYR C 331 2.55 -31.59 13.53
C TYR C 331 1.26 -32.37 13.71
N ALA C 332 0.74 -32.85 12.57
CA ALA C 332 -0.46 -33.66 12.56
C ALA C 332 -0.02 -35.06 12.11
N ARG C 333 -0.01 -35.29 10.80
CA ARG C 333 0.38 -36.59 10.26
C ARG C 333 1.77 -37.05 10.72
N ALA C 334 2.71 -36.12 10.80
CA ALA C 334 4.07 -36.45 11.22
C ALA C 334 4.14 -37.06 12.63
N LEU C 335 3.08 -36.89 13.41
CA LEU C 335 3.05 -37.44 14.76
C LEU C 335 2.06 -38.59 14.88
N GLN C 336 1.14 -38.68 13.93
CA GLN C 336 0.06 -39.67 13.95
C GLN C 336 0.13 -40.88 13.02
N SER C 337 0.79 -40.73 11.89
CA SER C 337 0.86 -41.80 10.89
C SER C 337 1.12 -43.22 11.42
N SER C 338 2.26 -43.42 12.06
CA SER C 338 2.63 -44.73 12.60
C SER C 338 1.70 -45.19 13.74
N ALA C 339 1.27 -44.24 14.57
CA ALA C 339 0.39 -44.56 15.68
C ALA C 339 -0.96 -45.07 15.19
N LEU C 340 -1.51 -44.42 14.17
CA LEU C 340 -2.81 -44.82 13.63
C LEU C 340 -2.73 -46.25 13.07
N LYS C 341 -1.65 -46.55 12.37
CA LYS C 341 -1.45 -47.87 11.78
C LYS C 341 -1.33 -48.95 12.85
N ALA C 342 -0.55 -48.67 13.90
CA ALA C 342 -0.36 -49.62 14.99
C ALA C 342 -1.67 -49.82 15.76
N TRP C 343 -2.41 -48.75 15.92
CA TRP C 343 -3.69 -48.78 16.62
C TRP C 343 -4.70 -49.63 15.86
N GLY C 344 -4.84 -49.34 14.57
CA GLY C 344 -5.77 -50.10 13.74
C GLY C 344 -7.23 -49.90 14.13
N GLY C 345 -7.49 -48.86 14.92
CA GLY C 345 -8.85 -48.58 15.36
C GLY C 345 -9.41 -49.61 16.32
N LYS C 346 -8.54 -50.31 17.02
CA LYS C 346 -8.98 -51.34 17.96
C LYS C 346 -8.37 -51.22 19.35
N GLU C 347 -9.17 -51.54 20.36
CA GLU C 347 -8.74 -51.49 21.76
C GLU C 347 -7.43 -52.25 21.97
N SER C 348 -7.27 -53.37 21.28
CA SER C 348 -6.08 -54.20 21.41
C SER C 348 -4.84 -53.54 20.78
N GLY C 349 -5.07 -52.48 20.01
CA GLY C 349 -3.96 -51.80 19.37
C GLY C 349 -3.56 -50.50 20.06
N LEU C 350 -4.32 -50.10 21.08
CA LEU C 350 -4.01 -48.88 21.79
C LEU C 350 -2.57 -48.83 22.33
N ALA C 351 -2.11 -49.93 22.92
CA ALA C 351 -0.76 -49.98 23.47
C ALA C 351 0.30 -49.71 22.40
N ALA C 352 0.21 -50.44 21.28
CA ALA C 352 1.16 -50.28 20.18
C ALA C 352 1.04 -48.89 19.55
N GLY C 353 -0.20 -48.42 19.42
CA GLY C 353 -0.42 -47.11 18.83
C GLY C 353 0.19 -46.01 19.68
N ARG C 354 0.02 -46.11 20.99
CA ARG C 354 0.56 -45.10 21.89
C ARG C 354 2.08 -45.16 21.95
N ARG C 355 2.63 -46.37 21.83
CA ARG C 355 4.08 -46.54 21.85
C ARG C 355 4.67 -45.78 20.66
N ALA C 356 4.01 -45.90 19.51
CA ALA C 356 4.45 -45.24 18.29
C ALA C 356 4.30 -43.72 18.39
N PHE C 357 3.17 -43.27 18.93
CA PHE C 357 2.93 -41.85 19.08
C PHE C 357 3.98 -41.23 20.01
N LEU C 358 4.19 -41.86 21.16
CA LEU C 358 5.17 -41.35 22.12
C LEU C 358 6.58 -41.34 21.53
N HIS C 359 6.90 -42.32 20.70
CA HIS C 359 8.23 -42.36 20.08
C HIS C 359 8.41 -41.14 19.17
N ARG C 360 7.40 -40.85 18.35
CA ARG C 360 7.51 -39.72 17.44
C ARG C 360 7.50 -38.39 18.21
N ALA C 361 6.73 -38.32 19.29
CA ALA C 361 6.69 -37.10 20.08
C ALA C 361 8.08 -36.88 20.68
N ARG C 362 8.69 -37.96 21.16
CA ARG C 362 10.02 -37.88 21.76
C ARG C 362 11.06 -37.46 20.73
N MET C 363 10.98 -38.01 19.53
CA MET C 363 11.95 -37.66 18.49
C MET C 363 11.88 -36.18 18.14
N ASN C 364 10.67 -35.64 18.09
CA ASN C 364 10.51 -34.23 17.77
C ASN C 364 10.87 -33.32 18.92
N SER C 365 10.74 -33.83 20.14
CA SER C 365 11.11 -33.07 21.33
C SER C 365 12.63 -32.94 21.28
N MET C 366 13.29 -34.05 20.94
CA MET C 366 14.75 -34.09 20.82
C MET C 366 15.20 -33.13 19.72
N ALA C 367 14.46 -33.12 18.61
CA ALA C 367 14.78 -32.26 17.48
C ALA C 367 14.67 -30.78 17.88
N GLN C 368 13.67 -30.45 18.70
CA GLN C 368 13.50 -29.09 19.14
C GLN C 368 14.75 -28.67 19.92
N LEU C 369 15.31 -29.62 20.67
CA LEU C 369 16.51 -29.36 21.47
C LEU C 369 17.79 -29.46 20.63
N GLY C 370 17.63 -29.82 19.36
CA GLY C 370 18.77 -29.95 18.46
C GLY C 370 19.61 -31.19 18.77
N LYS C 371 19.00 -32.14 19.48
CA LYS C 371 19.69 -33.38 19.87
C LYS C 371 19.09 -34.65 19.27
N TYR C 372 18.34 -34.50 18.19
CA TYR C 372 17.74 -35.66 17.52
C TYR C 372 18.83 -36.51 16.88
N LYS C 373 18.68 -37.83 16.98
CA LYS C 373 19.63 -38.75 16.38
C LYS C 373 18.91 -39.68 15.43
N ARG C 374 19.26 -39.60 14.15
CA ARG C 374 18.64 -40.42 13.13
C ARG C 374 18.70 -41.90 13.51
N SER C 375 19.76 -42.29 14.21
CA SER C 375 19.91 -43.69 14.63
C SER C 375 18.78 -44.13 15.54
N ASP C 376 18.20 -43.18 16.28
CA ASP C 376 17.09 -43.48 17.18
C ASP C 376 15.83 -43.90 16.41
N ASP C 377 15.77 -43.56 15.13
CA ASP C 377 14.64 -43.93 14.29
C ASP C 377 14.99 -45.14 13.43
N ASP C 378 16.06 -45.84 13.81
CA ASP C 378 16.50 -47.01 13.07
C ASP C 378 16.83 -46.67 11.63
N MET D 21 -9.93 6.68 26.04
CA MET D 21 -10.54 8.00 26.39
C MET D 21 -9.52 9.12 26.20
N SER D 22 -8.25 8.75 26.10
CA SER D 22 -7.18 9.72 25.93
C SER D 22 -7.34 10.55 24.66
N ARG D 23 -7.41 11.87 24.83
CA ARG D 23 -7.55 12.79 23.72
C ARG D 23 -6.26 13.60 23.57
N VAL D 24 -5.91 13.94 22.34
CA VAL D 24 -4.70 14.69 22.07
C VAL D 24 -4.96 15.76 21.03
N THR D 25 -4.38 16.95 21.23
CA THR D 25 -4.55 18.04 20.28
C THR D 25 -3.38 18.02 19.31
N VAL D 26 -3.69 17.91 18.03
CA VAL D 26 -2.65 17.86 17.00
C VAL D 26 -2.94 18.89 15.91
N LEU D 27 -2.02 19.00 14.97
CA LEU D 27 -2.20 19.92 13.85
C LEU D 27 -3.11 19.23 12.84
N GLN D 28 -4.03 19.98 12.26
CA GLN D 28 -4.93 19.42 11.27
C GLN D 28 -4.12 18.79 10.14
N SER D 29 -2.97 19.40 9.84
CA SER D 29 -2.10 18.90 8.77
C SER D 29 -1.46 17.55 9.09
N GLN D 30 -1.59 17.10 10.34
CA GLN D 30 -1.05 15.82 10.75
C GLN D 30 -2.10 14.71 10.61
N LEU D 31 -3.29 15.07 10.15
CA LEU D 31 -4.36 14.10 9.95
C LEU D 31 -4.44 13.70 8.48
N PRO D 32 -4.51 12.38 8.20
CA PRO D 32 -4.58 11.84 6.85
C PRO D 32 -5.63 12.45 5.90
N ALA D 33 -6.81 12.77 6.44
CA ALA D 33 -7.89 13.33 5.62
C ALA D 33 -7.69 14.80 5.24
N TYR D 34 -6.69 15.45 5.83
CA TYR D 34 -6.44 16.85 5.53
C TYR D 34 -5.06 17.02 4.89
N ASN D 35 -4.79 16.26 3.83
CA ASN D 35 -3.48 16.33 3.19
C ASN D 35 -3.45 17.00 1.82
N ARG D 36 -4.52 17.68 1.42
CA ARG D 36 -4.53 18.34 0.12
C ARG D 36 -3.47 19.44 0.12
N LEU D 37 -2.72 19.54 -0.96
CA LEU D 37 -1.66 20.54 -1.05
C LEU D 37 -2.21 21.95 -0.83
N LYS D 38 -1.46 22.75 -0.07
CA LYS D 38 -1.86 24.12 0.19
C LYS D 38 -0.81 25.05 -0.43
N THR D 39 -1.24 25.82 -1.44
CA THR D 39 -0.33 26.75 -2.11
C THR D 39 -1.05 28.03 -2.49
N PRO D 40 -0.38 29.17 -2.29
CA PRO D 40 -0.98 30.46 -2.63
C PRO D 40 -1.17 30.61 -4.15
N TYR D 41 -0.58 29.71 -4.92
CA TYR D 41 -0.69 29.75 -6.37
C TYR D 41 -1.94 29.05 -6.91
N GLU D 42 -2.75 28.46 -6.04
CA GLU D 42 -3.92 27.73 -6.52
C GLU D 42 -4.77 28.43 -7.58
N SER D 43 -5.18 29.67 -7.32
CA SER D 43 -6.00 30.39 -8.28
C SER D 43 -5.30 30.55 -9.62
N GLU D 44 -4.01 30.85 -9.59
CA GLU D 44 -3.27 31.03 -10.83
C GLU D 44 -3.10 29.71 -11.58
N LEU D 45 -2.91 28.62 -10.84
CA LEU D 45 -2.75 27.31 -11.47
C LEU D 45 -4.05 27.00 -12.21
N ILE D 46 -5.17 27.28 -11.56
CA ILE D 46 -6.49 27.05 -12.14
C ILE D 46 -6.66 27.90 -13.41
N ALA D 47 -6.26 29.16 -13.33
CA ALA D 47 -6.36 30.07 -14.46
C ALA D 47 -5.50 29.56 -15.62
N THR D 48 -4.33 29.03 -15.32
CA THR D 48 -3.45 28.51 -16.35
C THR D 48 -4.09 27.28 -16.98
N VAL D 49 -4.65 26.42 -16.16
CA VAL D 49 -5.32 25.23 -16.67
C VAL D 49 -6.43 25.63 -17.63
N LYS D 50 -7.17 26.68 -17.29
CA LYS D 50 -8.26 27.14 -18.16
C LYS D 50 -7.72 27.53 -19.54
N LYS D 51 -6.60 28.24 -19.56
CA LYS D 51 -6.00 28.66 -20.83
C LYS D 51 -5.55 27.45 -21.64
N LEU D 52 -4.95 26.47 -20.96
CA LEU D 52 -4.44 25.27 -21.62
C LEU D 52 -5.53 24.29 -22.07
N THR D 53 -6.78 24.52 -21.66
CA THR D 53 -7.87 23.66 -22.08
C THR D 53 -8.87 24.45 -22.91
N THR D 54 -8.34 25.27 -23.80
CA THR D 54 -9.16 26.10 -24.68
C THR D 54 -9.58 25.27 -25.90
N PRO D 55 -10.89 25.21 -26.17
CA PRO D 55 -11.40 24.44 -27.32
C PRO D 55 -10.67 24.76 -28.62
N GLY D 56 -10.29 23.71 -29.35
CA GLY D 56 -9.60 23.90 -30.61
C GLY D 56 -8.11 24.15 -30.52
N LYS D 57 -7.55 24.09 -29.31
CA LYS D 57 -6.13 24.32 -29.14
C LYS D 57 -5.45 23.18 -28.40
N GLY D 58 -4.14 23.08 -28.60
CA GLY D 58 -3.34 22.05 -27.96
C GLY D 58 -1.96 22.62 -27.67
N LEU D 59 -1.05 21.76 -27.25
CA LEU D 59 0.30 22.21 -26.93
C LEU D 59 1.34 21.79 -27.96
N LEU D 60 2.34 22.63 -28.13
CA LEU D 60 3.45 22.34 -29.01
C LEU D 60 4.56 21.91 -28.06
N ALA D 61 5.08 20.69 -28.24
CA ALA D 61 6.17 20.21 -27.40
C ALA D 61 7.46 20.49 -28.18
N ALA D 62 8.19 21.53 -27.77
CA ALA D 62 9.43 21.89 -28.44
C ALA D 62 10.61 21.77 -27.48
N ASP D 63 10.52 20.80 -26.57
CA ASP D 63 11.55 20.60 -25.56
C ASP D 63 12.60 19.52 -25.88
N GLU D 64 12.86 19.28 -27.17
CA GLU D 64 13.85 18.28 -27.54
C GLU D 64 15.23 18.59 -26.97
N SER D 65 15.91 17.57 -26.47
CA SER D 65 17.24 17.74 -25.90
C SER D 65 18.24 18.06 -27.02
N ILE D 66 19.46 18.45 -26.65
CA ILE D 66 20.46 18.76 -27.65
C ILE D 66 20.68 17.50 -28.50
N GLY D 67 20.68 16.34 -27.85
CA GLY D 67 20.88 15.08 -28.55
C GLY D 67 19.75 14.78 -29.52
N SER D 68 18.53 15.14 -29.14
CA SER D 68 17.38 14.91 -30.01
C SER D 68 17.42 15.87 -31.20
N CYS D 69 17.98 17.06 -30.98
CA CYS D 69 18.08 18.02 -32.07
C CYS D 69 19.04 17.50 -33.13
N THR D 70 20.08 16.78 -32.68
CA THR D 70 21.03 16.20 -33.63
C THR D 70 20.27 15.32 -34.61
N LYS D 71 19.37 14.50 -34.08
CA LYS D 71 18.56 13.60 -34.91
C LYS D 71 17.60 14.37 -35.80
N ARG D 72 17.09 15.49 -35.31
CA ARG D 72 16.15 16.30 -36.08
C ARG D 72 16.86 16.99 -37.23
N PHE D 73 18.08 17.48 -36.97
CA PHE D 73 18.86 18.21 -37.96
C PHE D 73 19.60 17.37 -39.00
N GLN D 74 19.94 16.14 -38.63
CA GLN D 74 20.70 15.28 -39.54
C GLN D 74 20.10 15.19 -40.94
N PRO D 75 18.78 14.95 -41.05
CA PRO D 75 18.10 14.84 -42.35
C PRO D 75 18.14 16.08 -43.24
N ILE D 76 18.32 17.26 -42.64
CA ILE D 76 18.36 18.50 -43.41
C ILE D 76 19.74 19.14 -43.49
N GLY D 77 20.75 18.42 -43.02
CA GLY D 77 22.11 18.93 -43.05
C GLY D 77 22.40 20.21 -42.29
N LEU D 78 21.77 20.36 -41.12
CA LEU D 78 21.98 21.54 -40.30
C LEU D 78 22.86 21.15 -39.11
N SER D 79 23.98 21.85 -38.93
CA SER D 79 24.86 21.54 -37.82
C SER D 79 24.13 21.86 -36.50
N ASN D 80 24.36 21.02 -35.49
CA ASN D 80 23.70 21.21 -34.21
C ASN D 80 24.47 22.22 -33.33
N THR D 81 24.08 23.48 -33.44
CA THR D 81 24.70 24.56 -32.68
C THR D 81 23.62 25.33 -31.92
N GLU D 82 24.01 26.09 -30.91
CA GLU D 82 23.04 26.85 -30.13
C GLU D 82 22.23 27.82 -31.01
N GLU D 83 22.91 28.50 -31.92
CA GLU D 83 22.23 29.44 -32.81
C GLU D 83 21.26 28.71 -33.73
N HIS D 84 21.64 27.52 -34.19
CA HIS D 84 20.76 26.76 -35.07
C HIS D 84 19.55 26.22 -34.31
N ARG D 85 19.74 25.90 -33.04
CA ARG D 85 18.63 25.41 -32.23
C ARG D 85 17.67 26.58 -31.98
N ARG D 86 18.23 27.79 -31.83
CA ARG D 86 17.38 28.96 -31.62
C ARG D 86 16.55 29.19 -32.87
N GLN D 87 17.18 29.08 -34.03
CA GLN D 87 16.49 29.26 -35.30
C GLN D 87 15.43 28.19 -35.50
N TYR D 88 15.72 26.98 -35.01
CA TYR D 88 14.78 25.87 -35.11
C TYR D 88 13.51 26.19 -34.32
N ARG D 89 13.66 26.69 -33.10
CA ARG D 89 12.49 27.04 -32.31
C ARG D 89 11.79 28.28 -32.91
N ALA D 90 12.57 29.24 -33.38
CA ALA D 90 12.00 30.46 -33.97
C ALA D 90 11.14 30.14 -35.20
N LEU D 91 11.50 29.09 -35.92
CA LEU D 91 10.74 28.68 -37.10
C LEU D 91 9.27 28.48 -36.72
N MET D 92 9.05 27.81 -35.60
CA MET D 92 7.70 27.51 -35.14
C MET D 92 7.05 28.64 -34.35
N LEU D 93 7.76 29.12 -33.32
CA LEU D 93 7.22 30.16 -32.46
C LEU D 93 6.94 31.50 -33.14
N GLU D 94 7.71 31.84 -34.16
CA GLU D 94 7.49 33.12 -34.85
C GLU D 94 6.62 32.96 -36.10
N ALA D 95 5.88 31.86 -36.17
CA ALA D 95 4.99 31.62 -37.30
C ALA D 95 3.70 32.38 -37.01
N GLU D 96 3.49 33.49 -37.73
CA GLU D 96 2.30 34.31 -37.53
C GLU D 96 0.99 33.55 -37.47
N GLY D 97 0.23 33.77 -36.40
CA GLY D 97 -1.06 33.14 -36.23
C GLY D 97 -1.10 31.76 -35.59
N PHE D 98 0.05 31.23 -35.16
CA PHE D 98 0.04 29.90 -34.56
C PHE D 98 -0.79 29.84 -33.29
N GLU D 99 -0.95 30.98 -32.60
CA GLU D 99 -1.71 31.03 -31.36
C GLU D 99 -3.17 30.65 -31.54
N GLN D 100 -3.63 30.59 -32.80
CA GLN D 100 -5.01 30.21 -33.07
C GLN D 100 -5.21 28.73 -32.77
N TYR D 101 -4.14 27.96 -32.82
CA TYR D 101 -4.19 26.52 -32.61
C TYR D 101 -3.38 26.01 -31.41
N ILE D 102 -2.45 26.83 -30.94
CA ILE D 102 -1.57 26.47 -29.83
C ILE D 102 -1.83 27.31 -28.58
N SER D 103 -2.17 26.66 -27.47
CA SER D 103 -2.44 27.37 -26.23
C SER D 103 -1.22 27.43 -25.30
N GLY D 104 -0.26 26.55 -25.54
CA GLY D 104 0.94 26.53 -24.70
C GLY D 104 2.08 25.83 -25.41
N VAL D 105 3.32 26.18 -25.04
CA VAL D 105 4.50 25.59 -25.63
C VAL D 105 5.43 25.06 -24.56
N ILE D 106 5.82 23.79 -24.69
CA ILE D 106 6.76 23.21 -23.72
C ILE D 106 8.15 23.52 -24.24
N LEU D 107 8.88 24.36 -23.52
CA LEU D 107 10.21 24.75 -23.94
C LEU D 107 11.31 23.96 -23.24
N HIS D 108 12.47 23.93 -23.88
CA HIS D 108 13.64 23.27 -23.32
C HIS D 108 14.34 24.36 -22.50
N ASP D 109 15.05 23.94 -21.46
CA ASP D 109 15.78 24.85 -20.58
C ASP D 109 16.58 25.92 -21.35
N GLU D 110 17.30 25.49 -22.39
CA GLU D 110 18.11 26.41 -23.19
C GLU D 110 17.28 27.51 -23.84
N THR D 111 16.15 27.11 -24.41
CA THR D 111 15.26 28.02 -25.11
C THR D 111 14.62 29.09 -24.24
N VAL D 112 14.38 28.78 -22.97
CA VAL D 112 13.77 29.75 -22.07
C VAL D 112 14.57 31.05 -22.01
N GLY D 113 15.89 30.94 -22.18
CA GLY D 113 16.75 32.12 -22.14
C GLY D 113 17.13 32.71 -23.48
N GLN D 114 16.68 32.08 -24.56
CA GLN D 114 16.99 32.59 -25.89
C GLN D 114 15.99 33.66 -26.29
N LYS D 115 16.29 34.40 -27.35
CA LYS D 115 15.41 35.47 -27.81
C LYS D 115 14.91 35.31 -29.24
N ALA D 116 13.71 35.81 -29.49
CA ALA D 116 13.13 35.78 -30.82
C ALA D 116 13.83 36.88 -31.62
N SER D 117 13.52 36.98 -32.90
CA SER D 117 14.15 37.98 -33.76
C SER D 117 13.87 39.42 -33.33
N ASN D 118 12.79 39.64 -32.57
CA ASN D 118 12.43 40.97 -32.14
C ASN D 118 13.01 41.41 -30.80
N GLY D 119 13.84 40.56 -30.20
CA GLY D 119 14.45 40.94 -28.92
C GLY D 119 13.74 40.39 -27.69
N GLN D 120 12.53 39.89 -27.87
CA GLN D 120 11.78 39.31 -26.75
C GLN D 120 12.33 37.92 -26.47
N THR D 121 12.44 37.53 -25.21
CA THR D 121 12.88 36.18 -24.91
C THR D 121 11.71 35.33 -25.38
N PHE D 122 11.92 34.04 -25.65
CA PHE D 122 10.80 33.25 -26.12
C PHE D 122 9.62 33.23 -25.14
N PRO D 123 9.88 33.16 -23.83
CA PRO D 123 8.73 33.16 -22.92
C PRO D 123 7.95 34.47 -23.05
N GLU D 124 8.67 35.59 -23.17
CA GLU D 124 8.02 36.89 -23.30
C GLU D 124 7.25 36.96 -24.63
N TYR D 125 7.86 36.41 -25.69
CA TYR D 125 7.25 36.40 -27.01
C TYR D 125 5.93 35.63 -27.00
N LEU D 126 5.91 34.50 -26.29
CA LEU D 126 4.71 33.67 -26.20
C LEU D 126 3.64 34.34 -25.35
N THR D 127 4.05 34.80 -24.17
CA THR D 127 3.15 35.44 -23.23
C THR D 127 2.47 36.65 -23.87
N ALA D 128 3.21 37.40 -24.67
CA ALA D 128 2.69 38.58 -25.34
C ALA D 128 1.55 38.21 -26.29
N ARG D 129 1.60 37.00 -26.83
CA ARG D 129 0.60 36.54 -27.77
C ARG D 129 -0.47 35.62 -27.17
N GLY D 130 -0.57 35.63 -25.85
CA GLY D 130 -1.56 34.83 -25.16
C GLY D 130 -1.26 33.34 -25.04
N VAL D 131 -0.04 32.95 -25.39
CA VAL D 131 0.38 31.56 -25.33
C VAL D 131 1.16 31.34 -24.04
N VAL D 132 0.80 30.30 -23.30
CA VAL D 132 1.48 30.04 -22.04
C VAL D 132 2.83 29.35 -22.23
N PRO D 133 3.90 29.93 -21.64
CA PRO D 133 5.23 29.34 -21.75
C PRO D 133 5.34 28.19 -20.74
N GLY D 134 5.85 27.05 -21.19
CA GLY D 134 6.01 25.90 -20.32
C GLY D 134 7.46 25.46 -20.35
N ILE D 135 7.86 24.61 -19.41
CA ILE D 135 9.24 24.16 -19.34
C ILE D 135 9.37 22.68 -18.97
N LYS D 136 10.24 21.96 -19.67
CA LYS D 136 10.46 20.56 -19.33
C LYS D 136 11.42 20.58 -18.15
N THR D 137 10.95 20.11 -17.00
CA THR D 137 11.77 20.15 -15.78
C THR D 137 12.48 18.89 -15.33
N ASP D 138 12.20 17.75 -15.98
CA ASP D 138 12.88 16.52 -15.56
C ASP D 138 14.32 16.55 -16.06
N MET D 139 15.18 15.75 -15.44
CA MET D 139 16.59 15.71 -15.81
C MET D 139 17.01 14.43 -16.54
N GLY D 140 16.08 13.85 -17.30
CA GLY D 140 16.42 12.68 -18.07
C GLY D 140 16.23 11.30 -17.45
N LEU D 141 16.29 10.30 -18.31
CA LEU D 141 16.13 8.90 -17.94
C LEU D 141 17.44 8.28 -17.46
N CYS D 142 17.33 7.34 -16.54
CA CYS D 142 18.47 6.63 -15.98
C CYS D 142 18.03 5.21 -15.72
N PRO D 143 18.97 4.26 -15.63
CA PRO D 143 18.55 2.88 -15.37
C PRO D 143 17.82 2.82 -14.02
N LEU D 144 16.76 2.02 -13.95
CA LEU D 144 15.99 1.91 -12.71
C LEU D 144 16.77 1.21 -11.60
N LEU D 145 17.62 0.24 -11.98
CA LEU D 145 18.44 -0.52 -11.03
C LEU D 145 17.62 -1.44 -10.16
N GLU D 146 16.33 -1.53 -10.45
CA GLU D 146 15.41 -2.41 -9.74
C GLU D 146 14.54 -2.96 -10.87
N GLY D 147 13.78 -4.02 -10.60
CA GLY D 147 12.94 -4.58 -11.63
C GLY D 147 13.69 -5.27 -12.76
N ALA D 148 13.14 -5.15 -13.96
CA ALA D 148 13.72 -5.79 -15.15
C ALA D 148 14.72 -4.94 -15.91
N GLU D 149 15.62 -5.64 -16.61
CA GLU D 149 16.65 -4.99 -17.41
C GLU D 149 15.97 -4.13 -18.48
N GLY D 150 16.46 -2.91 -18.66
CA GLY D 150 15.89 -2.03 -19.66
C GLY D 150 14.90 -1.02 -19.10
N GLU D 151 14.45 -1.23 -17.88
CA GLU D 151 13.50 -0.30 -17.28
C GLU D 151 14.26 0.95 -16.80
N GLN D 152 13.58 2.09 -16.85
CA GLN D 152 14.22 3.35 -16.49
C GLN D 152 13.43 4.24 -15.55
N MET D 153 14.15 4.99 -14.74
CA MET D 153 13.55 5.94 -13.83
C MET D 153 13.90 7.32 -14.38
N THR D 154 13.37 8.37 -13.76
CA THR D 154 13.63 9.73 -14.21
C THR D 154 14.18 10.55 -13.06
N GLU D 155 15.29 11.25 -13.30
CA GLU D 155 15.91 12.08 -12.26
C GLU D 155 15.47 13.53 -12.34
N GLY D 156 15.74 14.29 -11.29
CA GLY D 156 15.39 15.70 -11.29
C GLY D 156 14.73 16.31 -10.07
N LEU D 157 14.35 15.51 -9.07
CA LEU D 157 13.68 16.07 -7.91
C LEU D 157 14.58 16.88 -6.98
N ASP D 158 15.86 16.53 -6.91
CA ASP D 158 16.76 17.30 -6.05
C ASP D 158 16.90 18.72 -6.59
N GLY D 159 16.69 19.70 -5.71
CA GLY D 159 16.79 21.11 -6.10
C GLY D 159 15.67 21.56 -7.02
N TYR D 160 14.61 20.78 -7.10
CA TYR D 160 13.48 21.10 -7.98
C TYR D 160 12.81 22.45 -7.77
N VAL D 161 12.45 22.76 -6.53
CA VAL D 161 11.78 24.03 -6.24
C VAL D 161 12.64 25.22 -6.64
N LYS D 162 13.95 25.11 -6.44
CA LYS D 162 14.85 26.18 -6.81
C LYS D 162 14.81 26.40 -8.33
N ARG D 163 14.89 25.32 -9.09
CA ARG D 163 14.84 25.44 -10.55
C ARG D 163 13.49 25.95 -11.03
N ALA D 164 12.42 25.34 -10.53
CA ALA D 164 11.05 25.71 -10.91
C ALA D 164 10.77 27.18 -10.63
N SER D 165 11.22 27.66 -9.48
CA SER D 165 10.99 29.05 -9.12
C SER D 165 11.71 29.99 -10.07
N ALA D 166 12.89 29.61 -10.52
CA ALA D 166 13.65 30.43 -11.47
C ALA D 166 12.89 30.50 -12.79
N TYR D 167 12.34 29.36 -13.21
CA TYR D 167 11.58 29.32 -14.46
C TYR D 167 10.32 30.17 -14.35
N TYR D 168 9.69 30.13 -13.17
CA TYR D 168 8.48 30.91 -12.93
C TYR D 168 8.79 32.40 -13.08
N LYS D 169 9.93 32.83 -12.56
CA LYS D 169 10.31 34.25 -12.65
C LYS D 169 10.57 34.67 -14.10
N LYS D 170 10.88 33.69 -14.95
CA LYS D 170 11.14 33.98 -16.35
C LYS D 170 9.89 33.91 -17.21
N GLY D 171 8.74 33.64 -16.59
CA GLY D 171 7.49 33.60 -17.34
C GLY D 171 6.79 32.26 -17.49
N CYS D 172 7.47 31.17 -17.19
CA CYS D 172 6.85 29.85 -17.32
C CYS D 172 5.73 29.68 -16.30
N ARG D 173 4.62 29.09 -16.74
CA ARG D 173 3.48 28.88 -15.86
C ARG D 173 3.03 27.41 -15.78
N PHE D 174 3.71 26.54 -16.52
CA PHE D 174 3.41 25.11 -16.46
C PHE D 174 4.70 24.36 -16.80
N CYS D 175 4.74 23.07 -16.48
CA CYS D 175 5.94 22.28 -16.74
C CYS D 175 5.57 20.88 -17.17
N LYS D 176 6.58 20.11 -17.57
CA LYS D 176 6.37 18.75 -18.01
C LYS D 176 7.49 17.85 -17.50
N TRP D 177 7.11 16.64 -17.10
CA TRP D 177 8.05 15.66 -16.58
C TRP D 177 7.65 14.32 -17.17
N ARG D 178 8.62 13.64 -17.79
CA ARG D 178 8.37 12.37 -18.44
C ARG D 178 9.01 11.15 -17.79
N ASN D 179 8.19 10.13 -17.55
CA ASN D 179 8.65 8.85 -17.03
C ASN D 179 8.22 7.86 -18.10
N VAL D 180 9.03 6.82 -18.32
CA VAL D 180 8.70 5.84 -19.33
C VAL D 180 8.56 4.45 -18.75
N TYR D 181 7.75 3.64 -19.42
CA TYR D 181 7.50 2.26 -19.01
C TYR D 181 7.66 1.43 -20.26
N LYS D 182 8.54 0.43 -20.20
CA LYS D 182 8.81 -0.41 -21.35
C LYS D 182 8.15 -1.77 -21.24
N ILE D 183 7.25 -2.07 -22.19
CA ILE D 183 6.59 -3.35 -22.18
C ILE D 183 7.54 -4.41 -22.72
N GLN D 184 7.82 -5.41 -21.90
CA GLN D 184 8.70 -6.50 -22.30
C GLN D 184 8.00 -7.78 -21.91
N ASN D 185 7.86 -8.70 -22.86
CA ASN D 185 7.21 -9.97 -22.58
C ASN D 185 5.77 -9.73 -22.09
N GLY D 186 5.14 -8.70 -22.65
CA GLY D 186 3.77 -8.38 -22.29
C GLY D 186 3.53 -7.81 -20.90
N THR D 187 4.58 -7.34 -20.24
CA THR D 187 4.41 -6.80 -18.91
C THR D 187 5.49 -5.80 -18.52
N VAL D 188 5.39 -5.30 -17.29
CA VAL D 188 6.35 -4.34 -16.74
C VAL D 188 6.51 -4.74 -15.27
N SER D 189 7.66 -4.47 -14.67
CA SER D 189 7.87 -4.86 -13.28
C SER D 189 7.10 -3.96 -12.32
N GLU D 190 6.70 -4.51 -11.17
CA GLU D 190 5.98 -3.72 -10.19
C GLU D 190 6.92 -2.66 -9.61
N SER D 191 8.22 -2.95 -9.65
CA SER D 191 9.21 -2.01 -9.15
C SER D 191 9.11 -0.71 -9.94
N ALA D 192 9.01 -0.85 -11.26
CA ALA D 192 8.90 0.31 -12.15
C ALA D 192 7.56 1.00 -11.98
N VAL D 193 6.49 0.22 -11.92
CA VAL D 193 5.15 0.78 -11.77
C VAL D 193 5.04 1.63 -10.51
N ARG D 194 5.53 1.12 -9.39
CA ARG D 194 5.47 1.84 -8.13
C ARG D 194 6.43 3.03 -8.06
N PHE D 195 7.69 2.79 -8.41
CA PHE D 195 8.68 3.86 -8.32
C PHE D 195 8.45 5.05 -9.23
N ASN D 196 8.11 4.81 -10.48
CA ASN D 196 7.87 5.90 -11.40
C ASN D 196 6.59 6.66 -11.05
N ALA D 197 5.61 5.97 -10.48
CA ALA D 197 4.38 6.64 -10.09
C ALA D 197 4.69 7.60 -8.93
N GLU D 198 5.51 7.15 -7.99
CA GLU D 198 5.89 7.99 -6.86
C GLU D 198 6.69 9.21 -7.32
N THR D 199 7.54 9.01 -8.33
CA THR D 199 8.34 10.11 -8.85
C THR D 199 7.41 11.16 -9.45
N LEU D 200 6.50 10.71 -10.31
CA LEU D 200 5.56 11.63 -10.95
C LEU D 200 4.71 12.40 -9.93
N ALA D 201 4.27 11.71 -8.88
CA ALA D 201 3.44 12.35 -7.86
C ALA D 201 4.21 13.43 -7.11
N ARG D 202 5.45 13.11 -6.73
CA ARG D 202 6.27 14.08 -6.01
C ARG D 202 6.55 15.28 -6.91
N TYR D 203 6.84 15.01 -8.18
CA TYR D 203 7.09 16.07 -9.15
C TYR D 203 5.88 17.01 -9.23
N ALA D 204 4.69 16.43 -9.28
CA ALA D 204 3.48 17.23 -9.39
C ALA D 204 3.30 18.18 -8.21
N ILE D 205 3.54 17.68 -7.00
CA ILE D 205 3.40 18.49 -5.80
C ILE D 205 4.44 19.62 -5.77
N LEU D 206 5.69 19.29 -6.08
CA LEU D 206 6.73 20.31 -6.07
C LEU D 206 6.47 21.40 -7.12
N SER D 207 5.89 21.00 -8.25
CA SER D 207 5.57 21.95 -9.31
C SER D 207 4.48 22.90 -8.85
N GLN D 208 3.39 22.36 -8.30
CA GLN D 208 2.28 23.21 -7.84
C GLN D 208 2.73 24.16 -6.74
N MET D 209 3.64 23.71 -5.88
CA MET D 209 4.15 24.57 -4.80
C MET D 209 4.99 25.71 -5.37
N SER D 210 5.55 25.48 -6.56
CA SER D 210 6.40 26.46 -7.24
C SER D 210 5.64 27.36 -8.21
N GLY D 211 4.33 27.15 -8.33
CA GLY D 211 3.52 27.96 -9.23
C GLY D 211 3.45 27.48 -10.67
N LEU D 212 3.82 26.23 -10.93
CA LEU D 212 3.77 25.68 -12.27
C LEU D 212 2.76 24.55 -12.38
N VAL D 213 1.85 24.62 -13.36
CA VAL D 213 0.87 23.56 -13.55
C VAL D 213 1.66 22.36 -14.05
N PRO D 214 1.60 21.23 -13.33
CA PRO D 214 2.36 20.07 -13.81
C PRO D 214 1.66 19.20 -14.83
N ILE D 215 2.36 18.92 -15.93
CA ILE D 215 1.84 18.01 -16.92
C ILE D 215 2.54 16.71 -16.55
N VAL D 216 1.76 15.75 -16.08
CA VAL D 216 2.26 14.45 -15.67
C VAL D 216 2.30 13.51 -16.87
N GLU D 217 3.50 13.07 -17.26
CA GLU D 217 3.62 12.21 -18.42
C GLU D 217 4.11 10.80 -18.13
N PRO D 218 3.18 9.84 -18.00
CA PRO D 218 3.54 8.44 -17.74
C PRO D 218 3.41 7.74 -19.09
N GLU D 219 4.49 7.75 -19.86
CA GLU D 219 4.47 7.14 -21.18
C GLU D 219 4.76 5.66 -21.25
N VAL D 220 3.76 4.88 -21.64
CA VAL D 220 3.94 3.45 -21.84
C VAL D 220 4.44 3.49 -23.28
N MET D 221 5.71 3.15 -23.48
CA MET D 221 6.30 3.22 -24.80
C MET D 221 5.71 2.29 -25.85
N ILE D 222 5.69 2.78 -27.09
CA ILE D 222 5.13 2.02 -28.20
C ILE D 222 6.06 0.91 -28.66
N ASP D 223 7.34 1.02 -28.30
CA ASP D 223 8.35 0.03 -28.68
C ASP D 223 7.96 -1.39 -28.28
N GLY D 224 8.11 -2.34 -29.20
CA GLY D 224 7.77 -3.71 -28.88
C GLY D 224 6.85 -4.38 -29.88
N LYS D 225 6.68 -5.68 -29.72
CA LYS D 225 5.84 -6.47 -30.62
C LYS D 225 4.47 -6.76 -30.02
N HIS D 226 4.18 -6.20 -28.86
CA HIS D 226 2.91 -6.40 -28.18
C HIS D 226 1.72 -5.89 -29.01
N ASP D 227 0.54 -6.47 -28.79
CA ASP D 227 -0.65 -6.04 -29.51
C ASP D 227 -1.35 -4.93 -28.72
N ILE D 228 -2.47 -4.45 -29.24
CA ILE D 228 -3.19 -3.37 -28.58
C ILE D 228 -3.78 -3.76 -27.22
N ASP D 229 -4.21 -5.01 -27.09
CA ASP D 229 -4.77 -5.46 -25.80
C ASP D 229 -3.73 -5.39 -24.70
N THR D 230 -2.49 -5.74 -25.04
CA THR D 230 -1.40 -5.70 -24.07
C THR D 230 -1.11 -4.25 -23.67
N CYS D 231 -1.12 -3.35 -24.64
CA CYS D 231 -0.89 -1.95 -24.34
C CYS D 231 -1.98 -1.45 -23.41
N GLN D 232 -3.22 -1.87 -23.67
CA GLN D 232 -4.36 -1.47 -22.86
C GLN D 232 -4.20 -1.91 -21.42
N ARG D 233 -3.89 -3.18 -21.21
CA ARG D 233 -3.71 -3.73 -19.87
C ARG D 233 -2.56 -3.06 -19.11
N VAL D 234 -1.43 -2.91 -19.78
CA VAL D 234 -0.28 -2.27 -19.15
C VAL D 234 -0.54 -0.80 -18.87
N SER D 235 -1.16 -0.10 -19.82
CA SER D 235 -1.45 1.31 -19.63
C SER D 235 -2.41 1.52 -18.46
N GLU D 236 -3.44 0.69 -18.36
CA GLU D 236 -4.40 0.84 -17.27
C GLU D 236 -3.69 0.62 -15.94
N HIS D 237 -2.83 -0.40 -15.89
CA HIS D 237 -2.10 -0.75 -14.68
C HIS D 237 -1.13 0.37 -14.27
N VAL D 238 -0.41 0.90 -15.25
CA VAL D 238 0.55 1.96 -14.98
C VAL D 238 -0.15 3.24 -14.53
N TRP D 239 -1.15 3.67 -15.28
CA TRP D 239 -1.87 4.91 -14.95
C TRP D 239 -2.64 4.84 -13.64
N ARG D 240 -3.17 3.67 -13.30
CA ARG D 240 -3.92 3.54 -12.05
C ARG D 240 -3.01 3.81 -10.86
N GLU D 241 -1.77 3.34 -10.94
CA GLU D 241 -0.84 3.57 -9.85
C GLU D 241 -0.39 5.04 -9.80
N VAL D 242 -0.31 5.68 -10.97
CA VAL D 242 0.07 7.08 -11.00
C VAL D 242 -1.00 7.88 -10.26
N VAL D 243 -2.26 7.55 -10.52
CA VAL D 243 -3.37 8.24 -9.85
C VAL D 243 -3.31 7.97 -8.36
N ALA D 244 -3.07 6.71 -7.98
CA ALA D 244 -2.98 6.34 -6.57
C ALA D 244 -1.91 7.16 -5.85
N ALA D 245 -0.77 7.35 -6.51
CA ALA D 245 0.32 8.13 -5.92
C ALA D 245 -0.06 9.60 -5.81
N LEU D 246 -0.70 10.14 -6.84
CA LEU D 246 -1.12 11.54 -6.81
C LEU D 246 -2.10 11.78 -5.66
N GLN D 247 -2.98 10.81 -5.44
CA GLN D 247 -3.96 10.91 -4.34
C GLN D 247 -3.22 10.91 -3.00
N ARG D 248 -2.23 10.04 -2.85
CA ARG D 248 -1.47 9.96 -1.60
C ARG D 248 -0.69 11.24 -1.30
N HIS D 249 -0.17 11.89 -2.34
CA HIS D 249 0.60 13.12 -2.17
C HIS D 249 -0.27 14.37 -2.08
N GLY D 250 -1.58 14.20 -2.24
CA GLY D 250 -2.49 15.33 -2.12
C GLY D 250 -2.47 16.36 -3.22
N VAL D 251 -2.29 15.92 -4.46
CA VAL D 251 -2.25 16.86 -5.58
C VAL D 251 -3.55 17.65 -5.72
N ILE D 252 -3.44 18.86 -6.28
CA ILE D 252 -4.62 19.67 -6.53
C ILE D 252 -5.03 19.23 -7.93
N TRP D 253 -6.08 18.41 -8.00
CA TRP D 253 -6.55 17.90 -9.28
C TRP D 253 -6.94 18.99 -10.24
N GLU D 254 -7.57 20.04 -9.72
CA GLU D 254 -7.99 21.16 -10.55
C GLU D 254 -6.82 21.89 -11.19
N GLY D 255 -5.60 21.61 -10.72
CA GLY D 255 -4.44 22.30 -11.25
C GLY D 255 -3.35 21.47 -11.90
N CYS D 256 -3.73 20.35 -12.51
CA CYS D 256 -2.74 19.51 -13.18
C CYS D 256 -3.31 18.95 -14.48
N LEU D 257 -2.44 18.38 -15.30
CA LEU D 257 -2.84 17.81 -16.59
C LEU D 257 -2.10 16.49 -16.80
N LEU D 258 -2.65 15.64 -17.65
CA LEU D 258 -2.02 14.36 -17.95
C LEU D 258 -1.57 14.34 -19.41
N LYS D 259 -0.40 13.75 -19.66
CA LYS D 259 0.13 13.61 -21.01
C LYS D 259 0.47 12.13 -21.17
N PRO D 260 -0.53 11.32 -21.52
CA PRO D 260 -0.34 9.88 -21.69
C PRO D 260 -0.17 9.45 -23.14
N ASN D 261 0.20 8.19 -23.31
CA ASN D 261 0.33 7.60 -24.63
C ASN D 261 -1.09 7.21 -25.01
N MET D 262 -1.36 7.11 -26.31
CA MET D 262 -2.65 6.63 -26.72
C MET D 262 -2.46 5.12 -26.64
N VAL D 263 -3.54 4.37 -26.58
CA VAL D 263 -3.42 2.92 -26.52
C VAL D 263 -3.44 2.41 -27.95
N VAL D 264 -2.28 1.91 -28.38
CA VAL D 264 -2.12 1.40 -29.75
C VAL D 264 -1.24 0.16 -29.77
N PRO D 265 -1.25 -0.60 -30.87
CA PRO D 265 -0.39 -1.78 -30.91
C PRO D 265 1.08 -1.39 -30.95
N GLY D 266 1.96 -2.30 -30.52
CA GLY D 266 3.39 -2.03 -30.51
C GLY D 266 3.93 -1.69 -31.89
N ALA D 267 4.97 -0.85 -31.92
CA ALA D 267 5.57 -0.41 -33.19
C ALA D 267 6.12 -1.55 -34.05
N GLU D 268 6.51 -2.66 -33.42
CA GLU D 268 7.05 -3.79 -34.17
C GLU D 268 6.09 -4.97 -34.18
N SER D 269 4.83 -4.73 -33.85
CA SER D 269 3.83 -5.80 -33.82
C SER D 269 3.40 -6.21 -35.23
N GLY D 270 3.45 -5.27 -36.16
CA GLY D 270 3.04 -5.57 -37.53
C GLY D 270 1.53 -5.55 -37.66
N LYS D 271 0.84 -5.07 -36.62
CA LYS D 271 -0.62 -5.00 -36.64
C LYS D 271 -1.09 -3.56 -36.80
N THR D 272 -2.35 -3.40 -37.19
CA THR D 272 -2.92 -2.07 -37.38
C THR D 272 -4.13 -1.86 -36.49
N ALA D 273 -4.46 -0.60 -36.24
CA ALA D 273 -5.62 -0.27 -35.42
C ALA D 273 -6.35 0.90 -36.06
N ALA D 274 -7.63 0.71 -36.33
CA ALA D 274 -8.43 1.78 -36.93
C ALA D 274 -8.54 2.90 -35.90
N PRO D 275 -8.64 4.16 -36.37
CA PRO D 275 -8.75 5.28 -35.43
C PRO D 275 -9.86 5.04 -34.41
N GLU D 276 -10.95 4.44 -34.87
CA GLU D 276 -12.09 4.14 -34.00
C GLU D 276 -11.69 3.18 -32.88
N GLN D 277 -10.83 2.21 -33.20
CA GLN D 277 -10.39 1.25 -32.21
C GLN D 277 -9.43 1.91 -31.20
N VAL D 278 -8.51 2.73 -31.71
CA VAL D 278 -7.57 3.42 -30.84
C VAL D 278 -8.36 4.31 -29.88
N ALA D 279 -9.38 4.99 -30.40
CA ALA D 279 -10.19 5.87 -29.57
C ALA D 279 -10.89 5.08 -28.47
N HIS D 280 -11.51 3.95 -28.84
CA HIS D 280 -12.22 3.13 -27.87
C HIS D 280 -11.28 2.70 -26.74
N TYR D 281 -10.17 2.07 -27.10
CA TYR D 281 -9.20 1.60 -26.10
C TYR D 281 -8.62 2.71 -25.25
N THR D 282 -8.27 3.82 -25.90
CA THR D 282 -7.67 4.94 -25.17
C THR D 282 -8.65 5.60 -24.20
N VAL D 283 -9.83 5.94 -24.69
CA VAL D 283 -10.83 6.60 -23.86
C VAL D 283 -11.30 5.67 -22.74
N MET D 284 -11.44 4.39 -23.06
CA MET D 284 -11.88 3.42 -22.06
C MET D 284 -10.86 3.31 -20.92
N THR D 285 -9.58 3.26 -21.29
CA THR D 285 -8.52 3.14 -20.30
C THR D 285 -8.43 4.38 -19.41
N LEU D 286 -8.51 5.55 -20.02
CA LEU D 286 -8.47 6.79 -19.24
C LEU D 286 -9.64 6.82 -18.26
N ALA D 287 -10.83 6.47 -18.75
CA ALA D 287 -12.03 6.50 -17.91
C ALA D 287 -11.96 5.53 -16.72
N ARG D 288 -11.31 4.39 -16.90
CA ARG D 288 -11.22 3.41 -15.82
C ARG D 288 -10.20 3.78 -14.74
N THR D 289 -9.36 4.76 -15.03
CA THR D 289 -8.30 5.15 -14.09
C THR D 289 -8.29 6.59 -13.58
N MET D 290 -8.66 7.52 -14.44
CA MET D 290 -8.64 8.94 -14.11
C MET D 290 -9.84 9.50 -13.38
N PRO D 291 -9.60 10.29 -12.32
CA PRO D 291 -10.70 10.89 -11.57
C PRO D 291 -11.43 11.84 -12.53
N ALA D 292 -12.74 11.95 -12.40
CA ALA D 292 -13.52 12.82 -13.27
C ALA D 292 -13.10 14.29 -13.21
N MET D 293 -12.43 14.68 -12.13
CA MET D 293 -11.99 16.06 -11.97
C MET D 293 -10.77 16.44 -12.83
N LEU D 294 -9.98 15.45 -13.26
CA LEU D 294 -8.81 15.73 -14.09
C LEU D 294 -9.25 16.70 -15.19
N PRO D 295 -8.66 17.91 -15.21
CA PRO D 295 -9.01 18.93 -16.21
C PRO D 295 -8.75 18.61 -17.67
N GLY D 296 -7.59 18.03 -17.96
CA GLY D 296 -7.29 17.73 -19.35
C GLY D 296 -6.26 16.64 -19.56
N VAL D 297 -6.29 16.11 -20.78
CA VAL D 297 -5.39 15.06 -21.20
C VAL D 297 -4.82 15.49 -22.54
N MET D 298 -3.51 15.71 -22.58
CA MET D 298 -2.83 16.16 -23.77
C MET D 298 -1.92 15.03 -24.25
N PHE D 299 -2.38 14.29 -25.25
CA PHE D 299 -1.65 13.14 -25.77
C PHE D 299 -0.28 13.38 -26.38
N LEU D 300 0.65 12.47 -26.10
CA LEU D 300 1.98 12.53 -26.69
C LEU D 300 1.80 11.82 -28.03
N SER D 301 2.63 12.17 -29.00
N SER D 301 2.66 12.11 -28.99
CA SER D 301 2.54 11.58 -30.33
CA SER D 301 2.56 11.49 -30.31
C SER D 301 3.45 10.37 -30.48
C SER D 301 3.79 10.66 -30.69
N GLY D 302 4.43 10.25 -29.60
N GLY D 302 4.61 10.32 -29.70
CA GLY D 302 5.35 9.13 -29.63
CA GLY D 302 5.79 9.52 -29.98
C GLY D 302 5.76 8.68 -31.02
C GLY D 302 5.46 8.22 -30.68
N GLY D 303 5.58 7.39 -31.28
N GLY D 303 6.13 7.96 -31.79
CA GLY D 303 5.96 6.84 -32.57
CA GLY D 303 5.89 6.73 -32.52
C GLY D 303 4.88 6.89 -33.63
C GLY D 303 4.79 6.80 -33.56
N LEU D 304 3.96 7.83 -33.50
CA LEU D 304 2.87 7.99 -34.46
C LEU D 304 3.29 8.93 -35.59
N SER D 305 2.70 8.74 -36.76
CA SER D 305 3.01 9.61 -37.89
C SER D 305 2.19 10.88 -37.72
N GLU D 306 2.53 11.93 -38.48
CA GLU D 306 1.80 13.18 -38.38
C GLU D 306 0.31 12.98 -38.61
N VAL D 307 -0.04 12.20 -39.62
CA VAL D 307 -1.44 11.95 -39.94
C VAL D 307 -2.16 11.09 -38.90
N GLN D 308 -1.49 10.04 -38.42
CA GLN D 308 -2.10 9.18 -37.41
C GLN D 308 -2.41 10.00 -36.17
N ALA D 309 -1.49 10.90 -35.82
CA ALA D 309 -1.65 11.74 -34.64
C ALA D 309 -2.96 12.52 -34.73
N SER D 310 -3.25 13.05 -35.92
CA SER D 310 -4.48 13.82 -36.11
C SER D 310 -5.71 12.91 -36.18
N GLU D 311 -5.61 11.82 -36.93
CA GLU D 311 -6.72 10.88 -37.07
C GLU D 311 -7.18 10.31 -35.73
N TYR D 312 -6.21 9.88 -34.92
CA TYR D 312 -6.50 9.30 -33.63
C TYR D 312 -7.15 10.32 -32.67
N LEU D 313 -6.57 11.51 -32.59
CA LEU D 313 -7.16 12.52 -31.72
C LEU D 313 -8.58 12.84 -32.13
N ASN D 314 -8.82 12.88 -33.45
CA ASN D 314 -10.15 13.18 -33.94
C ASN D 314 -11.17 12.12 -33.52
N ALA D 315 -10.79 10.85 -33.67
CA ALA D 315 -11.65 9.73 -33.29
C ALA D 315 -11.90 9.76 -31.79
N ILE D 316 -10.87 10.10 -31.02
CA ILE D 316 -11.00 10.16 -29.57
C ILE D 316 -12.05 11.21 -29.20
N ASN D 317 -12.08 12.31 -29.93
CA ASN D 317 -13.06 13.36 -29.66
C ASN D 317 -14.41 13.13 -30.32
N ASN D 318 -14.65 11.88 -30.72
CA ASN D 318 -15.92 11.48 -31.32
C ASN D 318 -16.37 10.20 -30.60
N SER D 319 -15.66 9.86 -29.53
CA SER D 319 -15.97 8.67 -28.74
C SER D 319 -17.22 8.83 -27.89
N PRO D 320 -18.09 7.81 -27.87
CA PRO D 320 -19.32 7.84 -27.09
C PRO D 320 -19.08 7.48 -25.61
N LEU D 321 -17.85 7.08 -25.30
CA LEU D 321 -17.49 6.71 -23.93
C LEU D 321 -17.34 7.93 -23.03
N PRO D 322 -17.40 7.74 -21.70
CA PRO D 322 -17.25 8.85 -20.75
C PRO D 322 -15.90 9.56 -20.89
N ARG D 323 -15.92 10.88 -20.94
CA ARG D 323 -14.70 11.66 -21.07
C ARG D 323 -14.96 13.11 -20.67
N PRO D 324 -15.05 13.38 -19.36
CA PRO D 324 -15.30 14.72 -18.84
C PRO D 324 -14.15 15.70 -19.09
N TYR D 325 -12.94 15.17 -19.16
CA TYR D 325 -11.76 15.99 -19.38
C TYR D 325 -11.56 16.43 -20.82
N PHE D 326 -10.86 17.54 -20.96
CA PHE D 326 -10.51 18.13 -22.25
C PHE D 326 -9.50 17.15 -22.85
N LEU D 327 -9.75 16.69 -24.07
CA LEU D 327 -8.83 15.77 -24.73
C LEU D 327 -8.19 16.48 -25.92
N SER D 328 -6.89 16.72 -25.84
CA SER D 328 -6.20 17.41 -26.92
C SER D 328 -4.81 16.85 -27.19
N PHE D 329 -3.93 17.70 -27.72
CA PHE D 329 -2.58 17.25 -28.07
C PHE D 329 -1.44 18.02 -27.42
N SER D 330 -0.29 17.35 -27.35
CA SER D 330 0.96 17.92 -26.84
C SER D 330 1.97 17.17 -27.71
N TYR D 331 2.04 17.59 -28.96
CA TYR D 331 2.89 16.94 -29.95
C TYR D 331 4.20 17.63 -30.27
N ALA D 332 5.20 16.81 -30.57
CA ALA D 332 6.52 17.29 -30.93
C ALA D 332 6.72 16.99 -32.43
N ARG D 333 7.25 15.82 -32.73
CA ARG D 333 7.48 15.46 -34.13
C ARG D 333 6.21 15.54 -34.99
N ALA D 334 5.07 15.15 -34.43
CA ALA D 334 3.80 15.18 -35.17
C ALA D 334 3.40 16.58 -35.61
N LEU D 335 4.08 17.61 -35.10
CA LEU D 335 3.77 18.98 -35.48
C LEU D 335 4.95 19.64 -36.17
N GLN D 336 6.12 19.02 -36.06
CA GLN D 336 7.37 19.57 -36.60
C GLN D 336 7.98 18.94 -37.84
N SER D 337 7.78 17.63 -38.02
CA SER D 337 8.37 16.92 -39.15
C SER D 337 8.37 17.65 -40.50
N SER D 338 7.19 17.82 -41.07
CA SER D 338 7.07 18.49 -42.36
C SER D 338 7.63 19.91 -42.37
N ALA D 339 7.43 20.64 -41.30
CA ALA D 339 7.92 22.02 -41.20
C ALA D 339 9.45 22.07 -41.27
N LEU D 340 10.10 21.17 -40.56
CA LEU D 340 11.56 21.12 -40.56
C LEU D 340 12.08 20.81 -41.97
N LYS D 341 11.42 19.86 -42.62
CA LYS D 341 11.79 19.45 -43.97
C LYS D 341 11.65 20.62 -44.95
N ALA D 342 10.51 21.30 -44.90
CA ALA D 342 10.25 22.44 -45.77
C ALA D 342 11.21 23.59 -45.48
N TRP D 343 11.53 23.79 -44.20
CA TRP D 343 12.44 24.85 -43.80
C TRP D 343 13.85 24.56 -44.32
N GLY D 344 14.31 23.34 -44.09
CA GLY D 344 15.63 22.94 -44.56
C GLY D 344 16.76 23.65 -43.85
N GLY D 345 16.44 24.40 -42.80
CA GLY D 345 17.46 25.13 -42.06
C GLY D 345 17.92 26.39 -42.76
N LYS D 346 17.15 26.83 -43.76
CA LYS D 346 17.49 28.02 -44.53
C LYS D 346 16.46 29.14 -44.34
N GLU D 347 16.94 30.39 -44.35
CA GLU D 347 16.07 31.55 -44.20
C GLU D 347 15.04 31.54 -45.32
N SER D 348 15.47 31.12 -46.50
CA SER D 348 14.60 31.06 -47.68
C SER D 348 13.54 29.97 -47.54
N GLY D 349 13.67 29.14 -46.51
CA GLY D 349 12.71 28.08 -46.31
C GLY D 349 11.71 28.37 -45.20
N LEU D 350 11.86 29.50 -44.53
CA LEU D 350 10.97 29.87 -43.43
C LEU D 350 9.49 29.89 -43.82
N ALA D 351 9.16 30.53 -44.94
CA ALA D 351 7.78 30.61 -45.39
C ALA D 351 7.16 29.24 -45.59
N ALA D 352 7.85 28.38 -46.32
CA ALA D 352 7.34 27.03 -46.57
C ALA D 352 7.25 26.24 -45.27
N GLY D 353 8.27 26.38 -44.43
CA GLY D 353 8.29 25.69 -43.16
C GLY D 353 7.10 26.08 -42.30
N ARG D 354 6.82 27.37 -42.23
CA ARG D 354 5.71 27.86 -41.43
C ARG D 354 4.35 27.47 -41.98
N ARG D 355 4.23 27.37 -43.30
CA ARG D 355 2.96 26.96 -43.88
C ARG D 355 2.69 25.51 -43.47
N ALA D 356 3.74 24.69 -43.51
CA ALA D 356 3.62 23.27 -43.13
C ALA D 356 3.23 23.13 -41.66
N PHE D 357 3.87 23.94 -40.81
CA PHE D 357 3.58 23.91 -39.39
C PHE D 357 2.15 24.32 -39.08
N LEU D 358 1.73 25.48 -39.59
CA LEU D 358 0.37 25.95 -39.34
C LEU D 358 -0.67 24.98 -39.87
N HIS D 359 -0.36 24.29 -40.96
CA HIS D 359 -1.30 23.31 -41.52
C HIS D 359 -1.50 22.15 -40.53
N ARG D 360 -0.40 21.65 -39.98
CA ARG D 360 -0.50 20.54 -39.04
C ARG D 360 -1.19 21.00 -37.76
N ALA D 361 -0.89 22.22 -37.33
CA ALA D 361 -1.51 22.77 -36.12
C ALA D 361 -3.01 22.91 -36.34
N ARG D 362 -3.40 23.32 -37.56
CA ARG D 362 -4.80 23.48 -37.88
C ARG D 362 -5.51 22.13 -37.89
N MET D 363 -4.87 21.13 -38.47
CA MET D 363 -5.45 19.79 -38.53
C MET D 363 -5.71 19.25 -37.13
N ASN D 364 -4.75 19.45 -36.24
CA ASN D 364 -4.89 18.97 -34.87
C ASN D 364 -5.90 19.79 -34.08
N SER D 365 -6.05 21.06 -34.45
CA SER D 365 -7.02 21.93 -33.82
C SER D 365 -8.40 21.36 -34.18
N MET D 366 -8.57 21.03 -35.46
CA MET D 366 -9.81 20.46 -35.95
C MET D 366 -10.08 19.11 -35.29
N ALA D 367 -9.02 18.32 -35.10
CA ALA D 367 -9.15 17.01 -34.48
C ALA D 367 -9.62 17.15 -33.03
N GLN D 368 -9.13 18.19 -32.34
CA GLN D 368 -9.52 18.43 -30.96
C GLN D 368 -11.03 18.65 -30.91
N LEU D 369 -11.55 19.32 -31.93
CA LEU D 369 -12.98 19.63 -32.03
C LEU D 369 -13.76 18.45 -32.62
N GLY D 370 -13.05 17.40 -33.02
CA GLY D 370 -13.69 16.24 -33.61
C GLY D 370 -14.17 16.51 -35.02
N LYS D 371 -13.58 17.52 -35.67
CA LYS D 371 -13.98 17.89 -37.03
C LYS D 371 -12.88 17.74 -38.07
N TYR D 372 -11.85 16.97 -37.74
CA TYR D 372 -10.75 16.73 -38.67
C TYR D 372 -11.23 15.97 -39.89
N LYS D 373 -10.79 16.40 -41.07
CA LYS D 373 -11.16 15.76 -42.33
C LYS D 373 -9.89 15.22 -42.99
N ARG D 374 -9.78 13.89 -43.06
CA ARG D 374 -8.62 13.26 -43.65
C ARG D 374 -8.30 13.79 -45.05
N SER D 375 -9.33 14.16 -45.80
CA SER D 375 -9.15 14.67 -47.16
C SER D 375 -8.33 15.96 -47.17
N ASP D 376 -8.19 16.60 -46.02
CA ASP D 376 -7.42 17.83 -45.92
C ASP D 376 -5.92 17.56 -45.95
N ASP D 377 -5.54 16.33 -45.66
CA ASP D 377 -4.13 15.95 -45.66
C ASP D 377 -3.71 15.24 -46.95
N ASP D 378 -4.65 15.11 -47.88
CA ASP D 378 -4.36 14.47 -49.16
C ASP D 378 -3.48 15.36 -50.02
P PO4 E . -33.17 6.44 5.89
O1 PO4 E . -33.06 5.25 5.01
O2 PO4 E . -34.39 6.32 6.73
O3 PO4 E . -31.98 6.50 6.77
O4 PO4 E . -33.26 7.66 5.06
P PO4 F . -29.26 4.41 4.37
O1 PO4 F . -29.53 3.63 5.60
O2 PO4 F . -28.66 3.53 3.35
O3 PO4 F . -30.53 4.98 3.85
O4 PO4 F . -28.32 5.52 4.69
P PO4 G . -7.47 11.98 0.08
O1 PO4 G . -8.83 12.49 0.39
O2 PO4 G . -6.49 13.08 0.18
O3 PO4 G . -7.11 10.91 1.05
O4 PO4 G . -7.45 11.42 -1.29
P PO4 H . 25.50 14.91 17.65
O1 PO4 H . 26.30 15.98 16.98
O2 PO4 H . 25.66 15.02 19.11
O3 PO4 H . 24.05 15.09 17.30
O4 PO4 H . 25.95 13.58 17.18
P PO4 I . 3.11 0.40 13.69
O1 PO4 I . 3.95 1.12 14.69
O2 PO4 I . 1.88 -0.10 14.37
O3 PO4 I . 2.74 1.31 12.60
O4 PO4 I . 3.87 -0.76 13.15
P PO4 J . -0.52 -33.15 7.97
O1 PO4 J . 0.39 -32.54 8.97
O2 PO4 J . -1.42 -34.12 8.64
O3 PO4 J . -1.34 -32.09 7.32
O4 PO4 J . 0.28 -33.85 6.92
P PO4 K . -1.01 -28.76 7.61
O1 PO4 K . -2.33 -29.37 7.29
O2 PO4 K . -1.22 -27.51 8.39
O3 PO4 K . -0.20 -29.71 8.41
O4 PO4 K . -0.29 -28.43 6.35
P PO4 L . 9.87 -9.90 -0.81
O1 PO4 L . 8.64 -9.58 -1.58
O2 PO4 L . 9.79 -9.27 0.54
O3 PO4 L . 10.00 -11.37 -0.66
O4 PO4 L . 11.06 -9.38 -1.53
P PO4 M . 8.30 12.66 -30.68
O1 PO4 M . 8.55 11.38 -31.39
O2 PO4 M . 6.91 13.11 -30.96
O3 PO4 M . 8.47 12.45 -29.22
O4 PO4 M . 9.26 13.69 -31.16
P PO4 N . 7.33 12.01 -26.26
O1 PO4 N . 8.79 12.19 -26.43
O2 PO4 N . 6.91 12.57 -24.94
O3 PO4 N . 6.61 12.74 -27.34
O4 PO4 N . 6.99 10.58 -26.32
P PO4 O . -5.32 -2.22 -12.64
O1 PO4 O . -4.02 -2.57 -12.01
O2 PO4 O . -5.92 -1.06 -11.94
O3 PO4 O . -5.09 -1.86 -14.07
O4 PO4 O . -6.23 -3.37 -12.56
#